data_3IC9
#
_entry.id   3IC9
#
_cell.length_a   73.497
_cell.length_b   246.353
_cell.length_c   73.664
_cell.angle_alpha   90.00
_cell.angle_beta   90.20
_cell.angle_gamma   90.00
#
_symmetry.space_group_name_H-M   'P 1 21 1'
#
loop_
_entity.id
_entity.type
_entity.pdbx_description
1 polymer 'dihydrolipoamide dehydrogenase'
2 non-polymer 'FLAVIN-ADENINE DINUCLEOTIDE'
3 non-polymer 'SODIUM ION'
4 water water
#
_entity_poly.entity_id   1
_entity_poly.type   'polypeptide(L)'
_entity_poly.pdbx_seq_one_letter_code
;SNA(MSE)KVINVDVAIIGTGTAG(MSE)GAYRAAKKHTDKVVLIEGGAYGTTCARVGC(MSE)PSKLLIAAADASYHAS
QTDLFGIQVDRISVNGKAV(MSE)KRIQTERDRFVGFVVESVESFDEQDKIRGFAKFLDEHTLQVDDHSQVIAKRIVIAT
GSRPNYPEFLAAAGSRLLTNDNLFELNDLPKSVAVFGPGVIGLELGQALSRLGVIVKVFGRSGSVANLQDEE(MSE)KRY
AEKTFNEEFYFDAKARVISTIEKEDAVEVIYFDKSGQKTTESFQYVLAATGRKANVDKLGLENTSIELDKKNSPLFDELT
LQTSVDHIFVAGDANNTLTLLHEAADDGKVAGTNAGAYPVIAQGQRRAPLSVVFTEPQVASVGLSLRQIEDLYADQDAAN
YVVGQVSFEGQGRSRV(MSE)GKNKGLLNVYADRTSGEFLGAE(MSE)FGPAAEHIGHLLAWARQQQ(MSE)TVQA
(MSE)LT(MSE)PFYHPVIEEGLRTALRDAQQKLAIEKHD(MSE)NEFI(MSE)THDNA(MSE)KLVI
;
_entity_poly.pdbx_strand_id   A,B,C,D
#
loop_
_chem_comp.id
_chem_comp.type
_chem_comp.name
_chem_comp.formula
FAD non-polymer 'FLAVIN-ADENINE DINUCLEOTIDE' 'C27 H33 N9 O15 P2'
NA non-polymer 'SODIUM ION' 'Na 1'
#
# COMPACT_ATOMS: atom_id res chain seq x y z
N MSE A 4 60.33 7.02 -32.14
CA MSE A 4 59.22 7.54 -31.30
C MSE A 4 57.87 7.36 -32.00
O MSE A 4 57.72 7.76 -33.15
CB MSE A 4 59.43 9.02 -30.97
CG MSE A 4 58.53 9.52 -29.88
SE MSE A 4 59.10 11.22 -29.11
CE MSE A 4 61.05 10.95 -28.97
N LYS A 5 56.91 6.77 -31.30
CA LYS A 5 55.63 6.45 -31.93
C LYS A 5 54.66 7.65 -32.04
N VAL A 6 53.99 7.72 -33.18
CA VAL A 6 53.25 8.91 -33.62
C VAL A 6 51.79 8.56 -33.84
N ILE A 7 50.88 9.40 -33.34
CA ILE A 7 49.46 9.13 -33.59
C ILE A 7 48.68 10.40 -33.97
N ASN A 8 47.71 10.20 -34.88
CA ASN A 8 46.84 11.27 -35.33
C ASN A 8 45.51 11.16 -34.63
N VAL A 9 45.07 12.29 -34.08
CA VAL A 9 43.74 12.41 -33.52
C VAL A 9 43.10 13.70 -34.01
N ASP A 10 41.77 13.74 -33.99
CA ASP A 10 41.02 14.95 -34.21
C ASP A 10 41.12 15.88 -32.98
N VAL A 11 41.20 15.27 -31.80
CA VAL A 11 41.21 16.06 -30.56
C VAL A 11 42.12 15.39 -29.55
N ALA A 12 43.12 16.13 -29.05
CA ALA A 12 43.90 15.65 -27.91
C ALA A 12 43.59 16.50 -26.66
N ILE A 13 43.39 15.83 -25.55
CA ILE A 13 43.03 16.48 -24.27
C ILE A 13 44.16 16.25 -23.28
N ILE A 14 44.79 17.36 -22.87
CA ILE A 14 45.87 17.33 -21.92
C ILE A 14 45.33 17.44 -20.49
N GLY A 15 45.41 16.34 -19.75
CA GLY A 15 44.86 16.28 -18.40
C GLY A 15 43.54 15.53 -18.30
N THR A 16 43.54 14.49 -17.47
CA THR A 16 42.39 13.60 -17.32
C THR A 16 41.74 13.81 -15.96
N GLY A 17 41.39 15.07 -15.66
CA GLY A 17 40.67 15.37 -14.44
C GLY A 17 39.20 15.56 -14.79
N THR A 18 38.54 16.44 -14.04
CA THR A 18 37.14 16.74 -14.24
C THR A 18 36.91 17.41 -15.59
N ALA A 19 37.60 18.50 -15.88
CA ALA A 19 37.40 19.18 -17.18
C ALA A 19 37.75 18.25 -18.35
N GLY A 20 38.82 17.46 -18.19
CA GLY A 20 39.34 16.66 -19.29
C GLY A 20 38.43 15.49 -19.62
N MSE A 21 37.97 14.79 -18.59
CA MSE A 21 37.06 13.67 -18.75
C MSE A 21 35.74 14.14 -19.37
O MSE A 21 35.20 13.49 -20.27
CB MSE A 21 36.86 12.94 -17.42
CG MSE A 21 38.10 12.12 -16.98
SE MSE A 21 37.87 11.38 -15.18
CE MSE A 21 36.54 10.00 -15.65
N GLY A 22 35.26 15.30 -18.90
CA GLY A 22 34.12 15.99 -19.53
C GLY A 22 34.37 16.30 -21.01
N ALA A 23 35.51 16.90 -21.33
CA ALA A 23 35.83 17.19 -22.72
C ALA A 23 35.81 15.92 -23.60
N TYR A 24 36.39 14.83 -23.08
CA TYR A 24 36.43 13.54 -23.77
C TYR A 24 35.02 13.04 -24.15
N ARG A 25 34.14 13.00 -23.16
CA ARG A 25 32.76 12.60 -23.41
C ARG A 25 32.07 13.50 -24.46
N ALA A 26 32.22 14.81 -24.32
CA ALA A 26 31.62 15.74 -25.29
C ALA A 26 32.25 15.57 -26.67
N ALA A 27 33.58 15.46 -26.72
CA ALA A 27 34.30 15.31 -27.98
C ALA A 27 33.95 14.00 -28.69
N LYS A 28 33.79 12.93 -27.93
CA LYS A 28 33.51 11.62 -28.50
C LYS A 28 32.13 11.51 -29.13
N LYS A 29 31.25 12.47 -28.84
CA LYS A 29 29.96 12.49 -29.50
C LYS A 29 30.09 12.90 -30.98
N HIS A 30 31.15 13.65 -31.30
CA HIS A 30 31.38 14.21 -32.64
C HIS A 30 32.41 13.45 -33.48
N THR A 31 33.36 12.77 -32.85
CA THR A 31 34.42 12.06 -33.56
C THR A 31 35.01 10.95 -32.70
N ASP A 32 35.48 9.88 -33.36
CA ASP A 32 36.06 8.71 -32.71
CA ASP A 32 36.05 8.74 -32.67
C ASP A 32 37.52 8.93 -32.34
N LYS A 33 38.18 9.84 -33.05
CA LYS A 33 39.61 10.08 -32.84
C LYS A 33 39.90 11.11 -31.75
N VAL A 34 39.88 10.65 -30.51
CA VAL A 34 40.25 11.52 -29.40
C VAL A 34 41.03 10.80 -28.32
N VAL A 35 42.11 11.43 -27.86
CA VAL A 35 42.89 10.89 -26.75
C VAL A 35 42.90 11.78 -25.52
N LEU A 36 43.03 11.12 -24.39
CA LEU A 36 43.20 11.70 -23.05
C LEU A 36 44.64 11.44 -22.58
N ILE A 37 45.36 12.49 -22.24
CA ILE A 37 46.76 12.36 -21.77
C ILE A 37 46.79 12.68 -20.28
N GLU A 38 47.43 11.83 -19.48
CA GLU A 38 47.53 12.03 -18.03
C GLU A 38 48.94 11.71 -17.51
N GLY A 39 49.57 12.72 -16.91
CA GLY A 39 50.94 12.58 -16.38
C GLY A 39 50.98 12.04 -14.95
N GLY A 40 49.87 12.16 -14.22
CA GLY A 40 49.86 11.84 -12.79
C GLY A 40 48.90 10.72 -12.48
N ALA A 41 48.39 10.69 -11.25
CA ALA A 41 47.41 9.71 -10.83
C ALA A 41 46.02 10.00 -11.43
N TYR A 42 45.30 8.95 -11.83
CA TYR A 42 43.89 9.12 -12.20
C TYR A 42 43.07 9.35 -10.92
N GLY A 43 41.88 9.93 -11.07
CA GLY A 43 41.02 10.14 -9.91
C GLY A 43 40.38 11.51 -9.88
N THR A 44 40.99 12.48 -10.57
CA THR A 44 40.70 13.94 -10.54
C THR A 44 41.20 14.59 -9.24
N THR A 45 41.53 15.87 -9.33
CA THR A 45 41.99 16.60 -8.14
C THR A 45 40.89 16.69 -7.09
N CYS A 46 39.66 16.86 -7.55
CA CYS A 46 38.51 16.94 -6.67
C CYS A 46 38.40 15.73 -5.74
N ALA A 47 38.42 14.53 -6.31
CA ALA A 47 38.25 13.30 -5.54
C ALA A 47 39.49 12.95 -4.67
N ARG A 48 40.68 13.15 -5.21
CA ARG A 48 41.93 12.75 -4.53
C ARG A 48 42.37 13.68 -3.36
N VAL A 49 42.37 14.99 -3.60
CA VAL A 49 43.05 15.94 -2.72
C VAL A 49 42.31 17.30 -2.71
N GLY A 50 41.05 17.32 -3.13
CA GLY A 50 40.30 18.58 -3.25
C GLY A 50 38.99 18.53 -2.50
N CYS A 51 37.88 18.70 -3.23
CA CYS A 51 36.55 18.80 -2.60
C CYS A 51 36.26 17.67 -1.59
N MSE A 52 36.55 16.43 -1.96
CA MSE A 52 36.03 15.30 -1.19
C MSE A 52 36.73 15.16 0.17
O MSE A 52 36.05 15.12 1.18
CB MSE A 52 36.08 13.98 -1.99
CG MSE A 52 35.04 13.85 -3.11
SE MSE A 52 33.27 14.57 -2.57
CE MSE A 52 32.02 13.28 -3.34
N PRO A 53 38.07 15.08 0.18
CA PRO A 53 38.69 14.95 1.47
C PRO A 53 38.58 16.22 2.30
N SER A 54 38.51 17.39 1.66
CA SER A 54 38.29 18.61 2.49
C SER A 54 36.92 18.58 3.16
N LYS A 55 35.89 18.20 2.42
CA LYS A 55 34.55 18.05 3.02
C LYS A 55 34.51 16.95 4.08
N LEU A 56 35.31 15.90 3.87
CA LEU A 56 35.46 14.84 4.88
C LEU A 56 36.09 15.32 6.17
N LEU A 57 37.13 16.16 6.08
CA LEU A 57 37.75 16.74 7.27
C LEU A 57 36.78 17.67 7.99
N ILE A 58 36.04 18.43 7.19
CA ILE A 58 35.09 19.40 7.72
C ILE A 58 33.96 18.72 8.50
N ALA A 59 33.45 17.60 7.99
CA ALA A 59 32.35 16.90 8.66
C ALA A 59 32.81 16.36 10.02
N ALA A 60 33.98 15.74 10.05
CA ALA A 60 34.57 15.30 11.32
C ALA A 60 34.75 16.48 12.28
N ALA A 61 35.29 17.57 11.77
CA ALA A 61 35.48 18.79 12.55
C ALA A 61 34.15 19.30 13.15
N ASP A 62 33.14 19.42 12.30
CA ASP A 62 31.81 19.83 12.76
C ASP A 62 31.23 18.98 13.88
N ALA A 63 31.33 17.66 13.77
CA ALA A 63 30.82 16.78 14.79
C ALA A 63 31.57 17.02 16.11
N SER A 64 32.90 17.16 16.03
CA SER A 64 33.69 17.37 17.20
C SER A 64 33.32 18.66 17.91
N TYR A 65 33.22 19.75 17.14
CA TYR A 65 32.95 21.05 17.70
C TYR A 65 31.54 21.10 18.26
N HIS A 66 30.56 20.66 17.48
CA HIS A 66 29.17 20.72 17.96
C HIS A 66 29.00 19.95 19.26
N ALA A 67 29.78 18.87 19.42
CA ALA A 67 29.78 18.07 20.64
C ALA A 67 30.17 18.88 21.87
N SER A 68 30.96 19.94 21.68
CA SER A 68 31.36 20.84 22.77
C SER A 68 30.38 22.01 23.03
N GLN A 69 29.36 22.12 22.19
CA GLN A 69 28.43 23.25 22.22
C GLN A 69 27.02 22.88 22.67
N THR A 70 26.90 21.79 23.43
CA THR A 70 25.57 21.30 23.80
C THR A 70 24.94 22.03 24.99
N ASP A 71 25.74 22.78 25.76
CA ASP A 71 25.23 23.34 27.02
C ASP A 71 24.20 24.45 26.81
N LEU A 72 24.20 25.08 25.64
CA LEU A 72 23.19 26.09 25.33
C LEU A 72 21.81 25.46 25.42
N PHE A 73 21.72 24.21 25.01
CA PHE A 73 20.44 23.53 24.90
C PHE A 73 20.05 22.80 26.20
N GLY A 74 21.00 22.75 27.14
CA GLY A 74 20.75 22.12 28.44
C GLY A 74 21.36 20.74 28.58
N ILE A 75 22.32 20.43 27.69
CA ILE A 75 22.98 19.13 27.67
C ILE A 75 24.48 19.31 27.97
N GLN A 76 25.04 18.40 28.75
CA GLN A 76 26.45 18.53 29.16
C GLN A 76 27.19 17.26 28.80
N VAL A 77 28.50 17.38 28.64
CA VAL A 77 29.33 16.22 28.38
C VAL A 77 30.47 16.18 29.37
N ASP A 78 30.97 14.97 29.65
CA ASP A 78 32.12 14.85 30.49
C ASP A 78 33.36 15.16 29.71
N ARG A 79 33.42 14.68 28.46
CA ARG A 79 34.68 14.64 27.74
C ARG A 79 34.49 14.32 26.28
N ILE A 80 35.32 14.96 25.47
CA ILE A 80 35.39 14.79 24.03
C ILE A 80 36.82 14.38 23.69
N SER A 81 36.95 13.25 23.02
CA SER A 81 38.26 12.69 22.83
C SER A 81 38.50 12.45 21.33
N VAL A 82 39.50 13.13 20.77
CA VAL A 82 39.75 13.09 19.32
C VAL A 82 40.85 12.06 19.00
N ASN A 83 40.46 10.96 18.39
CA ASN A 83 41.39 9.90 18.03
C ASN A 83 41.91 10.26 16.64
N GLY A 84 42.98 11.06 16.60
CA GLY A 84 43.54 11.59 15.36
C GLY A 84 43.77 10.59 14.24
N LYS A 85 44.28 9.41 14.58
CA LYS A 85 44.54 8.35 13.61
C LYS A 85 43.26 7.82 12.93
N ALA A 86 42.20 7.62 13.70
CA ALA A 86 40.92 7.19 13.13
C ALA A 86 40.33 8.34 12.33
N VAL A 87 40.54 9.58 12.76
CA VAL A 87 40.03 10.73 12.00
C VAL A 87 40.69 10.71 10.60
N MSE A 88 42.01 10.54 10.55
CA MSE A 88 42.71 10.62 9.28
C MSE A 88 42.33 9.42 8.37
O MSE A 88 42.11 9.58 7.17
CB MSE A 88 44.22 10.72 9.49
CG MSE A 88 44.69 12.02 10.21
SE MSE A 88 44.01 13.65 9.37
CE MSE A 88 44.67 13.40 7.55
N LYS A 89 42.21 8.25 8.97
CA LYS A 89 41.87 7.02 8.26
C LYS A 89 40.49 7.08 7.58
N ARG A 90 39.47 7.53 8.30
CA ARG A 90 38.16 7.64 7.69
C ARG A 90 38.19 8.62 6.50
N ILE A 91 38.89 9.74 6.66
CA ILE A 91 39.00 10.67 5.54
C ILE A 91 39.61 9.95 4.33
N GLN A 92 40.66 9.18 4.59
CA GLN A 92 41.40 8.49 3.55
C GLN A 92 40.63 7.36 2.87
N THR A 93 39.96 6.53 3.67
CA THR A 93 39.25 5.39 3.12
C THR A 93 38.04 5.90 2.30
N GLU A 94 37.33 6.91 2.81
CA GLU A 94 36.21 7.48 2.10
C GLU A 94 36.67 8.14 0.81
N ARG A 95 37.76 8.90 0.85
CA ARG A 95 38.21 9.45 -0.42
C ARG A 95 38.72 8.39 -1.41
N ASP A 96 39.40 7.36 -0.92
CA ASP A 96 39.79 6.25 -1.81
C ASP A 96 38.56 5.65 -2.49
N ARG A 97 37.45 5.56 -1.76
CA ARG A 97 36.19 5.13 -2.35
C ARG A 97 35.76 6.05 -3.52
N PHE A 98 35.78 7.35 -3.30
CA PHE A 98 35.38 8.29 -4.35
C PHE A 98 36.30 8.25 -5.57
N VAL A 99 37.61 8.24 -5.30
CA VAL A 99 38.63 8.02 -6.34
C VAL A 99 38.38 6.74 -7.17
N GLY A 100 38.08 5.63 -6.50
CA GLY A 100 37.82 4.34 -7.16
C GLY A 100 36.75 4.44 -8.24
N PHE A 101 35.69 5.21 -7.95
CA PHE A 101 34.62 5.41 -8.93
C PHE A 101 35.13 6.12 -10.16
N VAL A 102 35.91 7.19 -9.96
CA VAL A 102 36.49 7.89 -11.07
C VAL A 102 37.43 6.93 -11.83
N VAL A 103 38.26 6.21 -11.10
CA VAL A 103 39.19 5.26 -11.73
C VAL A 103 38.44 4.21 -12.58
N GLU A 104 37.36 3.62 -12.04
CA GLU A 104 36.55 2.68 -12.82
CA GLU A 104 36.51 2.70 -12.82
C GLU A 104 36.11 3.29 -14.17
N SER A 105 35.67 4.55 -14.16
CA SER A 105 35.27 5.24 -15.39
C SER A 105 36.43 5.32 -16.38
N VAL A 106 37.58 5.77 -15.90
CA VAL A 106 38.74 5.86 -16.77
C VAL A 106 39.06 4.48 -17.35
N GLU A 107 38.95 3.45 -16.50
CA GLU A 107 39.29 2.11 -16.92
C GLU A 107 38.37 1.65 -18.05
N SER A 108 37.10 2.06 -18.00
CA SER A 108 36.13 1.73 -19.03
C SER A 108 36.43 2.36 -20.41
N PHE A 109 37.17 3.48 -20.43
CA PHE A 109 37.53 4.13 -21.70
C PHE A 109 38.44 3.25 -22.56
N ASP A 110 38.21 3.27 -23.86
CA ASP A 110 39.08 2.58 -24.80
C ASP A 110 40.57 2.80 -24.51
N GLU A 111 41.29 1.69 -24.40
CA GLU A 111 42.74 1.73 -24.16
C GLU A 111 43.50 2.67 -25.10
N GLN A 112 43.20 2.62 -26.40
CA GLN A 112 43.87 3.49 -27.38
C GLN A 112 43.51 4.99 -27.25
N ASP A 113 42.51 5.32 -26.44
CA ASP A 113 42.16 6.72 -26.16
C ASP A 113 42.89 7.32 -24.94
N LYS A 114 43.84 6.59 -24.38
CA LYS A 114 44.54 7.03 -23.16
C LYS A 114 46.03 6.87 -23.30
N ILE A 115 46.76 7.96 -23.07
CA ILE A 115 48.21 7.91 -23.11
C ILE A 115 48.77 8.38 -21.76
N ARG A 116 49.71 7.59 -21.22
CA ARG A 116 50.33 7.93 -19.94
CA ARG A 116 50.37 7.90 -19.95
C ARG A 116 51.58 8.78 -20.14
N GLY A 117 51.63 9.92 -19.43
CA GLY A 117 52.80 10.81 -19.44
C GLY A 117 52.41 12.27 -19.46
N PHE A 118 53.40 13.15 -19.34
CA PHE A 118 53.14 14.59 -19.39
C PHE A 118 53.37 15.05 -20.82
N ALA A 119 52.39 15.80 -21.32
CA ALA A 119 52.45 16.39 -22.64
C ALA A 119 53.01 17.82 -22.64
N LYS A 120 53.71 18.17 -23.72
CA LYS A 120 54.03 19.55 -24.04
C LYS A 120 53.85 19.82 -25.55
N PHE A 121 53.61 21.08 -25.89
CA PHE A 121 53.53 21.52 -27.29
C PHE A 121 54.91 21.60 -27.94
N LEU A 122 55.06 20.90 -29.07
CA LEU A 122 56.20 21.08 -29.99
C LEU A 122 55.87 22.17 -31.02
N ASP A 123 54.61 22.21 -31.42
CA ASP A 123 54.05 23.30 -32.24
C ASP A 123 52.54 23.26 -32.04
N GLU A 124 51.79 24.03 -32.83
CA GLU A 124 50.35 24.22 -32.59
C GLU A 124 49.45 23.02 -32.95
N HIS A 125 50.03 21.99 -33.55
CA HIS A 125 49.30 20.76 -33.86
C HIS A 125 50.00 19.50 -33.35
N THR A 126 51.14 19.66 -32.69
CA THR A 126 51.92 18.52 -32.26
C THR A 126 52.22 18.56 -30.76
N LEU A 127 51.92 17.45 -30.08
CA LEU A 127 52.25 17.28 -28.67
C LEU A 127 53.27 16.17 -28.55
N GLN A 128 54.14 16.29 -27.55
CA GLN A 128 55.01 15.18 -27.19
C GLN A 128 54.72 14.73 -25.76
N VAL A 129 54.54 13.43 -25.60
CA VAL A 129 54.29 12.87 -24.29
C VAL A 129 55.60 12.28 -23.80
N ASP A 130 56.11 12.85 -22.70
CA ASP A 130 57.46 12.54 -22.20
C ASP A 130 58.43 12.34 -23.37
N ASP A 131 59.00 11.14 -23.48
CA ASP A 131 59.95 10.87 -24.56
C ASP A 131 59.48 9.74 -25.49
N HIS A 132 58.27 9.24 -25.28
CA HIS A 132 57.82 8.03 -25.98
C HIS A 132 56.85 8.23 -27.15
N SER A 133 56.01 9.27 -27.08
CA SER A 133 54.93 9.47 -28.07
C SER A 133 54.80 10.91 -28.57
N GLN A 134 54.41 11.03 -29.82
CA GLN A 134 54.01 12.31 -30.38
C GLN A 134 52.59 12.17 -30.90
N VAL A 135 51.76 13.17 -30.63
CA VAL A 135 50.35 13.19 -31.09
C VAL A 135 50.17 14.33 -32.07
N ILE A 136 49.74 14.02 -33.28
CA ILE A 136 49.37 15.03 -34.26
C ILE A 136 47.87 15.32 -34.15
N ALA A 137 47.54 16.51 -33.63
CA ALA A 137 46.16 16.80 -33.24
C ALA A 137 45.56 17.99 -33.94
N LYS A 138 44.42 17.76 -34.60
CA LYS A 138 43.67 18.82 -35.30
C LYS A 138 43.13 19.88 -34.33
N ARG A 139 42.65 19.42 -33.16
CA ARG A 139 42.22 20.29 -32.08
C ARG A 139 42.83 19.86 -30.75
N ILE A 140 43.12 20.81 -29.87
CA ILE A 140 43.76 20.49 -28.57
C ILE A 140 43.06 21.22 -27.41
N VAL A 141 42.70 20.48 -26.37
CA VAL A 141 42.09 21.04 -25.16
C VAL A 141 43.13 20.96 -24.04
N ILE A 142 43.50 22.12 -23.48
CA ILE A 142 44.36 22.17 -22.30
C ILE A 142 43.46 22.09 -21.05
N ALA A 143 43.55 20.96 -20.33
CA ALA A 143 42.71 20.77 -19.15
C ALA A 143 43.58 20.28 -17.99
N THR A 144 44.68 21.01 -17.77
CA THR A 144 45.75 20.56 -16.89
C THR A 144 45.58 20.98 -15.44
N GLY A 145 44.46 21.59 -15.08
CA GLY A 145 44.22 21.98 -13.69
C GLY A 145 45.14 23.07 -13.14
N SER A 146 45.19 23.15 -11.80
CA SER A 146 46.06 24.07 -11.06
C SER A 146 46.82 23.29 -9.97
N ARG A 147 47.88 23.89 -9.45
CA ARG A 147 48.69 23.27 -8.41
C ARG A 147 48.94 24.28 -7.27
N PRO A 148 49.36 23.79 -6.09
CA PRO A 148 49.65 24.73 -5.04
C PRO A 148 50.79 25.64 -5.42
N ASN A 149 50.69 26.89 -5.01
CA ASN A 149 51.75 27.86 -5.19
C ASN A 149 51.86 28.69 -3.92
N TYR A 150 53.09 29.09 -3.58
CA TYR A 150 53.39 29.75 -2.31
C TYR A 150 54.68 30.54 -2.46
N PRO A 151 54.83 31.62 -1.68
CA PRO A 151 56.02 32.46 -1.73
C PRO A 151 57.24 31.73 -1.22
N GLU A 152 58.41 32.26 -1.57
CA GLU A 152 59.66 31.59 -1.30
C GLU A 152 59.88 31.30 0.19
N PHE A 153 59.44 32.23 1.04
CA PHE A 153 59.73 32.09 2.45
C PHE A 153 59.13 30.81 3.03
N LEU A 154 57.95 30.45 2.51
CA LEU A 154 57.24 29.27 2.96
C LEU A 154 58.03 28.01 2.68
N ALA A 155 58.77 28.00 1.56
CA ALA A 155 59.59 26.86 1.18
C ALA A 155 60.65 26.49 2.21
N ALA A 156 61.07 27.46 3.04
CA ALA A 156 61.99 27.15 4.15
C ALA A 156 61.39 26.22 5.22
N ALA A 157 60.09 25.92 5.09
CA ALA A 157 59.41 25.00 6.00
C ALA A 157 59.75 23.55 5.67
N GLY A 158 60.41 23.37 4.51
CA GLY A 158 60.99 22.09 4.10
C GLY A 158 59.99 20.95 4.19
N SER A 159 60.39 19.86 4.85
CA SER A 159 59.58 18.65 4.89
C SER A 159 58.32 18.87 5.71
N ARG A 160 58.20 20.04 6.32
CA ARG A 160 57.03 20.33 7.14
C ARG A 160 56.05 21.32 6.51
N LEU A 161 56.25 21.59 5.22
CA LEU A 161 55.31 22.41 4.47
C LEU A 161 54.16 21.53 3.97
N LEU A 162 52.95 21.92 4.30
CA LEU A 162 51.79 21.19 3.83
C LEU A 162 51.03 21.94 2.77
N THR A 163 50.48 21.21 1.80
CA THR A 163 49.48 21.74 0.88
C THR A 163 48.36 20.72 0.84
N ASN A 164 47.29 20.99 0.09
CA ASN A 164 46.26 19.96 -0.15
C ASN A 164 46.83 18.64 -0.70
N ASP A 165 48.01 18.69 -1.32
CA ASP A 165 48.59 17.48 -1.93
C ASP A 165 49.10 16.46 -0.90
N ASN A 166 49.39 16.91 0.31
CA ASN A 166 49.90 16.00 1.33
C ASN A 166 49.19 16.13 2.69
N LEU A 167 48.33 17.13 2.88
CA LEU A 167 47.66 17.27 4.19
C LEU A 167 46.83 16.02 4.56
N PHE A 168 46.10 15.49 3.58
CA PHE A 168 45.15 14.43 3.87
C PHE A 168 45.84 13.08 4.00
N GLU A 169 47.16 13.09 3.79
CA GLU A 169 47.95 11.88 3.83
C GLU A 169 48.66 11.68 5.18
N LEU A 170 48.63 12.68 6.06
CA LEU A 170 49.06 12.53 7.45
C LEU A 170 48.42 11.33 8.14
N ASN A 171 49.21 10.58 8.90
CA ASN A 171 48.70 9.38 9.57
C ASN A 171 47.92 9.75 10.84
N ASP A 172 48.14 10.98 11.31
CA ASP A 172 47.55 11.47 12.56
C ASP A 172 47.34 12.98 12.43
N LEU A 173 46.47 13.53 13.28
CA LEU A 173 46.26 14.96 13.30
C LEU A 173 47.47 15.61 13.91
N PRO A 174 47.95 16.69 13.30
CA PRO A 174 49.07 17.41 13.90
C PRO A 174 48.67 18.11 15.21
N LYS A 175 49.65 18.41 16.06
CA LYS A 175 49.44 19.16 17.31
C LYS A 175 49.11 20.62 17.04
N SER A 176 49.77 21.18 16.02
CA SER A 176 49.64 22.60 15.68
C SER A 176 49.99 22.85 14.22
N VAL A 177 49.31 23.83 13.62
CA VAL A 177 49.52 24.21 12.23
C VAL A 177 49.33 25.74 12.08
N ALA A 178 50.29 26.41 11.47
CA ALA A 178 50.10 27.80 11.03
C ALA A 178 49.72 27.77 9.54
N VAL A 179 48.63 28.47 9.20
CA VAL A 179 48.09 28.54 7.84
C VAL A 179 48.49 29.89 7.24
N PHE A 180 48.86 29.94 5.96
CA PHE A 180 49.42 31.17 5.36
C PHE A 180 48.83 31.51 4.03
N GLY A 181 48.41 32.77 3.88
CA GLY A 181 47.85 33.28 2.62
C GLY A 181 46.38 33.62 2.67
N PRO A 182 45.87 34.38 1.67
CA PRO A 182 44.46 34.79 1.64
C PRO A 182 43.50 33.70 1.14
N GLY A 183 44.03 32.52 0.78
CA GLY A 183 43.24 31.45 0.17
C GLY A 183 42.13 30.90 1.06
N VAL A 184 40.94 30.79 0.49
CA VAL A 184 39.73 30.31 1.17
C VAL A 184 39.92 28.92 1.83
N ILE A 185 40.65 28.06 1.13
CA ILE A 185 41.08 26.76 1.67
C ILE A 185 41.74 26.96 3.05
N GLY A 186 42.45 28.05 3.21
CA GLY A 186 43.03 28.39 4.50
C GLY A 186 42.02 28.51 5.62
N LEU A 187 40.87 29.11 5.33
CA LEU A 187 39.83 29.23 6.34
C LEU A 187 39.08 27.90 6.53
N GLU A 188 38.76 27.20 5.43
CA GLU A 188 37.97 25.96 5.54
C GLU A 188 38.73 24.96 6.39
N LEU A 189 39.97 24.74 6.01
CA LEU A 189 40.83 23.72 6.60
C LEU A 189 41.35 24.20 7.95
N GLY A 190 41.60 25.49 8.07
CA GLY A 190 42.14 26.00 9.32
C GLY A 190 41.13 25.85 10.45
N GLN A 191 39.87 26.21 10.17
CA GLN A 191 38.81 26.10 11.15
C GLN A 191 38.56 24.61 11.47
N ALA A 192 38.47 23.78 10.43
CA ALA A 192 38.29 22.35 10.68
C ALA A 192 39.38 21.78 11.59
N LEU A 193 40.65 22.10 11.29
CA LEU A 193 41.77 21.60 12.10
C LEU A 193 41.62 22.07 13.53
N SER A 194 41.35 23.35 13.68
CA SER A 194 41.12 23.95 14.97
C SER A 194 40.00 23.25 15.71
N ARG A 195 38.90 22.96 15.02
CA ARG A 195 37.76 22.32 15.70
C ARG A 195 38.09 20.90 16.14
N LEU A 196 39.16 20.34 15.57
CA LEU A 196 39.56 18.97 15.87
C LEU A 196 40.67 18.92 16.92
N GLY A 197 41.01 20.06 17.51
CA GLY A 197 41.93 20.12 18.65
C GLY A 197 43.34 20.54 18.26
N VAL A 198 43.54 20.82 16.98
CA VAL A 198 44.85 21.26 16.51
C VAL A 198 45.03 22.73 16.92
N ILE A 199 46.19 23.09 17.43
CA ILE A 199 46.45 24.53 17.72
C ILE A 199 46.76 25.22 16.41
N VAL A 200 45.91 26.16 16.02
CA VAL A 200 46.02 26.81 14.71
C VAL A 200 45.98 28.34 14.77
N LYS A 201 46.81 28.97 13.93
CA LYS A 201 46.72 30.38 13.68
C LYS A 201 46.59 30.55 12.17
N VAL A 202 45.64 31.36 11.74
CA VAL A 202 45.53 31.68 10.33
C VAL A 202 46.05 33.09 10.06
N PHE A 203 47.12 33.14 9.27
CA PHE A 203 47.78 34.37 8.83
C PHE A 203 47.48 34.66 7.36
N GLY A 204 46.45 35.44 7.12
CA GLY A 204 46.05 35.82 5.78
C GLY A 204 46.69 37.11 5.31
N ARG A 205 46.24 37.62 4.16
CA ARG A 205 46.83 38.78 3.50
C ARG A 205 45.79 39.77 2.98
N SER A 206 46.13 41.05 3.07
CA SER A 206 45.45 42.13 2.36
C SER A 206 43.97 42.33 2.71
N GLY A 207 43.54 41.81 3.87
CA GLY A 207 42.17 42.02 4.31
C GLY A 207 41.15 41.01 3.79
N SER A 208 41.58 40.13 2.90
CA SER A 208 40.74 39.04 2.32
C SER A 208 40.09 38.09 3.35
N VAL A 209 38.80 37.82 3.17
CA VAL A 209 38.07 36.89 4.02
C VAL A 209 37.13 36.07 3.13
N ALA A 210 37.51 34.82 2.87
CA ALA A 210 36.63 33.87 2.16
C ALA A 210 35.99 34.44 0.89
N ASN A 211 36.78 35.20 0.12
CA ASN A 211 36.33 35.74 -1.17
C ASN A 211 35.20 36.78 -1.13
N LEU A 212 34.70 37.09 0.07
CA LEU A 212 33.74 38.16 0.26
C LEU A 212 34.26 39.48 -0.32
N GLN A 213 33.36 40.26 -0.90
CA GLN A 213 33.73 41.54 -1.50
C GLN A 213 33.24 42.76 -0.67
N ASP A 214 32.12 42.62 0.04
CA ASP A 214 31.58 43.75 0.80
C ASP A 214 32.42 44.01 2.04
N GLU A 215 32.86 45.25 2.23
CA GLU A 215 33.79 45.55 3.32
C GLU A 215 33.23 45.17 4.70
N GLU A 216 32.01 45.59 4.99
CA GLU A 216 31.31 45.23 6.21
C GLU A 216 31.22 43.71 6.47
N MSE A 217 30.90 42.95 5.41
CA MSE A 217 30.80 41.48 5.48
C MSE A 217 32.13 40.88 5.86
O MSE A 217 32.21 40.02 6.73
CB MSE A 217 30.43 40.88 4.13
CG MSE A 217 29.00 41.02 3.74
SE MSE A 217 28.03 39.30 3.55
CE MSE A 217 26.39 40.23 3.34
N LYS A 218 33.19 41.32 5.18
CA LYS A 218 34.54 40.83 5.49
C LYS A 218 34.87 41.04 6.96
N ARG A 219 34.63 42.24 7.48
CA ARG A 219 35.01 42.52 8.87
C ARG A 219 34.21 41.69 9.87
N TYR A 220 32.91 41.57 9.65
CA TYR A 220 32.05 40.76 10.52
C TYR A 220 32.49 39.29 10.54
N ALA A 221 32.78 38.76 9.36
CA ALA A 221 33.24 37.38 9.25
C ALA A 221 34.59 37.18 9.95
N GLU A 222 35.51 38.15 9.82
CA GLU A 222 36.81 37.99 10.48
C GLU A 222 36.62 37.97 12.01
N LYS A 223 35.79 38.89 12.50
CA LYS A 223 35.45 38.97 13.90
C LYS A 223 34.83 37.65 14.37
N THR A 224 33.88 37.12 13.59
CA THR A 224 33.18 35.89 13.94
C THR A 224 34.16 34.72 14.09
N PHE A 225 34.96 34.52 13.06
CA PHE A 225 35.99 33.49 13.09
C PHE A 225 36.91 33.63 14.28
N ASN A 226 37.25 34.87 14.63
CA ASN A 226 38.14 35.12 15.77
C ASN A 226 37.59 34.80 17.15
N GLU A 227 36.27 34.61 17.24
CA GLU A 227 35.68 34.11 18.49
C GLU A 227 36.00 32.63 18.69
N GLU A 228 36.52 31.99 17.66
CA GLU A 228 36.80 30.57 17.71
C GLU A 228 38.31 30.30 17.53
N PHE A 229 38.94 30.93 16.55
CA PHE A 229 40.37 30.69 16.31
C PHE A 229 41.09 31.96 15.85
N TYR A 230 42.38 32.03 16.14
CA TYR A 230 43.23 33.16 15.76
C TYR A 230 43.24 33.32 14.24
N PHE A 231 42.81 34.49 13.76
CA PHE A 231 42.81 34.80 12.34
C PHE A 231 43.09 36.29 12.10
N ASP A 232 44.20 36.56 11.43
CA ASP A 232 44.61 37.92 11.10
C ASP A 232 44.62 38.06 9.58
N ALA A 233 43.62 38.76 9.06
CA ALA A 233 43.44 38.87 7.60
C ALA A 233 44.51 39.78 6.96
N LYS A 234 45.24 40.50 7.79
CA LYS A 234 46.22 41.47 7.33
C LYS A 234 47.56 41.14 7.98
N ALA A 235 47.93 39.88 8.00
CA ALA A 235 49.10 39.43 8.75
C ALA A 235 50.42 39.85 8.11
N ARG A 236 51.37 40.22 8.96
CA ARG A 236 52.71 40.55 8.52
C ARG A 236 53.69 39.49 9.03
N VAL A 237 54.16 38.65 8.10
CA VAL A 237 54.94 37.47 8.47
C VAL A 237 56.37 37.59 7.99
N ILE A 238 57.29 37.23 8.89
CA ILE A 238 58.72 37.33 8.62
C ILE A 238 59.26 36.02 8.02
N SER A 239 59.08 34.91 8.71
CA SER A 239 59.72 33.68 8.26
C SER A 239 59.11 32.44 8.86
N THR A 240 59.22 31.34 8.11
CA THR A 240 58.77 30.02 8.50
C THR A 240 59.89 29.01 8.18
N ILE A 241 60.75 28.75 9.17
CA ILE A 241 61.99 28.00 8.94
C ILE A 241 61.94 26.64 9.64
N GLU A 242 62.09 25.57 8.86
CA GLU A 242 62.05 24.23 9.41
C GLU A 242 63.13 24.07 10.48
N LYS A 243 62.76 23.49 11.62
CA LYS A 243 63.71 23.13 12.68
C LYS A 243 63.72 21.60 12.89
N GLU A 244 64.02 21.15 14.10
CA GLU A 244 64.20 19.72 14.33
C GLU A 244 62.89 18.94 14.36
N ASP A 245 61.87 19.42 15.08
CA ASP A 245 60.58 18.71 15.07
C ASP A 245 59.39 19.63 14.85
N ALA A 246 59.64 20.80 14.28
CA ALA A 246 58.62 21.81 14.10
C ALA A 246 59.12 22.91 13.18
N VAL A 247 58.21 23.84 12.84
CA VAL A 247 58.57 25.02 12.09
C VAL A 247 58.52 26.25 13.02
N GLU A 248 59.63 26.99 13.10
CA GLU A 248 59.63 28.26 13.81
C GLU A 248 59.02 29.32 12.88
N VAL A 249 57.92 29.91 13.36
CA VAL A 249 57.23 31.02 12.69
C VAL A 249 57.53 32.32 13.43
N ILE A 250 58.06 33.30 12.70
CA ILE A 250 58.29 34.63 13.22
C ILE A 250 57.36 35.61 12.50
N TYR A 251 56.54 36.31 13.28
CA TYR A 251 55.47 37.14 12.74
C TYR A 251 55.16 38.27 13.70
N PHE A 252 54.30 39.18 13.28
CA PHE A 252 53.82 40.23 14.15
C PHE A 252 52.38 39.86 14.52
N ASP A 253 52.06 39.88 15.81
CA ASP A 253 50.67 39.62 16.23
C ASP A 253 49.75 40.79 15.86
N LYS A 254 48.50 40.75 16.31
CA LYS A 254 47.52 41.78 15.93
C LYS A 254 47.74 43.16 16.55
N SER A 255 48.63 43.24 17.53
CA SER A 255 49.01 44.52 18.10
C SER A 255 50.39 44.93 17.55
N GLY A 256 50.86 44.20 16.56
CA GLY A 256 52.08 44.53 15.87
C GLY A 256 53.38 44.14 16.57
N GLN A 257 53.30 43.22 17.52
CA GLN A 257 54.50 42.82 18.24
C GLN A 257 55.15 41.57 17.61
N LYS A 258 56.47 41.63 17.40
CA LYS A 258 57.21 40.49 16.88
C LYS A 258 57.13 39.33 17.86
N THR A 259 56.70 38.20 17.33
CA THR A 259 56.40 37.02 18.11
C THR A 259 57.05 35.85 17.40
N THR A 260 57.62 34.96 18.21
CA THR A 260 58.17 33.68 17.76
C THR A 260 57.36 32.50 18.33
N GLU A 261 56.96 31.58 17.46
CA GLU A 261 56.11 30.46 17.84
C GLU A 261 56.39 29.21 16.98
N SER A 262 56.49 28.03 17.61
CA SER A 262 56.67 26.75 16.89
C SER A 262 55.36 26.12 16.52
N PHE A 263 55.28 25.64 15.30
CA PHE A 263 54.11 24.87 14.87
C PHE A 263 54.65 23.61 14.25
N GLN A 264 53.94 22.51 14.45
CA GLN A 264 54.38 21.23 13.94
C GLN A 264 54.49 21.20 12.42
N TYR A 265 53.47 21.77 11.75
CA TYR A 265 53.48 21.98 10.31
C TYR A 265 53.00 23.38 9.96
N VAL A 266 53.16 23.70 8.70
CA VAL A 266 52.75 24.96 8.16
C VAL A 266 51.90 24.58 6.93
N LEU A 267 50.79 25.31 6.70
CA LEU A 267 49.92 25.03 5.56
C LEU A 267 49.79 26.21 4.61
N ALA A 268 50.23 26.03 3.34
CA ALA A 268 50.10 27.05 2.33
C ALA A 268 48.66 27.22 1.81
N ALA A 269 48.11 28.41 1.96
CA ALA A 269 46.82 28.75 1.39
C ALA A 269 46.98 30.03 0.54
N THR A 270 48.07 30.10 -0.21
CA THR A 270 48.49 31.31 -0.92
C THR A 270 48.16 31.33 -2.40
N GLY A 271 47.11 30.66 -2.81
CA GLY A 271 46.61 30.86 -4.17
C GLY A 271 47.28 29.99 -5.21
N ARG A 272 46.45 29.24 -5.91
CA ARG A 272 46.93 28.22 -6.83
C ARG A 272 47.49 28.81 -8.13
N LYS A 273 48.33 28.02 -8.80
CA LYS A 273 48.89 28.37 -10.10
C LYS A 273 48.35 27.44 -11.18
N ALA A 274 47.80 28.03 -12.24
CA ALA A 274 47.30 27.27 -13.39
C ALA A 274 48.45 26.55 -14.06
N ASN A 275 48.25 25.28 -14.44
CA ASN A 275 49.34 24.47 -15.02
C ASN A 275 49.47 24.76 -16.52
N VAL A 276 49.98 25.94 -16.83
CA VAL A 276 50.15 26.36 -18.20
C VAL A 276 51.54 26.92 -18.43
N ASP A 277 52.42 26.79 -17.44
CA ASP A 277 53.77 27.30 -17.51
C ASP A 277 54.80 26.26 -17.96
N LYS A 278 54.42 24.99 -17.93
CA LYS A 278 55.33 23.91 -18.30
C LYS A 278 54.86 23.08 -19.49
N LEU A 279 54.02 23.69 -20.33
CA LEU A 279 53.41 23.00 -21.47
C LEU A 279 54.15 23.23 -22.78
N GLY A 280 55.24 23.99 -22.75
CA GLY A 280 55.90 24.39 -23.98
C GLY A 280 55.03 25.30 -24.82
N LEU A 281 54.30 26.22 -24.16
CA LEU A 281 53.44 27.16 -24.91
C LEU A 281 54.22 28.15 -25.79
N GLU A 282 55.52 28.29 -25.54
CA GLU A 282 56.40 29.16 -26.34
C GLU A 282 56.54 28.65 -27.76
N ASN A 283 56.17 27.40 -27.97
CA ASN A 283 56.23 26.79 -29.28
C ASN A 283 54.94 26.98 -30.07
N THR A 284 54.07 27.85 -29.55
CA THR A 284 52.81 28.24 -30.20
C THR A 284 52.65 29.77 -30.22
N SER A 285 51.70 30.26 -31.02
CA SER A 285 51.44 31.69 -31.08
C SER A 285 50.36 32.13 -30.08
N ILE A 286 50.02 31.27 -29.12
CA ILE A 286 48.99 31.58 -28.13
C ILE A 286 49.32 32.87 -27.36
N GLU A 287 48.41 33.85 -27.44
CA GLU A 287 48.58 35.12 -26.73
C GLU A 287 48.37 35.00 -25.22
N LEU A 288 49.30 35.62 -24.48
CA LEU A 288 49.38 35.50 -23.04
C LEU A 288 49.15 36.87 -22.44
N ASP A 289 48.62 36.92 -21.21
CA ASP A 289 48.55 38.20 -20.50
C ASP A 289 49.87 38.47 -19.78
N LYS A 290 49.97 39.62 -19.13
CA LYS A 290 51.20 40.02 -18.43
C LYS A 290 51.63 39.05 -17.31
N LYS A 291 50.71 38.21 -16.83
CA LYS A 291 51.07 37.17 -15.85
C LYS A 291 51.14 35.78 -16.51
N ASN A 292 51.29 35.80 -17.83
CA ASN A 292 51.48 34.61 -18.66
C ASN A 292 50.35 33.58 -18.62
N SER A 293 49.16 34.02 -18.24
CA SER A 293 47.94 33.23 -18.42
C SER A 293 47.49 33.40 -19.85
N PRO A 294 47.16 32.27 -20.52
CA PRO A 294 46.65 32.33 -21.88
C PRO A 294 45.36 33.12 -21.95
N LEU A 295 45.27 34.02 -22.91
CA LEU A 295 44.02 34.71 -23.20
C LEU A 295 43.09 33.72 -23.84
N PHE A 296 41.81 33.86 -23.53
CA PHE A 296 40.82 32.94 -24.08
C PHE A 296 39.44 33.56 -24.09
N ASP A 297 38.63 33.08 -25.01
CA ASP A 297 37.26 33.50 -25.13
C ASP A 297 36.44 32.75 -24.05
N GLU A 298 35.84 33.51 -23.13
CA GLU A 298 35.18 32.91 -21.96
C GLU A 298 33.95 32.10 -22.33
N LEU A 299 33.40 32.36 -23.52
CA LEU A 299 32.23 31.63 -23.98
C LEU A 299 32.56 30.38 -24.76
N THR A 300 33.57 30.46 -25.65
CA THR A 300 33.93 29.32 -26.51
C THR A 300 35.13 28.52 -25.95
N LEU A 301 35.81 29.12 -24.99
CA LEU A 301 37.05 28.60 -24.38
C LEU A 301 38.25 28.48 -25.34
N GLN A 302 38.14 29.09 -26.53
CA GLN A 302 39.27 29.18 -27.48
C GLN A 302 40.33 30.18 -27.03
N THR A 303 41.60 29.80 -27.17
CA THR A 303 42.70 30.78 -27.10
C THR A 303 42.73 31.58 -28.41
N SER A 304 43.75 32.43 -28.57
CA SER A 304 44.01 33.16 -29.81
C SER A 304 44.23 32.21 -31.00
N VAL A 305 44.70 31.00 -30.70
CA VAL A 305 44.78 29.93 -31.69
C VAL A 305 43.46 29.19 -31.61
N ASP A 306 42.70 29.21 -32.70
CA ASP A 306 41.27 28.91 -32.61
C ASP A 306 40.93 27.42 -32.45
N HIS A 307 41.93 26.56 -32.64
CA HIS A 307 41.76 25.14 -32.51
C HIS A 307 42.36 24.63 -31.21
N ILE A 308 42.79 25.56 -30.36
CA ILE A 308 43.33 25.22 -29.06
C ILE A 308 42.51 25.87 -27.93
N PHE A 309 41.99 25.04 -27.06
CA PHE A 309 41.04 25.44 -26.03
C PHE A 309 41.68 25.31 -24.67
N VAL A 310 41.14 26.03 -23.70
CA VAL A 310 41.63 25.91 -22.34
C VAL A 310 40.44 25.81 -21.37
N ALA A 311 40.45 24.74 -20.56
CA ALA A 311 39.26 24.29 -19.78
C ALA A 311 39.59 23.91 -18.34
N GLY A 312 38.68 24.23 -17.42
CA GLY A 312 38.85 23.92 -16.00
C GLY A 312 39.70 24.94 -15.26
N ASP A 313 40.41 24.49 -14.23
CA ASP A 313 41.24 25.42 -13.43
C ASP A 313 42.36 25.98 -14.31
N ALA A 314 42.71 25.23 -15.37
CA ALA A 314 43.76 25.65 -16.28
C ALA A 314 43.59 27.08 -16.82
N ASN A 315 42.36 27.51 -17.06
CA ASN A 315 42.13 28.88 -17.56
C ASN A 315 41.97 29.90 -16.44
N ASN A 316 42.23 29.47 -15.21
CA ASN A 316 42.28 30.35 -14.06
C ASN A 316 41.01 31.20 -13.83
N THR A 317 39.87 30.65 -14.26
CA THR A 317 38.58 31.37 -14.21
C THR A 317 37.51 30.38 -13.74
N LEU A 318 36.52 30.86 -12.96
CA LEU A 318 35.49 30.01 -12.31
C LEU A 318 36.08 28.69 -11.83
N THR A 319 37.03 28.79 -10.91
CA THR A 319 37.84 27.64 -10.54
C THR A 319 37.09 26.84 -9.47
N LEU A 320 36.00 26.22 -9.92
CA LEU A 320 35.10 25.50 -9.05
C LEU A 320 34.82 24.22 -9.83
N LEU A 321 34.44 23.16 -9.10
CA LEU A 321 34.23 21.84 -9.69
C LEU A 321 33.14 21.79 -10.77
N HIS A 322 31.93 22.22 -10.40
CA HIS A 322 30.85 22.18 -11.38
C HIS A 322 31.13 23.09 -12.55
N GLU A 323 31.91 24.17 -12.36
CA GLU A 323 32.27 25.01 -13.51
C GLU A 323 33.29 24.33 -14.41
N ALA A 324 34.26 23.63 -13.80
CA ALA A 324 35.15 22.76 -14.59
C ALA A 324 34.40 21.70 -15.42
N ALA A 325 33.33 21.10 -14.87
CA ALA A 325 32.50 20.17 -15.65
C ALA A 325 31.90 20.88 -16.88
N ASP A 326 31.30 22.04 -16.68
CA ASP A 326 30.77 22.81 -17.82
C ASP A 326 31.84 23.23 -18.83
N ASP A 327 32.99 23.64 -18.32
CA ASP A 327 34.17 23.92 -19.16
C ASP A 327 34.49 22.70 -20.05
N GLY A 328 34.51 21.50 -19.46
CA GLY A 328 34.84 20.27 -20.22
C GLY A 328 33.82 20.04 -21.33
N LYS A 329 32.55 20.24 -20.99
CA LYS A 329 31.46 20.21 -21.96
C LYS A 329 31.64 21.25 -23.11
N VAL A 330 31.97 22.50 -22.79
CA VAL A 330 32.10 23.51 -23.84
C VAL A 330 33.30 23.18 -24.71
N ALA A 331 34.44 22.90 -24.08
CA ALA A 331 35.67 22.67 -24.80
C ALA A 331 35.63 21.40 -25.66
N GLY A 332 35.11 20.31 -25.09
CA GLY A 332 34.93 19.04 -25.82
C GLY A 332 34.01 19.15 -27.02
N THR A 333 32.91 19.88 -26.86
CA THR A 333 31.96 20.05 -27.96
C THR A 333 32.59 20.84 -29.09
N ASN A 334 33.27 21.93 -28.74
CA ASN A 334 33.85 22.81 -29.71
C ASN A 334 35.07 22.17 -30.36
N ALA A 335 35.90 21.50 -29.56
CA ALA A 335 37.01 20.73 -30.15
C ALA A 335 36.47 19.57 -31.03
N GLY A 336 35.48 18.85 -30.54
CA GLY A 336 34.89 17.78 -31.32
C GLY A 336 34.26 18.23 -32.63
N ALA A 337 33.51 19.33 -32.61
CA ALA A 337 32.77 19.77 -33.83
C ALA A 337 33.46 20.87 -34.67
N TYR A 338 34.65 21.29 -34.27
CA TYR A 338 35.42 22.29 -35.01
C TYR A 338 35.44 21.94 -36.50
N PRO A 339 35.24 22.94 -37.40
CA PRO A 339 35.23 24.40 -37.17
C PRO A 339 33.88 25.01 -36.73
N VAL A 340 32.89 24.14 -36.50
CA VAL A 340 31.59 24.58 -36.00
C VAL A 340 31.76 24.85 -34.50
N ILE A 341 31.66 26.13 -34.13
CA ILE A 341 31.94 26.59 -32.77
C ILE A 341 30.68 27.17 -32.14
N ALA A 342 30.46 26.86 -30.86
CA ALA A 342 29.31 27.38 -30.14
C ALA A 342 29.70 28.10 -28.84
N GLN A 343 28.82 28.99 -28.38
CA GLN A 343 29.06 29.70 -27.14
C GLN A 343 28.28 29.01 -26.03
N GLY A 344 29.00 28.63 -24.98
CA GLY A 344 28.39 28.08 -23.78
C GLY A 344 27.56 29.16 -23.10
N GLN A 345 26.39 28.76 -22.63
CA GLN A 345 25.54 29.64 -21.87
C GLN A 345 25.75 29.24 -20.40
N ARG A 346 26.54 30.04 -19.68
CA ARG A 346 27.00 29.64 -18.35
C ARG A 346 25.83 29.66 -17.34
N ARG A 347 25.87 28.78 -16.35
CA ARG A 347 24.92 28.84 -15.26
C ARG A 347 25.20 30.11 -14.42
N ALA A 348 24.18 30.59 -13.71
CA ALA A 348 24.32 31.69 -12.77
C ALA A 348 25.43 31.36 -11.79
N PRO A 349 26.39 32.30 -11.59
CA PRO A 349 27.50 32.07 -10.66
C PRO A 349 27.03 31.63 -9.26
N LEU A 350 27.74 30.64 -8.74
CA LEU A 350 27.54 30.12 -7.39
C LEU A 350 28.91 29.64 -6.90
N SER A 351 29.39 30.20 -5.79
CA SER A 351 30.53 29.63 -5.07
C SER A 351 30.22 29.57 -3.58
N VAL A 352 30.77 28.56 -2.90
CA VAL A 352 30.50 28.32 -1.49
C VAL A 352 31.79 28.08 -0.74
N VAL A 353 31.90 28.65 0.45
CA VAL A 353 33.02 28.34 1.32
C VAL A 353 32.43 27.60 2.52
N PHE A 354 32.96 26.43 2.83
CA PHE A 354 32.35 25.53 3.80
C PHE A 354 32.90 25.71 5.21
N THR A 355 32.97 26.96 5.65
CA THR A 355 33.27 27.28 7.04
C THR A 355 31.95 27.26 7.82
N GLU A 356 32.01 27.49 9.13
CA GLU A 356 30.81 27.79 9.92
C GLU A 356 30.99 29.13 10.62
N PRO A 357 30.10 30.09 10.34
CA PRO A 357 29.02 30.06 9.35
C PRO A 357 29.59 29.89 7.91
N GLN A 358 28.74 29.48 6.98
CA GLN A 358 29.18 29.29 5.57
C GLN A 358 29.22 30.60 4.80
N VAL A 359 29.95 30.61 3.69
CA VAL A 359 29.92 31.74 2.78
C VAL A 359 29.29 31.28 1.48
N ALA A 360 28.39 32.08 0.90
CA ALA A 360 27.96 31.89 -0.48
C ALA A 360 27.97 33.21 -1.24
N SER A 361 28.45 33.17 -2.49
CA SER A 361 28.27 34.27 -3.45
C SER A 361 27.54 33.78 -4.70
N VAL A 362 26.60 34.60 -5.17
CA VAL A 362 25.62 34.22 -6.14
C VAL A 362 25.48 35.33 -7.19
N GLY A 363 25.38 34.94 -8.46
CA GLY A 363 25.18 35.90 -9.53
C GLY A 363 26.34 36.85 -9.70
N LEU A 364 26.03 38.08 -10.09
CA LEU A 364 27.05 39.09 -10.32
C LEU A 364 27.72 39.41 -8.98
N SER A 365 29.04 39.54 -8.99
CA SER A 365 29.74 40.00 -7.79
C SER A 365 29.43 41.49 -7.64
N LEU A 366 29.70 42.01 -6.44
CA LEU A 366 29.63 43.43 -6.16
C LEU A 366 30.49 44.24 -7.16
N ARG A 367 31.71 43.79 -7.44
CA ARG A 367 32.56 44.49 -8.41
C ARG A 367 31.90 44.57 -9.78
N GLN A 368 31.26 43.47 -10.19
CA GLN A 368 30.62 43.37 -11.49
C GLN A 368 29.37 44.23 -11.56
N ILE A 369 28.75 44.45 -10.41
CA ILE A 369 27.57 45.29 -10.35
C ILE A 369 28.00 46.76 -10.46
N GLU A 370 29.03 47.13 -9.71
CA GLU A 370 29.55 48.49 -9.69
C GLU A 370 30.06 48.88 -11.08
N ASP A 371 30.64 47.90 -11.77
CA ASP A 371 31.06 48.08 -13.17
C ASP A 371 29.85 48.37 -14.04
N LEU A 372 28.83 47.51 -13.94
CA LEU A 372 27.67 47.55 -14.84
C LEU A 372 27.00 48.92 -14.91
N TYR A 373 27.08 49.67 -13.82
CA TYR A 373 26.39 50.97 -13.79
C TYR A 373 27.28 52.16 -14.18
N ALA A 374 26.96 52.75 -15.34
CA ALA A 374 27.69 53.87 -15.92
C ALA A 374 27.95 54.96 -14.87
N ASP A 375 26.89 55.30 -14.14
CA ASP A 375 26.89 56.34 -13.11
C ASP A 375 26.75 55.73 -11.69
N GLN A 376 27.88 55.28 -11.13
CA GLN A 376 27.90 54.72 -9.76
C GLN A 376 27.46 55.71 -8.68
N ASP A 377 27.46 57.00 -9.03
CA ASP A 377 26.88 58.04 -8.19
C ASP A 377 25.34 57.95 -8.15
N ALA A 378 24.70 58.02 -9.33
CA ALA A 378 23.23 57.99 -9.45
C ALA A 378 22.56 56.76 -8.81
N ALA A 379 23.37 55.82 -8.30
CA ALA A 379 22.91 54.67 -7.51
C ALA A 379 21.65 54.01 -8.12
N ASN A 380 21.88 53.11 -9.08
CA ASN A 380 20.78 52.51 -9.83
C ASN A 380 20.59 51.05 -9.42
N TYR A 381 21.23 50.65 -8.33
CA TYR A 381 20.96 49.36 -7.71
C TYR A 381 20.73 49.54 -6.22
N VAL A 382 20.01 48.61 -5.60
CA VAL A 382 19.72 48.68 -4.16
C VAL A 382 20.29 47.46 -3.45
N VAL A 383 20.43 47.58 -2.13
CA VAL A 383 20.91 46.49 -1.31
C VAL A 383 19.86 46.20 -0.25
N GLY A 384 19.36 44.97 -0.23
CA GLY A 384 18.52 44.50 0.85
C GLY A 384 19.37 43.68 1.80
N GLN A 385 19.21 43.91 3.09
CA GLN A 385 20.09 43.31 4.09
C GLN A 385 19.33 42.64 5.24
N VAL A 386 19.93 41.58 5.79
CA VAL A 386 19.44 40.91 7.00
C VAL A 386 20.64 40.47 7.84
N SER A 387 20.46 40.52 9.15
CA SER A 387 21.39 39.97 10.12
C SER A 387 20.78 38.68 10.62
N PHE A 388 21.58 37.62 10.63
CA PHE A 388 21.11 36.35 11.15
C PHE A 388 21.10 36.29 12.68
N GLU A 389 21.53 37.38 13.33
CA GLU A 389 21.57 37.43 14.80
C GLU A 389 20.19 37.46 15.45
N GLY A 390 19.23 38.09 14.78
CA GLY A 390 17.87 38.17 15.29
C GLY A 390 16.94 37.25 14.52
N GLN A 391 17.48 36.38 13.68
CA GLN A 391 16.67 35.53 12.82
C GLN A 391 16.19 34.29 13.61
N GLY A 392 14.86 34.16 13.72
CA GLY A 392 14.24 33.22 14.65
C GLY A 392 14.77 31.78 14.62
N ARG A 393 14.62 31.11 13.48
CA ARG A 393 15.10 29.74 13.36
C ARG A 393 16.58 29.62 13.67
N SER A 394 17.38 30.53 13.13
CA SER A 394 18.82 30.52 13.40
C SER A 394 19.07 30.58 14.92
N ARG A 395 18.32 31.43 15.61
CA ARG A 395 18.43 31.56 17.09
C ARG A 395 18.04 30.26 17.79
N VAL A 396 16.92 29.69 17.38
CA VAL A 396 16.45 28.41 17.94
C VAL A 396 17.59 27.37 17.93
N MSE A 397 18.32 27.33 16.82
CA MSE A 397 19.42 26.39 16.59
C MSE A 397 20.75 26.82 17.19
O MSE A 397 21.70 26.07 17.17
CB MSE A 397 19.61 26.15 15.09
CG MSE A 397 18.44 25.45 14.43
SE MSE A 397 18.74 25.18 12.51
CE MSE A 397 19.24 26.93 12.01
N GLY A 398 20.82 28.04 17.73
CA GLY A 398 22.08 28.51 18.29
C GLY A 398 23.08 28.79 17.19
N LYS A 399 22.56 29.10 16.00
CA LYS A 399 23.35 29.40 14.81
C LYS A 399 23.15 30.84 14.30
N ASN A 400 22.77 31.75 15.19
CA ASN A 400 22.35 33.08 14.82
C ASN A 400 23.54 34.06 14.73
N LYS A 401 24.38 33.84 13.72
CA LYS A 401 25.45 34.77 13.39
C LYS A 401 25.42 34.87 11.88
N GLY A 402 25.72 36.05 11.35
CA GLY A 402 25.86 36.18 9.90
C GLY A 402 25.12 37.36 9.35
N LEU A 403 25.27 37.56 8.05
CA LEU A 403 24.66 38.66 7.33
C LEU A 403 24.41 38.15 5.92
N LEU A 404 23.46 38.78 5.23
CA LEU A 404 23.17 38.45 3.85
C LEU A 404 22.79 39.74 3.16
N ASN A 405 23.49 40.05 2.07
CA ASN A 405 23.13 41.16 1.18
C ASN A 405 22.60 40.61 -0.14
N VAL A 406 21.47 41.14 -0.60
CA VAL A 406 20.97 40.84 -1.93
C VAL A 406 21.01 42.11 -2.78
N TYR A 407 21.39 41.98 -4.05
CA TYR A 407 21.50 43.17 -4.93
C TYR A 407 20.43 43.15 -6.00
N ALA A 408 19.86 44.32 -6.28
CA ALA A 408 18.76 44.43 -7.24
C ALA A 408 18.82 45.74 -8.01
N ASP A 409 18.44 45.71 -9.29
CA ASP A 409 18.33 46.94 -10.09
C ASP A 409 17.19 47.79 -9.51
N ARG A 410 17.44 49.08 -9.32
CA ARG A 410 16.47 49.97 -8.67
C ARG A 410 15.19 50.18 -9.48
N THR A 411 15.30 50.22 -10.80
CA THR A 411 14.13 50.48 -11.67
C THR A 411 13.25 49.23 -11.82
N SER A 412 13.91 48.09 -12.06
CA SER A 412 13.18 46.89 -12.47
C SER A 412 12.99 45.94 -11.31
N GLY A 413 13.84 46.05 -10.29
CA GLY A 413 13.91 45.05 -9.23
C GLY A 413 14.54 43.71 -9.63
N GLU A 414 15.19 43.69 -10.80
CA GLU A 414 15.92 42.52 -11.23
C GLU A 414 16.92 42.13 -10.15
N PHE A 415 16.86 40.88 -9.74
CA PHE A 415 17.81 40.36 -8.77
C PHE A 415 19.14 40.14 -9.47
N LEU A 416 20.17 40.80 -8.95
CA LEU A 416 21.48 40.86 -9.62
C LEU A 416 22.50 39.82 -9.10
N GLY A 417 22.52 39.63 -7.78
CA GLY A 417 23.50 38.79 -7.10
C GLY A 417 23.42 38.97 -5.58
N ALA A 418 24.18 38.16 -4.84
CA ALA A 418 24.12 38.16 -3.38
C ALA A 418 25.45 37.74 -2.75
N GLU A 419 25.65 38.13 -1.49
CA GLU A 419 26.74 37.61 -0.68
C GLU A 419 26.12 37.24 0.65
N MSE A 420 26.49 36.05 1.16
CA MSE A 420 25.97 35.62 2.42
C MSE A 420 27.08 35.03 3.30
O MSE A 420 27.94 34.30 2.81
CB MSE A 420 24.86 34.57 2.24
CG MSE A 420 24.31 33.98 3.55
SE MSE A 420 22.68 32.98 3.21
CE MSE A 420 22.45 32.08 4.95
N PHE A 421 27.02 35.37 4.58
CA PHE A 421 27.79 34.69 5.60
C PHE A 421 26.76 34.27 6.63
N GLY A 422 26.43 32.98 6.69
CA GLY A 422 25.34 32.58 7.56
C GLY A 422 25.09 31.09 7.57
N PRO A 423 24.24 30.62 8.49
CA PRO A 423 23.89 29.21 8.48
C PRO A 423 23.24 28.78 7.15
N ALA A 424 23.58 27.57 6.68
CA ALA A 424 22.94 26.97 5.49
C ALA A 424 23.09 27.86 4.22
N ALA A 425 24.16 28.65 4.19
CA ALA A 425 24.42 29.48 3.01
C ALA A 425 24.53 28.63 1.72
N GLU A 426 25.05 27.40 1.82
CA GLU A 426 25.13 26.52 0.66
C GLU A 426 23.77 26.27 0.01
N HIS A 427 22.75 26.14 0.85
CA HIS A 427 21.42 25.83 0.38
C HIS A 427 20.69 27.05 -0.08
N ILE A 428 20.81 28.14 0.67
CA ILE A 428 20.23 29.43 0.24
C ILE A 428 20.95 29.88 -1.04
N GLY A 429 22.26 29.61 -1.13
CA GLY A 429 23.03 29.93 -2.33
C GLY A 429 22.41 29.28 -3.58
N HIS A 430 21.99 28.03 -3.47
CA HIS A 430 21.31 27.37 -4.60
C HIS A 430 19.98 28.05 -4.94
N LEU A 431 19.21 28.37 -3.93
CA LEU A 431 17.88 28.94 -4.13
C LEU A 431 18.07 30.26 -4.87
N LEU A 432 19.03 31.06 -4.39
CA LEU A 432 19.33 32.33 -5.02
C LEU A 432 19.89 32.20 -6.44
N ALA A 433 20.75 31.20 -6.67
CA ALA A 433 21.35 31.02 -8.00
C ALA A 433 20.34 30.56 -9.05
N TRP A 434 19.43 29.67 -8.65
CA TRP A 434 18.32 29.32 -9.54
C TRP A 434 17.45 30.56 -9.84
N ALA A 435 17.22 31.40 -8.84
CA ALA A 435 16.37 32.59 -9.06
C ALA A 435 17.04 33.53 -10.05
N ARG A 436 18.35 33.69 -9.90
CA ARG A 436 19.15 34.53 -10.78
C ARG A 436 19.14 34.02 -12.22
N GLN A 437 19.41 32.72 -12.41
CA GLN A 437 19.37 32.15 -13.77
C GLN A 437 17.99 32.31 -14.44
N GLN A 438 16.92 32.21 -13.66
CA GLN A 438 15.61 32.48 -14.19
C GLN A 438 15.22 33.94 -14.27
N GLN A 439 16.18 34.83 -14.04
CA GLN A 439 16.00 36.27 -14.25
C GLN A 439 14.87 36.86 -13.41
N MSE A 440 14.72 36.36 -12.19
CA MSE A 440 13.67 36.84 -11.29
C MSE A 440 13.92 38.24 -10.75
O MSE A 440 15.06 38.69 -10.60
CB MSE A 440 13.49 35.87 -10.12
CG MSE A 440 12.96 34.53 -10.56
SE MSE A 440 12.64 33.30 -9.08
CE MSE A 440 10.81 33.85 -8.65
N THR A 441 12.82 38.95 -10.52
CA THR A 441 12.83 40.19 -9.78
C THR A 441 12.68 39.86 -8.29
N VAL A 442 13.03 40.80 -7.43
CA VAL A 442 12.84 40.67 -6.00
C VAL A 442 11.34 40.59 -5.63
N GLN A 443 10.51 41.37 -6.32
CA GLN A 443 9.04 41.35 -6.16
C GLN A 443 8.50 39.96 -6.39
N ALA A 444 8.93 39.33 -7.48
CA ALA A 444 8.48 38.00 -7.80
C ALA A 444 8.99 36.99 -6.76
N MSE A 445 10.24 37.14 -6.31
CA MSE A 445 10.83 36.19 -5.32
C MSE A 445 10.06 36.20 -4.00
O MSE A 445 9.91 35.15 -3.37
CB MSE A 445 12.33 36.46 -5.08
CG MSE A 445 13.18 36.09 -6.28
SE MSE A 445 14.90 37.01 -6.38
CE MSE A 445 15.88 35.91 -5.13
N LEU A 446 9.54 37.37 -3.63
CA LEU A 446 8.68 37.52 -2.44
C LEU A 446 7.29 36.86 -2.58
N THR A 447 6.85 36.55 -3.79
CA THR A 447 5.61 35.74 -3.99
C THR A 447 5.78 34.21 -3.79
N MSE A 448 7.05 33.79 -3.73
CA MSE A 448 7.45 32.39 -3.52
C MSE A 448 7.14 31.91 -2.12
O MSE A 448 6.97 32.70 -1.18
CB MSE A 448 8.97 32.26 -3.78
CG MSE A 448 9.43 32.59 -5.21
SE MSE A 448 8.74 31.34 -6.56
CE MSE A 448 7.54 32.51 -7.63
N PRO A 449 7.07 30.57 -1.96
CA PRO A 449 6.84 30.11 -0.61
C PRO A 449 8.07 30.15 0.31
N PHE A 450 7.83 30.64 1.52
CA PHE A 450 8.78 30.74 2.61
C PHE A 450 8.09 30.05 3.76
N TYR A 451 8.61 28.89 4.15
CA TYR A 451 8.03 28.10 5.23
C TYR A 451 8.32 28.79 6.56
N HIS A 452 7.75 28.27 7.64
CA HIS A 452 8.01 28.75 9.01
C HIS A 452 8.17 27.55 9.93
N PRO A 453 9.18 27.58 10.83
CA PRO A 453 10.26 28.57 10.98
C PRO A 453 11.57 28.12 10.33
N VAL A 454 12.09 28.90 9.37
CA VAL A 454 13.25 28.48 8.59
C VAL A 454 14.26 29.61 8.33
N ILE A 455 15.48 29.20 7.99
CA ILE A 455 16.53 30.16 7.65
C ILE A 455 16.16 31.02 6.44
N GLU A 456 15.44 30.47 5.47
CA GLU A 456 15.05 31.28 4.28
C GLU A 456 14.12 32.43 4.59
N GLU A 457 13.55 32.46 5.79
CA GLU A 457 12.80 33.63 6.23
C GLU A 457 13.70 34.84 6.39
N GLY A 458 14.99 34.62 6.69
CA GLY A 458 15.98 35.71 6.64
C GLY A 458 16.15 36.30 5.23
N LEU A 459 16.11 35.45 4.21
CA LEU A 459 16.14 35.92 2.82
C LEU A 459 14.89 36.78 2.57
N ARG A 460 13.74 36.36 3.14
CA ARG A 460 12.55 37.18 2.94
C ARG A 460 12.77 38.61 3.48
N THR A 461 13.40 38.70 4.65
CA THR A 461 13.67 39.99 5.26
C THR A 461 14.54 40.84 4.36
N ALA A 462 15.61 40.24 3.87
CA ALA A 462 16.53 40.94 2.98
C ALA A 462 15.85 41.40 1.68
N LEU A 463 14.97 40.56 1.12
CA LEU A 463 14.26 40.87 -0.12
C LEU A 463 13.27 42.02 0.08
N ARG A 464 12.55 42.00 1.20
CA ARG A 464 11.71 43.14 1.57
C ARG A 464 12.53 44.43 1.68
N ASP A 465 13.73 44.33 2.24
CA ASP A 465 14.58 45.53 2.43
C ASP A 465 14.99 46.12 1.08
N ALA A 466 15.33 45.25 0.14
CA ALA A 466 15.62 45.70 -1.23
C ALA A 466 14.36 46.29 -1.84
N GLN A 467 13.24 45.58 -1.71
CA GLN A 467 12.00 45.97 -2.38
C GLN A 467 11.48 47.34 -1.95
N GLN A 468 11.52 47.62 -0.64
CA GLN A 468 11.08 48.90 -0.10
C GLN A 468 11.86 50.05 -0.77
N LYS A 469 13.06 49.74 -1.25
CA LYS A 469 13.95 50.74 -1.79
C LYS A 469 13.76 50.96 -3.29
N LEU A 470 12.94 50.13 -3.92
CA LEU A 470 12.75 50.20 -5.40
C LEU A 470 11.97 51.44 -5.84
N ALA A 471 12.11 51.78 -7.13
CA ALA A 471 11.35 52.87 -7.76
C ALA A 471 10.07 52.39 -8.46
N ILE A 472 9.68 51.15 -8.22
CA ILE A 472 8.40 50.60 -8.69
C ILE A 472 7.29 51.18 -7.79
N GLU A 473 6.05 51.18 -8.28
CA GLU A 473 4.91 51.72 -7.52
C GLU A 473 4.69 50.99 -6.18
N LYS A 474 4.81 51.76 -5.09
CA LYS A 474 4.83 51.25 -3.72
C LYS A 474 3.76 50.23 -3.36
N HIS A 475 2.52 50.49 -3.78
CA HIS A 475 1.44 49.54 -3.55
C HIS A 475 0.96 48.90 -4.85
N ASP A 476 1.93 48.63 -5.73
CA ASP A 476 1.73 47.79 -6.91
C ASP A 476 2.78 46.69 -6.93
N MSE A 477 3.22 46.28 -5.74
CA MSE A 477 3.91 45.01 -5.53
C MSE A 477 3.41 44.35 -4.24
O MSE A 477 3.92 44.60 -3.14
CB MSE A 477 5.43 45.17 -5.49
CG MSE A 477 6.03 46.04 -6.57
SE MSE A 477 7.68 46.85 -5.94
CE MSE A 477 7.05 47.85 -4.36
N ASN A 478 2.39 43.52 -4.39
CA ASN A 478 1.87 42.70 -3.32
C ASN A 478 2.75 41.45 -3.22
N GLU A 479 2.85 40.87 -2.02
CA GLU A 479 3.62 39.63 -1.82
C GLU A 479 2.77 38.41 -2.16
N PHE A 480 1.45 38.63 -2.18
CA PHE A 480 0.49 37.59 -2.45
C PHE A 480 -0.50 38.08 -3.50
N ILE A 481 -0.71 37.27 -4.53
CA ILE A 481 -1.52 37.65 -5.70
C ILE A 481 -2.96 37.12 -5.62
N MSE A 482 -3.92 37.98 -5.97
CA MSE A 482 -5.35 37.61 -6.02
C MSE A 482 -5.96 38.02 -7.34
O MSE A 482 -5.69 39.12 -7.84
CB MSE A 482 -6.09 38.26 -4.86
CG MSE A 482 -5.46 37.90 -3.52
SE MSE A 482 -6.52 38.30 -1.99
CE MSE A 482 -8.02 37.09 -2.30
N THR A 483 -6.77 37.14 -7.93
CA THR A 483 -7.30 37.37 -9.27
C THR A 483 -8.81 37.58 -9.26
N HIS A 484 -9.29 38.34 -10.24
CA HIS A 484 -10.67 38.84 -10.23
C HIS A 484 -11.26 38.83 -11.63
N MSE B 4 -25.95 45.03 27.83
CA MSE B 4 -24.98 44.48 26.84
C MSE B 4 -24.66 45.46 25.73
O MSE B 4 -25.56 45.96 25.05
CB MSE B 4 -25.50 43.17 26.24
CG MSE B 4 -24.45 42.34 25.49
SE MSE B 4 -24.81 40.42 25.61
CE MSE B 4 -26.74 40.44 25.20
N LYS B 5 -23.37 45.75 25.53
CA LYS B 5 -23.00 46.74 24.53
C LYS B 5 -23.02 46.14 23.11
N VAL B 6 -23.60 46.91 22.20
CA VAL B 6 -23.74 46.52 20.80
C VAL B 6 -22.82 47.36 19.93
N ILE B 7 -22.06 46.71 19.06
CA ILE B 7 -21.24 47.46 18.10
C ILE B 7 -21.41 46.97 16.68
N ASN B 8 -21.43 47.94 15.76
CA ASN B 8 -21.45 47.66 14.33
C ASN B 8 -20.09 47.76 13.66
N VAL B 9 -19.74 46.72 12.91
CA VAL B 9 -18.48 46.70 12.16
C VAL B 9 -18.75 46.20 10.75
N ASP B 10 -17.84 46.52 9.82
CA ASP B 10 -17.89 45.92 8.48
C ASP B 10 -17.34 44.51 8.53
N VAL B 11 -16.26 44.33 9.31
CA VAL B 11 -15.56 43.08 9.44
C VAL B 11 -15.33 42.68 10.93
N ALA B 12 -15.79 41.49 11.28
CA ALA B 12 -15.45 40.86 12.55
C ALA B 12 -14.62 39.62 12.31
N ILE B 13 -13.46 39.56 12.95
CA ILE B 13 -12.57 38.39 12.86
C ILE B 13 -12.53 37.61 14.17
N ILE B 14 -13.01 36.39 14.15
CA ILE B 14 -13.00 35.55 15.33
C ILE B 14 -11.67 34.80 15.42
N GLY B 15 -10.81 35.22 16.36
CA GLY B 15 -9.50 34.62 16.55
C GLY B 15 -8.36 35.56 16.20
N THR B 16 -7.52 35.83 17.19
CA THR B 16 -6.35 36.70 16.99
C THR B 16 -5.07 35.86 16.91
N GLY B 17 -5.08 34.86 16.03
CA GLY B 17 -3.86 34.06 15.75
C GLY B 17 -3.18 34.55 14.47
N THR B 18 -2.46 33.65 13.82
CA THR B 18 -1.79 33.98 12.58
C THR B 18 -2.76 34.40 11.48
N ALA B 19 -3.76 33.55 11.18
CA ALA B 19 -4.75 33.86 10.18
C ALA B 19 -5.51 35.13 10.53
N GLY B 20 -5.90 35.26 11.80
CA GLY B 20 -6.72 36.38 12.22
C GLY B 20 -6.00 37.72 12.15
N MSE B 21 -4.75 37.74 12.59
CA MSE B 21 -3.97 38.98 12.57
C MSE B 21 -3.67 39.38 11.12
O MSE B 21 -3.73 40.56 10.76
CB MSE B 21 -2.71 38.81 13.41
CG MSE B 21 -2.95 38.87 14.93
SE MSE B 21 -1.34 38.31 15.86
CE MSE B 21 -0.38 40.07 15.74
N GLY B 22 -3.39 38.38 10.29
CA GLY B 22 -3.23 38.61 8.85
C GLY B 22 -4.51 39.17 8.25
N ALA B 23 -5.65 38.56 8.59
CA ALA B 23 -6.96 39.04 8.10
C ALA B 23 -7.22 40.48 8.47
N TYR B 24 -6.88 40.86 9.70
CA TYR B 24 -7.07 42.21 10.22
C TYR B 24 -6.28 43.28 9.43
N ARG B 25 -4.98 43.04 9.24
CA ARG B 25 -4.15 43.98 8.49
C ARG B 25 -4.64 44.16 7.04
N ALA B 26 -5.02 43.05 6.41
CA ALA B 26 -5.56 43.06 5.05
C ALA B 26 -6.89 43.82 4.96
N ALA B 27 -7.78 43.56 5.91
CA ALA B 27 -9.14 44.13 5.90
C ALA B 27 -9.13 45.62 6.21
N LYS B 28 -8.18 46.04 7.06
CA LYS B 28 -8.02 47.46 7.41
C LYS B 28 -7.61 48.31 6.21
N LYS B 29 -6.99 47.72 5.19
CA LYS B 29 -6.66 48.52 4.00
C LYS B 29 -7.94 48.91 3.25
N HIS B 30 -9.02 48.17 3.46
CA HIS B 30 -10.26 48.42 2.70
C HIS B 30 -11.29 49.18 3.52
N THR B 31 -11.23 48.99 4.83
CA THR B 31 -12.21 49.59 5.74
C THR B 31 -11.61 49.79 7.13
N ASP B 32 -11.91 50.93 7.76
CA ASP B 32 -11.51 51.18 9.15
C ASP B 32 -12.23 50.30 10.19
N LYS B 33 -13.41 49.80 9.85
CA LYS B 33 -14.33 49.19 10.81
C LYS B 33 -14.14 47.69 10.91
N VAL B 34 -13.07 47.32 11.61
CA VAL B 34 -12.68 45.92 11.77
C VAL B 34 -12.41 45.65 13.25
N VAL B 35 -13.02 44.59 13.79
CA VAL B 35 -12.73 44.17 15.16
C VAL B 35 -12.07 42.79 15.14
N LEU B 36 -11.12 42.59 16.05
CA LEU B 36 -10.48 41.28 16.30
C LEU B 36 -10.91 40.78 17.68
N ILE B 37 -11.47 39.56 17.71
CA ILE B 37 -11.94 38.98 18.97
C ILE B 37 -11.05 37.82 19.39
N GLU B 38 -10.73 37.76 20.68
CA GLU B 38 -9.80 36.73 21.19
C GLU B 38 -10.22 36.23 22.57
N GLY B 39 -10.54 34.95 22.66
CA GLY B 39 -11.01 34.37 23.91
C GLY B 39 -9.90 33.89 24.86
N GLY B 40 -8.74 33.57 24.28
CA GLY B 40 -7.61 33.02 25.04
C GLY B 40 -6.41 33.95 25.12
N ALA B 41 -5.22 33.38 25.26
CA ALA B 41 -4.02 34.19 25.32
C ALA B 41 -3.55 34.64 23.93
N TYR B 42 -3.13 35.90 23.86
CA TYR B 42 -2.53 36.43 22.64
C TYR B 42 -1.17 35.79 22.46
N GLY B 43 -0.65 35.82 21.24
CA GLY B 43 0.69 35.30 20.98
C GLY B 43 0.76 34.35 19.79
N THR B 44 -0.42 33.89 19.32
CA THR B 44 -0.63 32.87 18.26
C THR B 44 -0.24 31.49 18.80
N THR B 45 -0.91 30.45 18.29
CA THR B 45 -0.57 29.08 18.66
C THR B 45 0.87 28.69 18.26
N CYS B 46 1.31 29.20 17.11
CA CYS B 46 2.64 28.94 16.59
C CYS B 46 3.74 29.33 17.55
N ALA B 47 3.77 30.60 17.97
CA ALA B 47 4.79 31.04 18.91
C ALA B 47 4.54 30.45 20.32
N ARG B 48 3.27 30.24 20.70
CA ARG B 48 2.97 29.84 22.09
C ARG B 48 3.31 28.37 22.39
N VAL B 49 2.75 27.46 21.61
CA VAL B 49 2.70 26.02 21.89
C VAL B 49 2.77 25.21 20.58
N GLY B 50 3.30 25.85 19.53
CA GLY B 50 3.30 25.25 18.20
C GLY B 50 4.70 25.09 17.63
N CYS B 51 4.89 25.71 16.46
CA CYS B 51 6.15 25.70 15.73
C CYS B 51 7.37 26.00 16.59
N MSE B 52 7.28 27.08 17.37
CA MSE B 52 8.45 27.60 18.06
C MSE B 52 8.99 26.69 19.18
O MSE B 52 10.13 26.28 19.11
CB MSE B 52 8.23 29.04 18.56
CG MSE B 52 8.10 30.12 17.47
SE MSE B 52 9.09 29.84 15.76
CE MSE B 52 10.91 29.90 16.39
N PRO B 53 8.16 26.37 20.19
CA PRO B 53 8.69 25.43 21.19
C PRO B 53 9.04 24.04 20.62
N SER B 54 8.24 23.55 19.69
CA SER B 54 8.53 22.25 19.08
C SER B 54 9.90 22.28 18.38
N LYS B 55 10.16 23.28 17.54
CA LYS B 55 11.52 23.44 16.94
C LYS B 55 12.61 23.65 17.99
N LEU B 56 12.29 24.29 19.12
CA LEU B 56 13.27 24.49 20.19
C LEU B 56 13.64 23.15 20.81
N LEU B 57 12.61 22.31 21.02
CA LEU B 57 12.79 20.98 21.57
C LEU B 57 13.67 20.15 20.65
N ILE B 58 13.34 20.20 19.37
CA ILE B 58 14.08 19.48 18.33
C ILE B 58 15.56 19.90 18.28
N ALA B 59 15.83 21.20 18.34
CA ALA B 59 17.22 21.69 18.33
C ALA B 59 18.04 21.11 19.47
N ALA B 60 17.44 21.00 20.66
CA ALA B 60 18.12 20.43 21.84
C ALA B 60 18.35 18.95 21.60
N ALA B 61 17.33 18.28 21.07
CA ALA B 61 17.36 16.85 20.82
C ALA B 61 18.44 16.51 19.79
N ASP B 62 18.54 17.30 18.74
CA ASP B 62 19.55 16.97 17.75
CA ASP B 62 19.55 17.07 17.72
C ASP B 62 20.98 17.28 18.22
N ALA B 63 21.16 18.33 19.05
CA ALA B 63 22.46 18.58 19.71
C ALA B 63 22.87 17.40 20.58
N SER B 64 21.93 16.88 21.36
CA SER B 64 22.19 15.77 22.24
C SER B 64 22.49 14.49 21.45
N TYR B 65 21.63 14.19 20.49
CA TYR B 65 21.79 12.98 19.67
C TYR B 65 23.07 12.98 18.85
N HIS B 66 23.34 14.07 18.14
CA HIS B 66 24.56 14.10 17.32
C HIS B 66 25.79 13.97 18.18
N ALA B 67 25.72 14.38 19.45
CA ALA B 67 26.91 14.27 20.30
C ALA B 67 27.21 12.81 20.55
N SER B 68 26.21 11.96 20.49
CA SER B 68 26.43 10.52 20.68
C SER B 68 26.78 9.76 19.39
N GLN B 69 26.81 10.46 18.25
CA GLN B 69 27.05 9.80 16.95
C GLN B 69 28.37 10.21 16.26
N THR B 70 29.35 10.66 17.03
CA THR B 70 30.61 11.13 16.48
C THR B 70 31.63 10.04 16.19
N ASP B 71 31.39 8.80 16.63
CA ASP B 71 32.42 7.77 16.48
CA ASP B 71 32.31 7.65 16.45
C ASP B 71 32.76 7.47 15.01
N LEU B 72 31.79 7.55 14.12
CA LEU B 72 32.02 7.39 12.69
C LEU B 72 33.19 8.30 12.27
N PHE B 73 33.27 9.48 12.86
CA PHE B 73 34.30 10.44 12.46
C PHE B 73 35.65 10.27 13.12
N GLY B 74 35.70 9.44 14.16
CA GLY B 74 36.93 9.17 14.88
C GLY B 74 36.99 9.94 16.19
N ILE B 75 35.84 10.36 16.67
CA ILE B 75 35.78 11.11 17.91
C ILE B 75 34.93 10.38 18.96
N GLN B 76 35.40 10.37 20.20
CA GLN B 76 34.58 9.77 21.27
C GLN B 76 34.10 10.81 22.28
N VAL B 77 32.81 10.75 22.58
CA VAL B 77 32.20 11.65 23.55
C VAL B 77 31.74 10.83 24.79
N ASP B 78 32.18 11.26 25.97
CA ASP B 78 31.87 10.57 27.23
C ASP B 78 30.75 11.22 28.03
N ARG B 79 29.82 10.38 28.50
CA ARG B 79 28.71 10.79 29.35
C ARG B 79 27.96 12.05 28.89
N ILE B 80 27.18 11.88 27.84
CA ILE B 80 26.22 12.87 27.46
C ILE B 80 25.12 12.80 28.53
N SER B 81 24.92 13.90 29.24
CA SER B 81 23.93 13.93 30.28
C SER B 81 22.95 15.05 30.01
N VAL B 82 21.67 14.70 29.95
CA VAL B 82 20.60 15.65 29.68
C VAL B 82 20.07 16.26 31.00
N ASN B 83 20.30 17.56 31.16
CA ASN B 83 19.74 18.27 32.29
C ASN B 83 18.34 18.70 31.85
N GLY B 84 17.34 17.88 32.20
CA GLY B 84 15.93 18.13 31.86
C GLY B 84 15.38 19.49 32.28
N LYS B 85 15.74 19.96 33.48
CA LYS B 85 15.32 21.28 33.94
C LYS B 85 15.88 22.38 33.01
N ALA B 86 17.19 22.29 32.67
CA ALA B 86 17.81 23.22 31.72
C ALA B 86 17.18 23.14 30.34
N VAL B 87 16.98 21.93 29.81
CA VAL B 87 16.33 21.76 28.50
C VAL B 87 15.00 22.50 28.47
N MSE B 88 14.15 22.25 29.46
CA MSE B 88 12.82 22.87 29.55
C MSE B 88 12.93 24.40 29.73
O MSE B 88 12.15 25.17 29.13
CB MSE B 88 12.02 22.24 30.71
CG MSE B 88 11.60 20.77 30.53
SE MSE B 88 11.06 20.24 28.70
CE MSE B 88 9.56 21.49 28.43
N LYS B 89 13.89 24.84 30.53
CA LYS B 89 13.98 26.26 30.83
C LYS B 89 14.34 27.01 29.57
N ARG B 90 15.29 26.49 28.80
CA ARG B 90 15.65 27.19 27.56
C ARG B 90 14.52 27.32 26.56
N ILE B 91 13.80 26.21 26.36
CA ILE B 91 12.65 26.19 25.46
C ILE B 91 11.67 27.25 25.92
N GLN B 92 11.34 27.23 27.20
CA GLN B 92 10.35 28.14 27.76
C GLN B 92 10.72 29.61 27.63
N THR B 93 11.96 29.96 27.98
CA THR B 93 12.42 31.35 27.86
C THR B 93 12.47 31.85 26.40
N GLU B 94 13.00 31.05 25.48
CA GLU B 94 12.98 31.43 24.07
C GLU B 94 11.55 31.57 23.53
N ARG B 95 10.69 30.63 23.94
CA ARG B 95 9.28 30.62 23.55
C ARG B 95 8.63 31.91 24.02
N ASP B 96 8.85 32.27 25.29
CA ASP B 96 8.36 33.55 25.81
C ASP B 96 8.82 34.76 25.02
N ARG B 97 10.10 34.74 24.63
CA ARG B 97 10.62 35.83 23.80
C ARG B 97 9.85 35.99 22.48
N PHE B 98 9.60 34.87 21.79
CA PHE B 98 8.82 34.91 20.53
C PHE B 98 7.40 35.43 20.72
N VAL B 99 6.72 34.93 21.74
CA VAL B 99 5.36 35.36 22.08
C VAL B 99 5.33 36.87 22.36
N GLY B 100 6.36 37.35 23.05
CA GLY B 100 6.49 38.79 23.37
C GLY B 100 6.46 39.70 22.12
N PHE B 101 7.08 39.24 21.03
CA PHE B 101 7.02 40.00 19.77
C PHE B 101 5.58 40.08 19.20
N VAL B 102 4.82 39.00 19.33
CA VAL B 102 3.47 39.00 18.81
C VAL B 102 2.60 39.89 19.65
N VAL B 103 2.75 39.75 20.97
CA VAL B 103 2.02 40.57 21.93
C VAL B 103 2.27 42.08 21.70
N GLU B 104 3.51 42.47 21.37
CA GLU B 104 3.74 43.87 21.04
C GLU B 104 2.99 44.32 19.78
N SER B 105 2.91 43.46 18.76
CA SER B 105 2.12 43.75 17.55
C SER B 105 0.65 43.91 17.92
N VAL B 106 0.12 42.93 18.66
CA VAL B 106 -1.27 43.01 19.13
C VAL B 106 -1.51 44.33 19.90
N GLU B 107 -0.55 44.68 20.75
CA GLU B 107 -0.64 45.90 21.56
C GLU B 107 -0.67 47.18 20.72
N SER B 108 -0.01 47.15 19.56
CA SER B 108 0.07 48.31 18.70
C SER B 108 -1.25 48.59 17.99
N PHE B 109 -2.15 47.61 17.93
CA PHE B 109 -3.45 47.79 17.25
C PHE B 109 -4.32 48.73 18.09
N ASP B 110 -5.16 49.52 17.42
CA ASP B 110 -6.13 50.38 18.08
C ASP B 110 -6.91 49.58 19.12
N GLU B 111 -7.01 50.12 20.34
CA GLU B 111 -7.74 49.48 21.45
CA GLU B 111 -7.73 49.44 21.44
C GLU B 111 -9.19 49.15 21.10
N GLN B 112 -9.83 50.04 20.34
CA GLN B 112 -11.22 49.82 19.93
C GLN B 112 -11.39 48.71 18.89
N ASP B 113 -10.29 48.20 18.37
CA ASP B 113 -10.34 47.14 17.36
C ASP B 113 -10.19 45.75 17.98
N LYS B 114 -10.00 45.69 19.28
CA LYS B 114 -9.80 44.41 19.95
C LYS B 114 -10.88 44.16 21.00
N ILE B 115 -11.53 43.02 20.92
CA ILE B 115 -12.46 42.64 21.99
C ILE B 115 -12.05 41.30 22.61
N ARG B 116 -12.00 41.29 23.94
CA ARG B 116 -11.63 40.11 24.71
C ARG B 116 -12.85 39.25 25.04
N GLY B 117 -12.75 37.94 24.79
CA GLY B 117 -13.80 36.96 25.11
C GLY B 117 -14.01 35.94 23.99
N PHE B 118 -14.82 34.91 24.26
CA PHE B 118 -15.14 33.89 23.24
C PHE B 118 -16.40 34.24 22.45
N ALA B 119 -16.28 34.30 21.12
CA ALA B 119 -17.42 34.66 20.27
C ALA B 119 -18.21 33.44 19.83
N LYS B 120 -19.50 33.63 19.66
CA LYS B 120 -20.35 32.63 19.04
C LYS B 120 -21.39 33.36 18.18
N PHE B 121 -21.86 32.70 17.13
CA PHE B 121 -22.91 33.24 16.26
C PHE B 121 -24.27 33.13 16.91
N LEU B 122 -25.03 34.24 16.88
CA LEU B 122 -26.46 34.22 17.20
C LEU B 122 -27.29 34.10 15.91
N ASP B 123 -26.87 34.83 14.88
CA ASP B 123 -27.36 34.64 13.52
C ASP B 123 -26.21 34.97 12.56
N GLU B 124 -26.49 35.05 11.28
CA GLU B 124 -25.44 35.21 10.27
C GLU B 124 -24.72 36.56 10.30
N HIS B 125 -25.26 37.53 11.05
CA HIS B 125 -24.62 38.85 11.19
C HIS B 125 -24.36 39.27 12.64
N THR B 126 -24.65 38.39 13.59
CA THR B 126 -24.56 38.75 14.99
C THR B 126 -23.77 37.71 15.75
N LEU B 127 -22.69 38.18 16.36
CA LEU B 127 -21.87 37.41 17.26
C LEU B 127 -22.10 37.90 18.66
N GLN B 128 -22.12 36.98 19.60
CA GLN B 128 -22.07 37.38 20.99
C GLN B 128 -20.70 37.02 21.56
N VAL B 129 -20.09 37.95 22.30
CA VAL B 129 -18.83 37.65 22.96
C VAL B 129 -19.03 37.60 24.47
N ASP B 130 -18.75 36.42 25.04
CA ASP B 130 -19.12 36.10 26.43
C ASP B 130 -20.57 36.55 26.71
N ASP B 131 -20.79 37.19 27.84
CA ASP B 131 -22.10 37.74 28.14
C ASP B 131 -22.05 39.27 28.20
N HIS B 132 -21.11 39.89 27.47
CA HIS B 132 -20.93 41.35 27.60
C HIS B 132 -21.07 42.16 26.32
N SER B 133 -20.92 41.54 25.16
CA SER B 133 -20.95 42.31 23.92
C SER B 133 -21.63 41.56 22.80
N GLN B 134 -22.33 42.31 21.96
CA GLN B 134 -22.80 41.78 20.70
C GLN B 134 -22.17 42.59 19.56
N VAL B 135 -21.71 41.88 18.55
CA VAL B 135 -21.10 42.51 17.42
C VAL B 135 -21.97 42.20 16.22
N ILE B 136 -22.48 43.23 15.57
CA ILE B 136 -23.19 43.03 14.34
C ILE B 136 -22.28 43.40 13.15
N ALA B 137 -22.00 42.40 12.32
CA ALA B 137 -20.92 42.50 11.35
C ALA B 137 -21.43 42.23 9.98
N LYS B 138 -21.12 43.13 9.05
CA LYS B 138 -21.50 42.93 7.65
C LYS B 138 -20.83 41.69 7.06
N ARG B 139 -19.56 41.47 7.43
CA ARG B 139 -18.78 40.30 7.01
C ARG B 139 -18.03 39.74 8.20
N ILE B 140 -17.89 38.42 8.25
CA ILE B 140 -17.27 37.74 9.40
C ILE B 140 -16.21 36.73 8.96
N VAL B 141 -15.09 36.71 9.67
CA VAL B 141 -14.02 35.77 9.35
C VAL B 141 -13.80 34.86 10.53
N ILE B 142 -14.02 33.56 10.31
CA ILE B 142 -13.69 32.56 11.32
C ILE B 142 -12.20 32.22 11.18
N ALA B 143 -11.42 32.59 12.20
CA ALA B 143 -9.98 32.32 12.21
C ALA B 143 -9.60 31.74 13.57
N THR B 144 -10.31 30.67 13.97
CA THR B 144 -10.27 30.17 15.35
C THR B 144 -9.24 29.03 15.56
N GLY B 145 -8.47 28.70 14.52
CA GLY B 145 -7.44 27.66 14.64
C GLY B 145 -7.94 26.25 14.89
N SER B 146 -7.06 25.42 15.44
CA SER B 146 -7.37 24.05 15.81
C SER B 146 -6.98 23.81 17.26
N ARG B 147 -7.50 22.74 17.84
CA ARG B 147 -7.10 22.33 19.16
C ARG B 147 -6.68 20.87 19.08
N PRO B 148 -5.90 20.39 20.09
CA PRO B 148 -5.60 18.97 20.08
C PRO B 148 -6.87 18.18 20.31
N ASN B 149 -6.87 16.92 19.86
CA ASN B 149 -8.02 16.05 19.97
C ASN B 149 -7.50 14.61 19.94
N TYR B 150 -8.27 13.68 20.48
CA TYR B 150 -7.83 12.29 20.60
C TYR B 150 -9.03 11.42 20.74
N PRO B 151 -8.89 10.13 20.33
CA PRO B 151 -9.97 9.17 20.51
C PRO B 151 -10.25 8.97 21.97
N GLU B 152 -11.43 8.43 22.26
CA GLU B 152 -11.93 8.23 23.61
C GLU B 152 -11.01 7.43 24.52
N PHE B 153 -10.42 6.35 23.99
CA PHE B 153 -9.58 5.48 24.84
C PHE B 153 -8.43 6.24 25.50
N LEU B 154 -7.93 7.27 24.84
CA LEU B 154 -6.79 8.06 25.32
C LEU B 154 -7.16 8.95 26.52
N ALA B 155 -8.47 9.23 26.64
CA ALA B 155 -8.99 10.07 27.74
C ALA B 155 -8.79 9.43 29.12
N ALA B 156 -8.70 8.11 29.16
CA ALA B 156 -8.45 7.36 30.40
C ALA B 156 -7.03 7.56 30.97
N ALA B 157 -6.13 8.16 30.20
CA ALA B 157 -4.80 8.52 30.70
C ALA B 157 -4.85 9.72 31.67
N GLY B 158 -6.01 10.37 31.72
CA GLY B 158 -6.33 11.38 32.75
C GLY B 158 -5.34 12.52 32.86
N SER B 159 -4.85 12.75 34.07
CA SER B 159 -3.93 13.85 34.29
C SER B 159 -2.53 13.56 33.75
N ARG B 160 -2.33 12.38 33.19
CA ARG B 160 -1.04 12.06 32.57
C ARG B 160 -1.09 12.12 31.03
N LEU B 161 -2.17 12.70 30.53
CA LEU B 161 -2.34 12.95 29.10
C LEU B 161 -1.70 14.28 28.76
N LEU B 162 -0.72 14.27 27.88
CA LEU B 162 -0.11 15.50 27.41
C LEU B 162 -0.60 15.81 26.00
N THR B 163 -0.66 17.10 25.69
CA THR B 163 -0.80 17.58 24.32
C THR B 163 0.26 18.68 24.13
N ASN B 164 0.32 19.30 22.95
CA ASN B 164 1.17 20.46 22.75
C ASN B 164 0.79 21.65 23.66
N ASP B 165 -0.42 21.62 24.21
CA ASP B 165 -0.91 22.67 25.12
C ASP B 165 -0.25 22.62 26.52
N ASN B 166 0.35 21.47 26.87
CA ASN B 166 0.96 21.33 28.18
C ASN B 166 2.37 20.72 28.19
N LEU B 167 2.75 20.07 27.08
CA LEU B 167 4.06 19.41 26.98
C LEU B 167 5.20 20.37 27.29
N PHE B 168 5.08 21.60 26.80
CA PHE B 168 6.19 22.53 26.86
C PHE B 168 6.23 23.30 28.20
N GLU B 169 5.24 23.07 29.05
CA GLU B 169 5.14 23.71 30.33
C GLU B 169 5.70 22.84 31.46
N LEU B 170 6.02 21.58 31.16
CA LEU B 170 6.67 20.70 32.15
C LEU B 170 7.95 21.33 32.66
N ASN B 171 8.22 21.19 33.95
CA ASN B 171 9.39 21.75 34.61
C ASN B 171 10.65 20.89 34.36
N ASP B 172 10.41 19.63 34.01
CA ASP B 172 11.44 18.64 33.74
C ASP B 172 11.01 17.74 32.58
N LEU B 173 12.00 17.08 31.99
CA LEU B 173 11.77 16.14 30.93
C LEU B 173 11.18 14.90 31.58
N PRO B 174 10.18 14.28 30.94
CA PRO B 174 9.65 13.02 31.47
C PRO B 174 10.62 11.86 31.31
N LYS B 175 10.42 10.83 32.12
CA LYS B 175 11.20 9.59 32.08
C LYS B 175 10.78 8.73 30.89
N SER B 176 9.49 8.76 30.57
CA SER B 176 8.97 7.95 29.49
C SER B 176 7.65 8.49 29.04
N VAL B 177 7.45 8.46 27.71
CA VAL B 177 6.22 8.91 27.07
C VAL B 177 5.77 7.94 25.97
N ALA B 178 4.52 7.47 26.04
CA ALA B 178 3.87 6.81 24.90
C ALA B 178 3.17 7.85 24.00
N VAL B 179 3.60 7.92 22.74
CA VAL B 179 3.15 8.93 21.79
C VAL B 179 2.14 8.28 20.82
N PHE B 180 0.97 8.90 20.69
CA PHE B 180 -0.05 8.45 19.74
C PHE B 180 -0.23 9.46 18.62
N GLY B 181 -0.25 8.96 17.39
CA GLY B 181 -0.36 9.81 16.23
C GLY B 181 0.94 9.89 15.46
N PRO B 182 0.98 9.28 14.25
CA PRO B 182 2.17 9.07 13.42
C PRO B 182 2.37 10.18 12.36
N GLY B 183 1.75 11.34 12.59
CA GLY B 183 1.83 12.47 11.67
C GLY B 183 3.00 13.36 12.04
N VAL B 184 2.93 14.61 11.57
CA VAL B 184 3.98 15.63 11.73
C VAL B 184 4.38 15.84 13.19
N ILE B 185 3.41 16.18 14.02
CA ILE B 185 3.67 16.54 15.40
C ILE B 185 4.18 15.32 16.16
N GLY B 186 3.48 14.20 16.01
CA GLY B 186 3.81 12.96 16.71
C GLY B 186 5.21 12.42 16.49
N LEU B 187 5.66 12.47 15.25
CA LEU B 187 6.99 11.98 14.93
C LEU B 187 8.05 12.99 15.33
N GLU B 188 7.83 14.28 15.06
CA GLU B 188 8.78 15.32 15.49
C GLU B 188 9.04 15.24 17.00
N LEU B 189 7.97 15.12 17.77
CA LEU B 189 8.06 15.20 19.22
C LEU B 189 8.52 13.92 19.84
N GLY B 190 8.12 12.79 19.25
CA GLY B 190 8.56 11.51 19.75
C GLY B 190 10.05 11.31 19.54
N GLN B 191 10.50 11.57 18.31
CA GLN B 191 11.92 11.47 18.02
C GLN B 191 12.74 12.43 18.91
N ALA B 192 12.32 13.69 19.02
CA ALA B 192 13.05 14.66 19.86
C ALA B 192 13.17 14.20 21.30
N LEU B 193 12.05 13.75 21.88
CA LEU B 193 12.02 13.24 23.26
C LEU B 193 12.93 12.02 23.40
N SER B 194 12.89 11.13 22.40
CA SER B 194 13.74 9.93 22.41
C SER B 194 15.22 10.29 22.33
N ARG B 195 15.54 11.27 21.48
CA ARG B 195 16.90 11.77 21.42
C ARG B 195 17.35 12.42 22.73
N LEU B 196 16.40 12.86 23.54
CA LEU B 196 16.71 13.52 24.80
C LEU B 196 16.72 12.58 26.01
N GLY B 197 16.78 11.28 25.76
CA GLY B 197 16.91 10.30 26.84
C GLY B 197 15.56 9.85 27.40
N VAL B 198 14.46 10.33 26.83
CA VAL B 198 13.12 9.89 27.26
C VAL B 198 12.84 8.50 26.64
N ILE B 199 12.34 7.54 27.42
CA ILE B 199 11.93 6.25 26.84
C ILE B 199 10.62 6.42 26.05
N VAL B 200 10.66 6.22 24.72
CA VAL B 200 9.54 6.52 23.85
C VAL B 200 9.08 5.28 23.06
N LYS B 201 7.77 5.19 22.82
CA LYS B 201 7.26 4.39 21.72
C LYS B 201 6.22 5.26 21.04
N VAL B 202 6.17 5.16 19.72
CA VAL B 202 5.19 5.88 18.93
C VAL B 202 4.28 4.86 18.26
N PHE B 203 2.97 5.07 18.40
CA PHE B 203 1.94 4.19 17.86
C PHE B 203 1.02 5.03 16.94
N GLY B 204 0.79 4.53 15.73
CA GLY B 204 -0.23 5.06 14.82
C GLY B 204 -1.03 3.85 14.39
N ARG B 205 -2.07 4.03 13.60
CA ARG B 205 -2.89 2.86 13.30
C ARG B 205 -3.14 2.55 11.83
N SER B 206 -3.08 3.55 10.96
CA SER B 206 -3.62 3.36 9.60
C SER B 206 -2.53 3.02 8.58
N GLY B 207 -1.29 2.88 9.04
CA GLY B 207 -0.15 2.75 8.12
C GLY B 207 0.53 4.07 7.79
N SER B 208 -0.04 5.18 8.30
CA SER B 208 0.43 6.54 8.01
C SER B 208 1.81 6.88 8.59
N VAL B 209 2.59 7.63 7.82
CA VAL B 209 3.88 8.11 8.28
C VAL B 209 4.04 9.55 7.85
N ALA B 210 4.01 10.45 8.82
CA ALA B 210 3.96 11.87 8.56
C ALA B 210 2.82 12.10 7.57
N ASN B 211 3.02 12.99 6.61
CA ASN B 211 2.03 13.15 5.54
C ASN B 211 2.43 12.44 4.23
N LEU B 212 3.36 11.49 4.31
CA LEU B 212 3.85 10.80 3.12
C LEU B 212 2.75 9.97 2.48
N GLN B 213 2.66 10.02 1.14
CA GLN B 213 1.61 9.29 0.45
C GLN B 213 2.12 8.05 -0.27
N ASP B 214 3.35 8.09 -0.75
CA ASP B 214 3.89 6.96 -1.52
C ASP B 214 4.15 5.78 -0.59
N GLU B 215 3.78 4.58 -1.01
CA GLU B 215 3.85 3.40 -0.13
C GLU B 215 5.27 2.95 0.17
N GLU B 216 6.13 2.97 -0.84
CA GLU B 216 7.54 2.65 -0.64
C GLU B 216 8.18 3.65 0.33
N MSE B 217 7.85 4.93 0.14
CA MSE B 217 8.36 6.03 0.97
C MSE B 217 7.94 5.85 2.42
O MSE B 217 8.75 6.00 3.33
CB MSE B 217 7.82 7.37 0.48
CG MSE B 217 8.59 7.97 -0.66
SE MSE B 217 9.92 9.24 -0.04
CE MSE B 217 10.52 9.63 -1.83
N LYS B 218 6.67 5.50 2.63
CA LYS B 218 6.15 5.32 3.97
C LYS B 218 6.87 4.18 4.67
N ARG B 219 7.05 3.07 3.96
CA ARG B 219 7.72 1.93 4.54
C ARG B 219 9.20 2.24 4.82
N TYR B 220 9.88 2.90 3.88
CA TYR B 220 11.30 3.23 4.06
C TYR B 220 11.49 4.11 5.31
N ALA B 221 10.62 5.12 5.45
CA ALA B 221 10.69 6.06 6.54
C ALA B 221 10.43 5.39 7.87
N GLU B 222 9.40 4.55 7.92
CA GLU B 222 9.06 3.82 9.13
C GLU B 222 10.22 2.94 9.57
N LYS B 223 10.84 2.26 8.62
CA LYS B 223 11.96 1.35 8.92
C LYS B 223 13.19 2.15 9.40
N THR B 224 13.45 3.27 8.73
CA THR B 224 14.55 4.15 9.11
C THR B 224 14.35 4.65 10.55
N PHE B 225 13.16 5.16 10.87
CA PHE B 225 12.89 5.61 12.24
C PHE B 225 13.10 4.49 13.24
N ASN B 226 12.72 3.27 12.86
CA ASN B 226 12.82 2.16 13.78
C ASN B 226 14.25 1.73 14.03
N GLU B 227 15.18 2.23 13.23
CA GLU B 227 16.58 2.02 13.54
C GLU B 227 16.96 2.78 14.80
N GLU B 228 16.10 3.71 15.19
CA GLU B 228 16.45 4.62 16.27
C GLU B 228 15.52 4.52 17.48
N PHE B 229 14.22 4.45 17.25
CA PHE B 229 13.25 4.36 18.34
C PHE B 229 12.03 3.59 17.86
N TYR B 230 11.26 3.04 18.81
CA TYR B 230 10.10 2.19 18.50
C TYR B 230 8.96 2.99 17.82
N PHE B 231 8.57 2.55 16.63
CA PHE B 231 7.51 3.21 15.86
C PHE B 231 6.69 2.16 15.11
N ASP B 232 5.47 1.94 15.57
CA ASP B 232 4.55 1.04 14.87
C ASP B 232 3.43 1.86 14.20
N ALA B 233 3.48 1.94 12.87
CA ALA B 233 2.51 2.72 12.11
C ALA B 233 1.17 1.96 11.97
N LYS B 234 1.21 0.66 12.26
CA LYS B 234 -0.02 -0.16 12.25
C LYS B 234 -0.29 -0.83 13.62
N ALA B 235 -0.15 -0.07 14.69
CA ALA B 235 -0.32 -0.60 16.05
C ALA B 235 -1.75 -0.97 16.42
N ARG B 236 -1.90 -2.08 17.13
CA ARG B 236 -3.15 -2.40 17.78
C ARG B 236 -2.99 -2.10 19.26
N VAL B 237 -3.66 -1.05 19.72
CA VAL B 237 -3.57 -0.58 21.10
C VAL B 237 -4.90 -0.87 21.82
N ILE B 238 -4.84 -1.52 22.97
CA ILE B 238 -6.06 -1.87 23.70
C ILE B 238 -6.49 -0.70 24.60
N SER B 239 -5.58 -0.19 25.42
CA SER B 239 -5.97 0.79 26.43
C SER B 239 -4.78 1.58 26.98
N THR B 240 -5.11 2.76 27.50
CA THR B 240 -4.15 3.69 28.07
C THR B 240 -4.77 4.24 29.36
N ILE B 241 -4.51 3.57 30.46
CA ILE B 241 -5.23 3.86 31.70
C ILE B 241 -4.32 4.32 32.80
N GLU B 242 -4.59 5.54 33.28
CA GLU B 242 -3.88 6.17 34.40
C GLU B 242 -3.83 5.31 35.67
N LYS B 243 -2.61 5.12 36.18
CA LYS B 243 -2.31 4.48 37.46
CA LYS B 243 -2.39 4.50 37.47
C LYS B 243 -1.87 5.57 38.44
N GLU B 244 -1.43 5.17 39.64
CA GLU B 244 -0.97 6.16 40.64
C GLU B 244 0.28 6.95 40.20
N ASP B 245 1.18 6.30 39.46
CA ASP B 245 2.48 6.93 39.11
C ASP B 245 2.78 6.94 37.61
N ALA B 246 1.92 6.29 36.85
CA ALA B 246 2.17 6.06 35.44
C ALA B 246 0.84 5.87 34.72
N VAL B 247 0.92 5.72 33.41
CA VAL B 247 -0.19 5.28 32.59
C VAL B 247 0.15 3.87 32.11
N GLU B 248 -0.74 2.93 32.36
CA GLU B 248 -0.54 1.59 31.88
C GLU B 248 -1.03 1.49 30.44
N VAL B 249 -0.13 1.03 29.57
CA VAL B 249 -0.47 0.92 28.16
C VAL B 249 -0.53 -0.55 27.82
N ILE B 250 -1.70 -1.00 27.35
CA ILE B 250 -1.84 -2.38 26.88
C ILE B 250 -1.97 -2.37 25.37
N TYR B 251 -1.01 -3.03 24.73
CA TYR B 251 -0.92 -3.04 23.27
C TYR B 251 -0.32 -4.36 22.79
N PHE B 252 -0.44 -4.60 21.49
CA PHE B 252 0.22 -5.74 20.85
C PHE B 252 1.45 -5.24 20.14
N ASP B 253 2.57 -5.94 20.28
CA ASP B 253 3.77 -5.50 19.59
C ASP B 253 3.76 -5.95 18.13
N LYS B 254 4.90 -5.83 17.47
CA LYS B 254 4.99 -6.09 16.03
C LYS B 254 4.92 -7.57 15.72
N SER B 255 5.09 -8.40 16.74
CA SER B 255 4.99 -9.84 16.60
C SER B 255 3.61 -10.29 17.04
N GLY B 256 2.73 -9.31 17.27
CA GLY B 256 1.38 -9.60 17.80
C GLY B 256 1.36 -10.11 19.24
N GLN B 257 2.45 -9.87 19.98
CA GLN B 257 2.54 -10.29 21.39
C GLN B 257 1.90 -9.24 22.30
N LYS B 258 0.90 -9.67 23.07
CA LYS B 258 0.22 -8.76 24.00
C LYS B 258 1.21 -8.23 25.04
N THR B 259 1.18 -6.92 25.26
CA THR B 259 2.20 -6.28 26.06
C THR B 259 1.59 -5.24 26.99
N THR B 260 1.97 -5.30 28.25
CA THR B 260 1.60 -4.29 29.23
C THR B 260 2.85 -3.49 29.60
N GLU B 261 2.78 -2.17 29.51
CA GLU B 261 3.95 -1.33 29.75
C GLU B 261 3.53 0.00 30.30
N SER B 262 4.17 0.44 31.39
CA SER B 262 3.83 1.69 32.04
C SER B 262 4.71 2.80 31.50
N PHE B 263 4.10 3.96 31.34
CA PHE B 263 4.77 5.13 30.83
C PHE B 263 4.41 6.26 31.74
N GLN B 264 5.37 7.16 32.01
CA GLN B 264 5.09 8.29 32.90
C GLN B 264 3.95 9.18 32.32
N TYR B 265 3.94 9.34 31.00
CA TYR B 265 2.91 10.11 30.33
C TYR B 265 2.54 9.49 28.99
N VAL B 266 1.37 9.89 28.47
CA VAL B 266 1.02 9.68 27.08
C VAL B 266 0.91 11.05 26.37
N LEU B 267 1.27 11.09 25.10
CA LEU B 267 1.14 12.35 24.35
C LEU B 267 0.14 12.14 23.24
N ALA B 268 -0.93 12.93 23.24
CA ALA B 268 -1.92 12.78 22.19
C ALA B 268 -1.51 13.68 21.03
N ALA B 269 -0.71 13.13 20.12
CA ALA B 269 -0.46 13.78 18.82
C ALA B 269 -1.35 13.20 17.73
N THR B 270 -2.56 12.83 18.13
CA THR B 270 -3.60 12.39 17.23
C THR B 270 -4.24 13.57 16.45
N GLY B 271 -5.19 13.27 15.57
CA GLY B 271 -5.79 14.31 14.72
C GLY B 271 -6.32 15.48 15.52
N ARG B 272 -5.93 16.68 15.12
CA ARG B 272 -6.42 17.89 15.77
C ARG B 272 -7.84 18.18 15.31
N LYS B 273 -8.55 19.01 16.07
CA LYS B 273 -9.91 19.40 15.69
C LYS B 273 -9.98 20.90 15.38
N ALA B 274 -10.58 21.23 14.23
CA ALA B 274 -10.78 22.62 13.87
C ALA B 274 -11.77 23.25 14.88
N ASN B 275 -11.47 24.46 15.35
CA ASN B 275 -12.35 25.12 16.34
C ASN B 275 -13.60 25.75 15.72
N VAL B 276 -14.46 24.89 15.18
CA VAL B 276 -15.71 25.33 14.53
C VAL B 276 -16.96 24.66 15.09
N ASP B 277 -16.79 23.89 16.17
CA ASP B 277 -17.89 23.13 16.78
C ASP B 277 -18.51 23.84 17.97
N LYS B 278 -17.79 24.80 18.55
CA LYS B 278 -18.28 25.50 19.73
C LYS B 278 -18.60 26.94 19.41
N LEU B 279 -18.94 27.24 18.16
CA LEU B 279 -19.17 28.66 17.84
CA LEU B 279 -19.13 28.62 17.65
C LEU B 279 -20.59 28.98 17.38
N GLY B 280 -21.50 28.02 17.53
CA GLY B 280 -22.93 28.27 17.26
C GLY B 280 -23.31 28.29 15.79
N LEU B 281 -22.55 27.56 14.97
CA LEU B 281 -22.80 27.48 13.53
C LEU B 281 -24.20 27.01 13.17
N GLU B 282 -24.84 26.29 14.09
CA GLU B 282 -26.20 25.80 13.88
C GLU B 282 -27.23 26.97 13.83
N ASN B 283 -26.79 28.18 14.21
CA ASN B 283 -27.61 29.39 14.09
C ASN B 283 -27.41 30.07 12.76
N THR B 284 -26.66 29.43 11.87
CA THR B 284 -26.51 29.89 10.49
C THR B 284 -26.93 28.80 9.54
N SER B 285 -26.98 29.11 8.25
CA SER B 285 -27.24 28.11 7.22
C SER B 285 -25.93 27.63 6.57
N ILE B 286 -24.82 27.77 7.28
CA ILE B 286 -23.52 27.31 6.77
C ILE B 286 -23.56 25.81 6.53
N GLU B 287 -23.33 25.42 5.28
CA GLU B 287 -23.36 24.03 4.91
C GLU B 287 -22.13 23.29 5.46
N LEU B 288 -22.36 22.08 5.96
CA LEU B 288 -21.31 21.30 6.57
C LEU B 288 -21.15 19.99 5.81
N ASP B 289 -19.94 19.44 5.81
CA ASP B 289 -19.73 18.12 5.25
C ASP B 289 -20.18 17.10 6.29
N LYS B 290 -20.15 15.82 5.90
CA LYS B 290 -20.62 14.69 6.71
C LYS B 290 -19.85 14.51 8.04
N LYS B 291 -18.76 15.27 8.23
CA LYS B 291 -18.01 15.31 9.49
C LYS B 291 -18.27 16.58 10.29
N ASN B 292 -19.21 17.40 9.83
CA ASN B 292 -19.52 18.71 10.45
C ASN B 292 -18.45 19.79 10.24
N SER B 293 -17.65 19.61 9.21
CA SER B 293 -16.70 20.66 8.82
C SER B 293 -17.36 21.59 7.82
N PRO B 294 -17.25 22.92 8.04
CA PRO B 294 -17.77 23.87 7.05
C PRO B 294 -17.19 23.65 5.65
N LEU B 295 -18.09 23.59 4.68
CA LEU B 295 -17.73 23.60 3.27
C LEU B 295 -17.26 25.01 2.91
N PHE B 296 -16.26 25.11 2.05
CA PHE B 296 -15.75 26.43 1.69
C PHE B 296 -15.10 26.45 0.32
N ASP B 297 -15.11 27.63 -0.28
CA ASP B 297 -14.45 27.86 -1.52
C ASP B 297 -12.96 28.00 -1.22
N GLU B 298 -12.15 27.09 -1.77
CA GLU B 298 -10.73 27.05 -1.39
C GLU B 298 -9.90 28.23 -1.95
N LEU B 299 -10.43 28.90 -2.97
CA LEU B 299 -9.77 30.08 -3.51
C LEU B 299 -10.21 31.38 -2.81
N THR B 300 -11.51 31.50 -2.50
CA THR B 300 -12.05 32.73 -1.90
C THR B 300 -12.22 32.66 -0.36
N LEU B 301 -12.22 31.44 0.17
CA LEU B 301 -12.43 31.12 1.62
C LEU B 301 -13.84 31.36 2.15
N GLN B 302 -14.78 31.63 1.22
CA GLN B 302 -16.19 31.79 1.52
C GLN B 302 -16.85 30.48 1.86
N THR B 303 -17.59 30.47 2.96
CA THR B 303 -18.51 29.36 3.22
C THR B 303 -19.71 29.52 2.28
N SER B 304 -20.69 28.63 2.44
CA SER B 304 -21.96 28.74 1.72
C SER B 304 -22.71 30.04 2.01
N VAL B 305 -22.43 30.66 3.15
CA VAL B 305 -22.91 32.01 3.39
C VAL B 305 -21.82 32.93 2.87
N ASP B 306 -22.11 33.64 1.79
CA ASP B 306 -21.05 34.32 1.02
C ASP B 306 -20.35 35.48 1.77
N HIS B 307 -20.90 35.90 2.90
CA HIS B 307 -20.26 36.94 3.71
C HIS B 307 -19.55 36.38 4.94
N ILE B 308 -19.48 35.06 5.05
CA ILE B 308 -18.74 34.41 6.14
C ILE B 308 -17.64 33.56 5.54
N PHE B 309 -16.43 33.80 6.04
CA PHE B 309 -15.18 33.23 5.55
C PHE B 309 -14.57 32.33 6.61
N VAL B 310 -13.71 31.42 6.18
CA VAL B 310 -12.98 30.57 7.13
C VAL B 310 -11.51 30.39 6.75
N ALA B 311 -10.65 30.73 7.72
CA ALA B 311 -9.23 30.91 7.43
C ALA B 311 -8.36 30.28 8.51
N GLY B 312 -7.22 29.75 8.07
CA GLY B 312 -6.22 29.15 8.96
C GLY B 312 -6.51 27.69 9.20
N ASP B 313 -6.01 27.17 10.32
CA ASP B 313 -6.39 25.83 10.77
C ASP B 313 -7.91 25.62 10.91
N ALA B 314 -8.67 26.69 11.12
CA ALA B 314 -10.15 26.57 11.22
C ALA B 314 -10.82 25.91 10.01
N ASN B 315 -10.28 26.11 8.81
CA ASN B 315 -10.89 25.42 7.66
C ASN B 315 -10.33 24.04 7.42
N ASN B 316 -9.47 23.59 8.35
CA ASN B 316 -8.95 22.23 8.34
C ASN B 316 -8.20 21.88 7.04
N THR B 317 -7.67 22.87 6.35
CA THR B 317 -6.98 22.66 5.06
C THR B 317 -5.66 23.40 5.09
N LEU B 318 -4.60 22.81 4.51
CA LEU B 318 -3.30 23.48 4.43
C LEU B 318 -2.94 24.02 5.81
N THR B 319 -2.91 23.11 6.77
CA THR B 319 -2.81 23.43 8.17
C THR B 319 -1.33 23.69 8.55
N LEU B 320 -0.76 24.72 7.92
CA LEU B 320 0.66 25.08 8.01
C LEU B 320 0.69 26.57 8.33
N LEU B 321 1.77 27.02 8.94
CA LEU B 321 1.85 28.40 9.40
C LEU B 321 1.78 29.37 8.25
N HIS B 322 2.69 29.24 7.29
CA HIS B 322 2.71 30.17 6.14
C HIS B 322 1.39 30.15 5.37
N GLU B 323 0.71 29.01 5.38
CA GLU B 323 -0.59 28.92 4.71
C GLU B 323 -1.68 29.66 5.46
N ALA B 324 -1.66 29.56 6.79
CA ALA B 324 -2.58 30.33 7.65
C ALA B 324 -2.38 31.80 7.38
N ALA B 325 -1.13 32.21 7.19
CA ALA B 325 -0.84 33.62 6.90
C ALA B 325 -1.43 34.02 5.57
N ASP B 326 -1.30 33.15 4.55
CA ASP B 326 -1.95 33.41 3.27
C ASP B 326 -3.49 33.39 3.34
N ASP B 327 -4.05 32.43 4.08
CA ASP B 327 -5.49 32.39 4.33
C ASP B 327 -5.98 33.74 4.89
N GLY B 328 -5.23 34.26 5.86
CA GLY B 328 -5.56 35.53 6.47
C GLY B 328 -5.65 36.64 5.42
N LYS B 329 -4.66 36.70 4.52
CA LYS B 329 -4.66 37.72 3.49
CA LYS B 329 -4.65 37.71 3.48
C LYS B 329 -5.88 37.55 2.58
N VAL B 330 -6.23 36.31 2.24
CA VAL B 330 -7.36 36.04 1.34
C VAL B 330 -8.66 36.45 2.02
N ALA B 331 -8.88 35.92 3.24
CA ALA B 331 -10.13 36.17 3.97
C ALA B 331 -10.26 37.66 4.33
N GLY B 332 -9.16 38.27 4.77
CA GLY B 332 -9.15 39.68 5.12
C GLY B 332 -9.48 40.60 3.98
N THR B 333 -8.86 40.35 2.84
CA THR B 333 -9.07 41.18 1.63
C THR B 333 -10.52 41.00 1.16
N ASN B 334 -10.94 39.75 1.08
CA ASN B 334 -12.30 39.47 0.60
C ASN B 334 -13.36 39.98 1.57
N ALA B 335 -13.11 39.87 2.88
CA ALA B 335 -14.04 40.47 3.86
C ALA B 335 -14.03 41.99 3.73
N GLY B 336 -12.84 42.58 3.57
CA GLY B 336 -12.71 44.04 3.47
C GLY B 336 -13.39 44.62 2.24
N ALA B 337 -13.14 44.02 1.08
CA ALA B 337 -13.67 44.51 -0.19
C ALA B 337 -15.06 44.01 -0.63
N TYR B 338 -15.61 43.01 0.07
CA TYR B 338 -16.95 42.47 -0.21
C TYR B 338 -17.94 43.61 -0.58
N PRO B 339 -18.75 43.43 -1.64
CA PRO B 339 -18.99 42.23 -2.44
C PRO B 339 -17.99 41.97 -3.58
N VAL B 340 -16.93 42.75 -3.66
CA VAL B 340 -15.85 42.44 -4.59
C VAL B 340 -15.10 41.24 -3.99
N ILE B 341 -15.11 40.13 -4.72
CA ILE B 341 -14.49 38.89 -4.28
C ILE B 341 -13.42 38.46 -5.29
N ALA B 342 -12.24 38.15 -4.78
CA ALA B 342 -11.15 37.70 -5.63
C ALA B 342 -10.68 36.31 -5.17
N GLN B 343 -10.10 35.53 -6.08
CA GLN B 343 -9.46 34.29 -5.66
C GLN B 343 -7.97 34.41 -5.38
N GLY B 344 -7.56 33.81 -4.26
CA GLY B 344 -6.16 33.76 -3.91
C GLY B 344 -5.46 32.92 -4.96
N GLN B 345 -4.24 33.34 -5.30
CA GLN B 345 -3.35 32.52 -6.09
CA GLN B 345 -3.39 32.50 -6.09
C GLN B 345 -2.38 31.90 -5.09
N ARG B 346 -2.65 30.66 -4.71
CA ARG B 346 -1.89 29.99 -3.65
C ARG B 346 -0.43 29.77 -4.06
N ARG B 347 0.47 29.80 -3.10
CA ARG B 347 1.85 29.44 -3.39
C ARG B 347 1.90 27.93 -3.65
N ALA B 348 2.94 27.48 -4.35
CA ALA B 348 3.15 26.04 -4.59
C ALA B 348 3.19 25.37 -3.24
N PRO B 349 2.40 24.28 -3.05
CA PRO B 349 2.39 23.59 -1.76
C PRO B 349 3.79 23.20 -1.29
N LEU B 350 4.05 23.45 0.00
CA LEU B 350 5.29 23.10 0.68
C LEU B 350 4.94 22.65 2.09
N SER B 351 5.36 21.43 2.45
CA SER B 351 5.05 20.82 3.75
C SER B 351 6.35 20.19 4.26
N VAL B 352 6.67 20.39 5.54
CA VAL B 352 7.96 19.97 6.06
C VAL B 352 7.78 19.25 7.39
N VAL B 353 8.51 18.14 7.57
CA VAL B 353 8.54 17.52 8.89
C VAL B 353 9.97 17.55 9.40
N PHE B 354 10.17 18.11 10.60
CA PHE B 354 11.52 18.37 11.11
C PHE B 354 12.08 17.19 11.93
N THR B 355 11.86 15.99 11.42
CA THR B 355 12.48 14.80 11.98
C THR B 355 13.91 14.68 11.43
N GLU B 356 14.63 13.62 11.76
CA GLU B 356 15.83 13.30 11.05
C GLU B 356 15.80 11.82 10.70
N PRO B 357 15.88 11.50 9.38
CA PRO B 357 15.91 12.45 8.22
C PRO B 357 14.61 13.24 8.15
N GLN B 358 14.61 14.39 7.46
CA GLN B 358 13.43 15.25 7.32
C GLN B 358 12.49 14.78 6.21
N VAL B 359 11.25 15.24 6.24
CA VAL B 359 10.32 14.99 5.15
C VAL B 359 9.92 16.31 4.54
N ALA B 360 9.85 16.36 3.20
CA ALA B 360 9.21 17.49 2.54
C ALA B 360 8.30 16.98 1.44
N SER B 361 7.12 17.59 1.34
CA SER B 361 6.21 17.36 0.23
C SER B 361 6.01 18.68 -0.47
N VAL B 362 6.10 18.64 -1.80
CA VAL B 362 6.10 19.84 -2.63
C VAL B 362 5.06 19.63 -3.74
N GLY B 363 4.34 20.69 -4.09
CA GLY B 363 3.48 20.70 -5.29
C GLY B 363 2.30 19.78 -5.16
N LEU B 364 1.85 19.21 -6.28
CA LEU B 364 0.72 18.28 -6.26
C LEU B 364 1.12 17.04 -5.45
N SER B 365 0.22 16.55 -4.61
CA SER B 365 0.46 15.30 -3.88
C SER B 365 0.31 14.13 -4.85
N LEU B 366 0.78 12.94 -4.47
CA LEU B 366 0.62 11.75 -5.30
C LEU B 366 -0.86 11.45 -5.66
N ARG B 367 -1.75 11.57 -4.69
CA ARG B 367 -3.16 11.37 -4.97
C ARG B 367 -3.69 12.38 -5.98
N GLN B 368 -3.24 13.63 -5.89
CA GLN B 368 -3.70 14.63 -6.82
C GLN B 368 -3.15 14.34 -8.21
N ILE B 369 -1.90 13.86 -8.28
CA ILE B 369 -1.29 13.53 -9.57
C ILE B 369 -2.00 12.34 -10.21
N GLU B 370 -2.23 11.28 -9.44
CA GLU B 370 -3.01 10.13 -9.92
C GLU B 370 -4.38 10.57 -10.44
N ASP B 371 -5.04 11.44 -9.69
CA ASP B 371 -6.33 11.97 -10.11
C ASP B 371 -6.27 12.75 -11.44
N LEU B 372 -5.23 13.56 -11.61
CA LEU B 372 -5.21 14.50 -12.69
C LEU B 372 -4.45 14.01 -13.91
N TYR B 373 -3.44 13.18 -13.70
CA TYR B 373 -2.51 12.78 -14.78
C TYR B 373 -2.56 11.30 -15.13
N ALA B 374 -3.48 10.56 -14.52
CA ALA B 374 -3.57 9.14 -14.74
C ALA B 374 -5.00 8.67 -14.63
N ASP B 375 -5.24 7.44 -15.07
CA ASP B 375 -6.44 6.70 -14.71
C ASP B 375 -6.05 5.22 -14.46
N GLN B 376 -7.02 4.34 -14.27
CA GLN B 376 -6.76 2.93 -14.00
C GLN B 376 -5.75 2.30 -14.99
N ASP B 377 -5.79 2.72 -16.26
CA ASP B 377 -5.06 2.06 -17.35
C ASP B 377 -3.93 2.84 -18.05
N ALA B 378 -3.82 4.14 -17.81
CA ALA B 378 -2.76 4.94 -18.42
C ALA B 378 -2.33 6.09 -17.52
N ALA B 379 -1.07 6.52 -17.67
CA ALA B 379 -0.52 7.65 -16.90
C ALA B 379 0.21 8.62 -17.83
N ASN B 380 -0.07 9.92 -17.68
CA ASN B 380 0.70 10.95 -18.39
C ASN B 380 1.65 11.64 -17.41
N TYR B 381 2.17 10.87 -16.45
CA TYR B 381 3.20 11.37 -15.54
C TYR B 381 4.27 10.29 -15.34
N VAL B 382 5.48 10.71 -14.97
CA VAL B 382 6.58 9.77 -14.70
C VAL B 382 7.12 10.08 -13.30
N VAL B 383 7.92 9.17 -12.74
CA VAL B 383 8.56 9.39 -11.44
C VAL B 383 10.08 9.34 -11.63
N GLY B 384 10.81 10.30 -11.08
CA GLY B 384 12.26 10.25 -11.02
C GLY B 384 12.65 9.98 -9.57
N GLN B 385 13.64 9.09 -9.36
CA GLN B 385 14.00 8.69 -7.99
CA GLN B 385 14.00 8.66 -8.01
C GLN B 385 15.50 8.74 -7.74
N VAL B 386 15.87 8.90 -6.46
CA VAL B 386 17.25 8.82 -5.99
C VAL B 386 17.18 8.25 -4.57
N SER B 387 18.19 7.49 -4.21
CA SER B 387 18.42 7.08 -2.84
C SER B 387 19.54 7.94 -2.25
N PHE B 388 19.39 8.39 -1.00
CA PHE B 388 20.46 9.18 -0.39
C PHE B 388 21.53 8.35 0.26
N GLU B 389 21.30 7.04 0.30
CA GLU B 389 22.27 6.12 0.88
C GLU B 389 23.60 6.12 0.14
N GLY B 390 23.56 6.30 -1.17
CA GLY B 390 24.79 6.30 -1.98
C GLY B 390 25.16 7.71 -2.46
N GLN B 391 24.50 8.71 -1.91
CA GLN B 391 24.76 10.10 -2.29
C GLN B 391 26.03 10.62 -1.61
N GLY B 392 26.98 11.13 -2.40
CA GLY B 392 28.33 11.48 -1.93
C GLY B 392 28.41 12.38 -0.70
N ARG B 393 27.86 13.59 -0.78
CA ARG B 393 27.88 14.51 0.36
C ARG B 393 27.14 13.98 1.61
N SER B 394 25.96 13.39 1.42
CA SER B 394 25.21 12.75 2.52
C SER B 394 26.06 11.72 3.23
N ARG B 395 26.75 10.89 2.45
CA ARG B 395 27.66 9.93 3.04
C ARG B 395 28.83 10.59 3.77
N VAL B 396 29.49 11.58 3.15
CA VAL B 396 30.55 12.37 3.82
C VAL B 396 30.12 12.79 5.25
N MSE B 397 28.90 13.29 5.37
CA MSE B 397 28.36 13.78 6.62
C MSE B 397 27.81 12.68 7.52
O MSE B 397 27.37 12.96 8.62
CB MSE B 397 27.27 14.82 6.33
CG MSE B 397 27.77 16.04 5.57
SE MSE B 397 26.36 17.33 5.13
CE MSE B 397 25.31 16.32 3.94
N GLY B 398 27.81 11.43 7.06
CA GLY B 398 27.12 10.33 7.76
C GLY B 398 25.59 10.51 7.87
N LYS B 399 24.98 11.09 6.86
CA LYS B 399 23.54 11.30 6.83
C LYS B 399 22.95 10.61 5.61
N ASN B 400 23.64 9.60 5.11
CA ASN B 400 23.25 8.98 3.86
C ASN B 400 22.10 8.01 4.08
N LYS B 401 20.93 8.56 4.39
CA LYS B 401 19.69 7.80 4.49
C LYS B 401 18.59 8.61 3.85
N GLY B 402 17.71 7.96 3.08
CA GLY B 402 16.57 8.67 2.52
C GLY B 402 16.27 8.32 1.08
N LEU B 403 15.18 8.89 0.57
CA LEU B 403 14.68 8.65 -0.76
C LEU B 403 14.06 9.93 -1.24
N LEU B 404 14.22 10.25 -2.53
CA LEU B 404 13.51 11.39 -3.14
C LEU B 404 12.77 10.95 -4.40
N ASN B 405 11.45 11.19 -4.44
CA ASN B 405 10.64 11.02 -5.64
C ASN B 405 10.25 12.36 -6.20
N VAL B 406 10.44 12.51 -7.51
CA VAL B 406 10.11 13.69 -8.28
C VAL B 406 9.10 13.29 -9.38
N TYR B 407 8.01 14.05 -9.49
CA TYR B 407 6.97 13.72 -10.46
C TYR B 407 6.92 14.72 -11.61
N ALA B 408 6.80 14.22 -12.82
CA ALA B 408 6.77 15.10 -13.99
C ALA B 408 5.70 14.69 -15.02
N ASP B 409 5.08 15.70 -15.63
CA ASP B 409 4.23 15.50 -16.78
C ASP B 409 5.05 14.78 -17.84
N ARG B 410 4.53 13.66 -18.33
CA ARG B 410 5.25 12.76 -19.23
C ARG B 410 5.40 13.35 -20.65
N THR B 411 4.45 14.19 -21.02
CA THR B 411 4.41 14.80 -22.34
C THR B 411 5.29 16.06 -22.43
N SER B 412 5.20 16.93 -21.42
CA SER B 412 5.84 18.23 -21.46
C SER B 412 7.08 18.27 -20.55
N GLY B 413 7.11 17.38 -19.57
CA GLY B 413 8.18 17.38 -18.59
C GLY B 413 7.95 18.38 -17.49
N GLU B 414 6.76 19.01 -17.45
CA GLU B 414 6.48 19.96 -16.40
C GLU B 414 6.57 19.29 -15.03
N PHE B 415 7.32 19.91 -14.12
CA PHE B 415 7.45 19.43 -12.73
C PHE B 415 6.15 19.61 -11.95
N LEU B 416 5.68 18.52 -11.40
CA LEU B 416 4.35 18.42 -10.78
C LEU B 416 4.42 18.49 -9.25
N GLY B 417 5.40 17.79 -8.66
CA GLY B 417 5.50 17.67 -7.22
C GLY B 417 6.58 16.69 -6.81
N ALA B 418 6.74 16.51 -5.50
CA ALA B 418 7.75 15.60 -4.99
C ALA B 418 7.47 15.19 -3.55
N GLU B 419 8.07 14.06 -3.17
CA GLU B 419 8.20 13.64 -1.80
C GLU B 419 9.64 13.32 -1.51
N MSE B 420 10.10 13.74 -0.34
CA MSE B 420 11.48 13.50 0.04
C MSE B 420 11.55 13.15 1.50
O MSE B 420 10.90 13.81 2.32
CB MSE B 420 12.33 14.75 -0.20
CG MSE B 420 13.78 14.57 0.26
SE MSE B 420 14.95 15.97 -0.36
CE MSE B 420 16.46 15.61 0.81
N PHE B 421 12.35 12.15 1.82
CA PHE B 421 12.66 11.81 3.18
C PHE B 421 14.18 11.79 3.16
N GLY B 422 14.83 12.76 3.80
CA GLY B 422 16.27 12.82 3.65
C GLY B 422 16.84 14.07 4.31
N PRO B 423 18.17 14.25 4.22
CA PRO B 423 18.84 15.36 4.91
C PRO B 423 18.63 16.63 4.11
N ALA B 424 18.43 17.72 4.83
CA ALA B 424 18.24 19.08 4.25
C ALA B 424 16.97 19.15 3.39
N ALA B 425 16.06 18.20 3.61
CA ALA B 425 14.77 18.20 2.90
C ALA B 425 14.05 19.54 2.97
N GLU B 426 14.09 20.20 4.13
CA GLU B 426 13.48 21.53 4.25
C GLU B 426 13.99 22.50 3.17
N HIS B 427 15.29 22.40 2.87
CA HIS B 427 15.89 23.38 1.95
C HIS B 427 15.66 22.98 0.54
N ILE B 428 15.83 21.68 0.26
CA ILE B 428 15.50 21.13 -1.03
C ILE B 428 13.99 21.36 -1.31
N GLY B 429 13.17 21.30 -0.27
CA GLY B 429 11.74 21.56 -0.44
C GLY B 429 11.46 22.96 -0.99
N HIS B 430 12.15 23.97 -0.46
CA HIS B 430 12.07 25.33 -1.01
C HIS B 430 12.50 25.43 -2.48
N LEU B 431 13.64 24.82 -2.79
CA LEU B 431 14.17 24.82 -4.14
C LEU B 431 13.11 24.27 -5.07
N LEU B 432 12.55 23.12 -4.69
CA LEU B 432 11.53 22.49 -5.52
C LEU B 432 10.24 23.29 -5.60
N ALA B 433 9.88 23.96 -4.50
CA ALA B 433 8.60 24.66 -4.42
C ALA B 433 8.61 25.91 -5.31
N TRP B 434 9.71 26.66 -5.25
CA TRP B 434 9.93 27.78 -6.16
C TRP B 434 9.94 27.32 -7.65
N ALA B 435 10.51 26.14 -7.92
CA ALA B 435 10.52 25.60 -9.31
C ALA B 435 9.10 25.30 -9.80
N ARG B 436 8.30 24.66 -8.94
CA ARG B 436 6.87 24.38 -9.23
C ARG B 436 6.03 25.66 -9.45
N GLN B 437 6.25 26.69 -8.62
CA GLN B 437 5.44 27.92 -8.70
C GLN B 437 5.73 28.64 -10.02
N GLN B 438 6.97 28.50 -10.48
CA GLN B 438 7.43 29.04 -11.76
C GLN B 438 7.08 28.16 -12.94
N GLN B 439 6.52 26.98 -12.66
CA GLN B 439 6.07 26.04 -13.67
C GLN B 439 7.24 25.56 -14.51
N MSE B 440 8.38 25.32 -13.86
CA MSE B 440 9.54 24.81 -14.57
C MSE B 440 9.33 23.35 -15.05
O MSE B 440 8.55 22.60 -14.47
CB MSE B 440 10.77 24.90 -13.68
CG MSE B 440 11.08 26.30 -13.17
SE MSE B 440 12.84 26.30 -12.33
CE MSE B 440 13.90 26.17 -13.99
N THR B 441 10.04 22.98 -16.11
CA THR B 441 10.08 21.58 -16.52
C THR B 441 11.32 20.97 -15.91
N VAL B 442 11.36 19.64 -15.82
CA VAL B 442 12.53 18.95 -15.29
C VAL B 442 13.75 19.18 -16.18
N GLN B 443 13.56 19.25 -17.51
CA GLN B 443 14.67 19.55 -18.39
C GLN B 443 15.27 20.94 -18.10
N ALA B 444 14.42 21.96 -17.91
CA ALA B 444 14.89 23.28 -17.49
C ALA B 444 15.63 23.25 -16.13
N MSE B 445 15.07 22.54 -15.17
CA MSE B 445 15.65 22.48 -13.83
C MSE B 445 17.06 21.85 -13.88
O MSE B 445 17.94 22.20 -13.11
CB MSE B 445 14.73 21.73 -12.88
CG MSE B 445 13.45 22.48 -12.55
SE MSE B 445 12.09 21.25 -11.89
CE MSE B 445 12.77 20.98 -10.04
N LEU B 446 17.27 20.93 -14.84
CA LEU B 446 18.56 20.27 -15.02
C LEU B 446 19.66 21.22 -15.51
N THR B 447 19.25 22.35 -16.12
CA THR B 447 20.21 23.38 -16.55
C THR B 447 20.66 24.33 -15.44
N MSE B 448 19.97 24.29 -14.30
CA MSE B 448 20.25 25.16 -13.16
C MSE B 448 21.61 24.80 -12.51
O MSE B 448 22.18 23.76 -12.84
CB MSE B 448 19.13 25.01 -12.12
CG MSE B 448 17.76 25.38 -12.61
SE MSE B 448 17.63 27.32 -12.81
CE MSE B 448 17.43 27.45 -14.75
N PRO B 449 22.13 25.67 -11.61
CA PRO B 449 23.37 25.26 -10.92
C PRO B 449 23.16 24.12 -9.91
N PHE B 450 24.05 23.13 -9.95
CA PHE B 450 24.22 22.13 -8.90
C PHE B 450 25.71 22.14 -8.50
N TYR B 451 26.03 22.69 -7.33
CA TYR B 451 27.41 22.74 -6.80
C TYR B 451 27.91 21.34 -6.52
N HIS B 452 29.16 21.22 -6.07
CA HIS B 452 29.74 19.92 -5.69
C HIS B 452 30.70 20.14 -4.51
N PRO B 453 30.65 19.28 -3.48
CA PRO B 453 29.75 18.13 -3.27
C PRO B 453 28.60 18.53 -2.33
N VAL B 454 27.38 18.53 -2.83
CA VAL B 454 26.23 18.95 -2.03
C VAL B 454 25.04 17.98 -2.16
N ILE B 455 24.13 18.06 -1.19
CA ILE B 455 22.96 17.20 -1.17
C ILE B 455 22.10 17.44 -2.42
N GLU B 456 22.07 18.69 -2.90
CA GLU B 456 21.29 19.03 -4.11
C GLU B 456 21.60 18.13 -5.30
N GLU B 457 22.78 17.50 -5.28
CA GLU B 457 23.17 16.63 -6.40
C GLU B 457 22.30 15.39 -6.46
N GLY B 458 21.81 14.95 -5.30
CA GLY B 458 20.80 13.89 -5.25
C GLY B 458 19.56 14.29 -6.05
N LEU B 459 19.19 15.57 -5.95
CA LEU B 459 18.07 16.08 -6.73
C LEU B 459 18.39 15.97 -8.24
N ARG B 460 19.62 16.32 -8.63
CA ARG B 460 20.00 16.18 -10.03
C ARG B 460 19.77 14.74 -10.53
N THR B 461 20.19 13.75 -9.73
CA THR B 461 19.99 12.34 -10.06
C THR B 461 18.51 12.01 -10.29
N ALA B 462 17.65 12.46 -9.37
CA ALA B 462 16.22 12.14 -9.47
C ALA B 462 15.60 12.77 -10.74
N LEU B 463 16.05 14.00 -11.06
CA LEU B 463 15.58 14.74 -12.23
C LEU B 463 16.02 14.10 -13.56
N ARG B 464 17.25 13.60 -13.63
CA ARG B 464 17.76 12.83 -14.78
C ARG B 464 16.94 11.56 -15.00
N ASP B 465 16.63 10.88 -13.89
CA ASP B 465 15.82 9.66 -13.90
C ASP B 465 14.47 9.97 -14.55
N ALA B 466 13.82 11.04 -14.10
CA ALA B 466 12.51 11.42 -14.65
C ALA B 466 12.65 11.80 -16.11
N GLN B 467 13.64 12.64 -16.41
CA GLN B 467 13.87 13.16 -17.75
C GLN B 467 13.96 12.06 -18.81
N GLN B 468 14.72 11.01 -18.50
CA GLN B 468 14.95 9.94 -19.48
C GLN B 468 13.71 9.07 -19.70
N LYS B 469 12.68 9.27 -18.88
CA LYS B 469 11.36 8.65 -19.05
C LYS B 469 10.33 9.48 -19.86
N LEU B 470 10.66 10.73 -20.19
CA LEU B 470 9.72 11.63 -20.88
C LEU B 470 9.47 11.25 -22.35
N ALA B 471 8.30 11.62 -22.89
CA ALA B 471 7.95 11.35 -24.29
C ALA B 471 8.64 12.30 -25.29
N ILE B 472 9.40 13.25 -24.77
CA ILE B 472 10.04 14.30 -25.56
C ILE B 472 11.34 13.78 -26.21
N GLU B 473 11.78 14.41 -27.32
CA GLU B 473 12.94 13.89 -28.09
C GLU B 473 14.23 13.83 -27.27
N LYS B 474 15.00 12.77 -27.50
CA LYS B 474 16.33 12.59 -26.93
C LYS B 474 17.18 13.87 -26.99
N HIS B 475 17.06 14.58 -28.11
CA HIS B 475 17.92 15.72 -28.44
C HIS B 475 17.45 17.07 -27.89
N ASP B 476 16.44 17.05 -27.03
CA ASP B 476 16.13 18.19 -26.14
C ASP B 476 16.48 17.81 -24.68
N MSE B 477 17.41 16.88 -24.54
CA MSE B 477 17.89 16.43 -23.23
C MSE B 477 19.26 17.04 -22.89
O MSE B 477 20.11 16.39 -22.26
CB MSE B 477 17.92 14.89 -23.15
CG MSE B 477 16.58 14.26 -22.79
SE MSE B 477 16.60 12.29 -22.76
CE MSE B 477 17.74 11.96 -21.20
N ASN B 478 19.45 18.30 -23.29
CA ASN B 478 20.70 19.02 -23.00
C ASN B 478 20.65 19.64 -21.63
N GLU B 479 21.62 19.23 -20.81
CA GLU B 479 21.74 19.76 -19.47
C GLU B 479 22.53 21.06 -19.44
N PHE B 480 23.20 21.33 -20.56
CA PHE B 480 23.99 22.53 -20.71
C PHE B 480 23.79 23.13 -22.11
N ILE B 481 23.35 24.38 -22.16
CA ILE B 481 22.92 25.03 -23.40
C ILE B 481 24.09 25.71 -24.08
N MSE B 482 24.21 25.49 -25.38
CA MSE B 482 25.18 26.21 -26.18
C MSE B 482 24.50 26.85 -27.36
O MSE B 482 23.68 26.23 -28.03
CB MSE B 482 26.32 25.30 -26.62
CG MSE B 482 27.22 24.96 -25.43
SE MSE B 482 28.60 23.69 -25.82
CE MSE B 482 29.91 24.93 -26.56
N THR B 483 24.84 28.12 -27.58
CA THR B 483 24.21 28.93 -28.61
C THR B 483 25.14 29.26 -29.78
N HIS B 484 24.54 29.42 -30.96
CA HIS B 484 25.29 29.67 -32.18
C HIS B 484 25.12 31.10 -32.66
N ASN C 2 -39.96 8.85 -46.45
CA ASN C 2 -40.85 8.39 -45.34
C ASN C 2 -40.93 9.34 -44.12
N ALA C 3 -42.13 9.83 -43.81
CA ALA C 3 -42.37 10.53 -42.54
C ALA C 3 -42.02 9.60 -41.39
N MSE C 4 -41.73 10.18 -40.23
CA MSE C 4 -41.31 9.39 -39.11
C MSE C 4 -42.48 8.81 -38.35
O MSE C 4 -43.48 9.49 -38.13
CB MSE C 4 -40.45 10.20 -38.16
CG MSE C 4 -39.45 9.36 -37.45
SE MSE C 4 -37.71 10.20 -37.54
CE MSE C 4 -37.69 10.69 -39.44
N LYS C 5 -42.35 7.54 -37.99
CA LYS C 5 -43.32 6.85 -37.15
C LYS C 5 -43.19 7.40 -35.72
N VAL C 6 -44.31 7.85 -35.16
CA VAL C 6 -44.34 8.43 -33.82
C VAL C 6 -45.12 7.54 -32.85
N ILE C 7 -44.47 7.11 -31.77
CA ILE C 7 -45.17 6.29 -30.76
C ILE C 7 -45.20 6.89 -29.33
N ASN C 8 -46.37 6.82 -28.68
CA ASN C 8 -46.50 7.26 -27.29
C ASN C 8 -46.50 6.10 -26.30
N VAL C 9 -45.64 6.20 -25.29
CA VAL C 9 -45.52 5.13 -24.30
C VAL C 9 -45.47 5.70 -22.89
N ASP C 10 -45.88 4.89 -21.92
CA ASP C 10 -45.67 5.24 -20.50
C ASP C 10 -44.19 5.08 -20.14
N VAL C 11 -43.58 3.99 -20.60
CA VAL C 11 -42.15 3.76 -20.38
C VAL C 11 -41.40 3.20 -21.59
N ALA C 12 -40.26 3.85 -21.86
CA ALA C 12 -39.34 3.40 -22.88
C ALA C 12 -38.05 2.95 -22.22
N ILE C 13 -37.57 1.79 -22.64
CA ILE C 13 -36.36 1.17 -22.09
C ILE C 13 -35.34 1.05 -23.20
N ILE C 14 -34.24 1.78 -23.04
CA ILE C 14 -33.18 1.75 -24.03
C ILE C 14 -32.22 0.61 -23.68
N GLY C 15 -32.15 -0.38 -24.56
CA GLY C 15 -31.27 -1.53 -24.34
C GLY C 15 -32.04 -2.73 -23.84
N THR C 16 -32.04 -3.80 -24.63
CA THR C 16 -32.73 -5.04 -24.29
C THR C 16 -31.73 -6.10 -23.74
N GLY C 17 -30.98 -5.71 -22.71
CA GLY C 17 -30.03 -6.62 -22.07
C GLY C 17 -30.62 -7.18 -20.79
N THR C 18 -29.77 -7.49 -19.82
CA THR C 18 -30.26 -8.06 -18.55
C THR C 18 -31.10 -7.06 -17.79
N ALA C 19 -30.57 -5.85 -17.58
CA ALA C 19 -31.29 -4.82 -16.86
C ALA C 19 -32.56 -4.44 -17.66
N GLY C 20 -32.40 -4.26 -18.97
CA GLY C 20 -33.53 -3.85 -19.82
C GLY C 20 -34.69 -4.81 -19.80
N MSE C 21 -34.39 -6.09 -19.98
CA MSE C 21 -35.43 -7.12 -19.95
C MSE C 21 -36.09 -7.25 -18.57
O MSE C 21 -37.31 -7.39 -18.48
CB MSE C 21 -34.87 -8.48 -20.43
CG MSE C 21 -34.63 -8.53 -21.96
SE MSE C 21 -33.65 -10.14 -22.43
CE MSE C 21 -35.12 -11.45 -22.39
N GLY C 22 -35.30 -7.18 -17.49
CA GLY C 22 -35.89 -7.13 -16.15
C GLY C 22 -36.76 -5.89 -15.94
N ALA C 23 -36.32 -4.77 -16.46
CA ALA C 23 -37.10 -3.52 -16.36
C ALA C 23 -38.43 -3.60 -17.07
N TYR C 24 -38.45 -4.26 -18.22
CA TYR C 24 -39.67 -4.48 -18.99
C TYR C 24 -40.69 -5.34 -18.22
N ARG C 25 -40.25 -6.48 -17.70
CA ARG C 25 -41.14 -7.35 -16.92
C ARG C 25 -41.71 -6.61 -15.70
N ALA C 26 -40.88 -5.84 -15.02
CA ALA C 26 -41.31 -5.08 -13.83
C ALA C 26 -42.28 -3.95 -14.21
N ALA C 27 -41.97 -3.23 -15.30
CA ALA C 27 -42.81 -2.12 -15.76
C ALA C 27 -44.17 -2.59 -16.28
N LYS C 28 -44.18 -3.73 -16.98
CA LYS C 28 -45.43 -4.28 -17.54
C LYS C 28 -46.45 -4.61 -16.46
N LYS C 29 -46.03 -4.78 -15.21
CA LYS C 29 -47.00 -5.05 -14.17
C LYS C 29 -47.83 -3.81 -13.87
N HIS C 30 -47.27 -2.63 -14.10
CA HIS C 30 -47.95 -1.37 -13.83
C HIS C 30 -48.65 -0.74 -15.02
N THR C 31 -48.16 -1.01 -16.22
CA THR C 31 -48.74 -0.40 -17.40
C THR C 31 -48.49 -1.29 -18.62
N ASP C 32 -49.46 -1.37 -19.52
CA ASP C 32 -49.26 -2.12 -20.76
C ASP C 32 -48.32 -1.39 -21.75
N LYS C 33 -48.14 -0.09 -21.57
CA LYS C 33 -47.48 0.75 -22.58
C LYS C 33 -46.00 0.95 -22.35
N VAL C 34 -45.26 -0.11 -22.64
CA VAL C 34 -43.82 -0.10 -22.52
C VAL C 34 -43.14 -0.71 -23.75
N VAL C 35 -42.12 -0.01 -24.22
CA VAL C 35 -41.30 -0.50 -25.29
C VAL C 35 -39.90 -0.77 -24.80
N LEU C 36 -39.29 -1.77 -25.42
CA LEU C 36 -37.89 -2.15 -25.31
C LEU C 36 -37.20 -1.80 -26.63
N ILE C 37 -36.14 -0.98 -26.58
CA ILE C 37 -35.39 -0.62 -27.79
C ILE C 37 -34.05 -1.35 -27.84
N GLU C 38 -33.70 -1.90 -29.00
CA GLU C 38 -32.41 -2.60 -29.11
C GLU C 38 -31.73 -2.32 -30.44
N GLY C 39 -30.47 -1.86 -30.38
CA GLY C 39 -29.70 -1.54 -31.58
C GLY C 39 -28.76 -2.63 -32.09
N GLY C 40 -28.37 -3.58 -31.24
CA GLY C 40 -27.46 -4.65 -31.67
C GLY C 40 -28.19 -5.96 -31.63
N ALA C 41 -27.46 -7.04 -31.39
CA ALA C 41 -28.03 -8.38 -31.36
C ALA C 41 -28.77 -8.63 -30.04
N TYR C 42 -29.92 -9.30 -30.11
CA TYR C 42 -30.54 -9.83 -28.88
C TYR C 42 -29.64 -10.94 -28.28
N GLY C 43 -29.82 -11.20 -26.97
CA GLY C 43 -29.05 -12.25 -26.30
C GLY C 43 -28.51 -11.88 -24.93
N THR C 44 -28.37 -10.57 -24.70
CA THR C 44 -27.68 -9.93 -23.55
C THR C 44 -26.17 -10.10 -23.66
N THR C 45 -25.43 -9.13 -23.15
CA THR C 45 -23.95 -9.22 -23.19
C THR C 45 -23.43 -10.42 -22.41
N CYS C 46 -24.05 -10.71 -21.28
CA CYS C 46 -23.71 -11.86 -20.48
C CYS C 46 -23.65 -13.18 -21.26
N ALA C 47 -24.77 -13.56 -21.88
CA ALA C 47 -24.80 -14.79 -22.64
C ALA C 47 -23.94 -14.70 -23.91
N ARG C 48 -23.91 -13.53 -24.56
CA ARG C 48 -23.24 -13.47 -25.87
C ARG C 48 -21.71 -13.50 -25.75
N VAL C 49 -21.16 -12.62 -24.92
CA VAL C 49 -19.74 -12.29 -24.97
C VAL C 49 -19.24 -11.96 -23.56
N GLY C 50 -20.02 -12.36 -22.56
CA GLY C 50 -19.76 -11.98 -21.17
C GLY C 50 -19.53 -13.17 -20.25
N CYS C 51 -20.35 -13.27 -19.21
CA CYS C 51 -20.24 -14.37 -18.23
C CYS C 51 -20.13 -15.76 -18.87
N MSE C 52 -21.00 -16.05 -19.84
CA MSE C 52 -21.11 -17.44 -20.32
C MSE C 52 -19.89 -17.94 -21.09
O MSE C 52 -19.29 -18.94 -20.68
CB MSE C 52 -22.42 -17.74 -21.07
CG MSE C 52 -23.70 -17.58 -20.26
SE MSE C 52 -23.54 -18.30 -18.41
CE MSE C 52 -23.69 -20.14 -18.69
N PRO C 53 -19.51 -17.28 -22.20
CA PRO C 53 -18.32 -17.71 -22.91
C PRO C 53 -17.03 -17.67 -22.08
N SER C 54 -16.93 -16.72 -21.15
CA SER C 54 -15.76 -16.63 -20.31
C SER C 54 -15.70 -17.79 -19.33
N LYS C 55 -16.81 -18.13 -18.64
CA LYS C 55 -16.83 -19.35 -17.78
C LYS C 55 -16.59 -20.64 -18.58
N LEU C 56 -17.01 -20.64 -19.83
CA LEU C 56 -16.74 -21.76 -20.72
C LEU C 56 -15.26 -21.91 -21.05
N LEU C 57 -14.63 -20.80 -21.46
CA LEU C 57 -13.17 -20.72 -21.56
C LEU C 57 -12.47 -21.22 -20.29
N ILE C 58 -12.92 -20.75 -19.14
CA ILE C 58 -12.27 -21.14 -17.87
C ILE C 58 -12.39 -22.64 -17.56
N ALA C 59 -13.59 -23.20 -17.77
CA ALA C 59 -13.81 -24.61 -17.52
C ALA C 59 -12.82 -25.40 -18.35
N ALA C 60 -12.66 -25.04 -19.62
CA ALA C 60 -11.71 -25.78 -20.47
C ALA C 60 -10.30 -25.65 -19.95
N ALA C 61 -9.95 -24.44 -19.55
CA ALA C 61 -8.61 -24.13 -19.06
C ALA C 61 -8.33 -24.90 -17.77
N ASP C 62 -9.31 -24.92 -16.87
CA ASP C 62 -9.18 -25.71 -15.65
C ASP C 62 -8.99 -27.19 -15.94
N ALA C 63 -9.77 -27.73 -16.88
CA ALA C 63 -9.59 -29.15 -17.25
C ALA C 63 -8.15 -29.46 -17.69
N SER C 64 -7.66 -28.67 -18.64
CA SER C 64 -6.30 -28.83 -19.20
C SER C 64 -5.22 -28.67 -18.12
N TYR C 65 -5.29 -27.58 -17.38
CA TYR C 65 -4.34 -27.32 -16.31
C TYR C 65 -4.36 -28.38 -15.20
N HIS C 66 -5.53 -28.75 -14.68
CA HIS C 66 -5.56 -29.81 -13.66
C HIS C 66 -4.98 -31.13 -14.15
N ALA C 67 -5.14 -31.43 -15.44
CA ALA C 67 -4.61 -32.67 -15.99
C ALA C 67 -3.09 -32.70 -15.93
N SER C 68 -2.46 -31.53 -15.87
CA SER C 68 -1.01 -31.45 -15.85
C SER C 68 -0.48 -31.45 -14.42
N GLN C 69 -1.40 -31.39 -13.46
CA GLN C 69 -1.04 -31.27 -12.05
C GLN C 69 -1.37 -32.51 -11.23
N THR C 70 -1.35 -33.68 -11.85
CA THR C 70 -1.70 -34.88 -11.13
C THR C 70 -0.56 -35.53 -10.32
N ASP C 71 0.71 -35.17 -10.59
CA ASP C 71 1.83 -35.89 -9.94
CA ASP C 71 1.92 -35.74 -9.93
C ASP C 71 1.83 -35.81 -8.40
N LEU C 72 1.34 -34.73 -7.81
CA LEU C 72 1.14 -34.66 -6.33
C LEU C 72 0.44 -35.93 -5.82
N PHE C 73 -0.54 -36.40 -6.57
CA PHE C 73 -1.33 -37.55 -6.15
C PHE C 73 -0.73 -38.93 -6.49
N GLY C 74 0.33 -38.97 -7.30
CA GLY C 74 0.91 -40.24 -7.72
C GLY C 74 0.42 -40.71 -9.08
N ILE C 75 -0.15 -39.78 -9.86
CA ILE C 75 -0.60 -40.08 -11.24
C ILE C 75 0.20 -39.26 -12.25
N GLN C 76 0.59 -39.86 -13.37
CA GLN C 76 1.26 -39.11 -14.45
C GLN C 76 0.40 -39.08 -15.73
N VAL C 77 0.29 -37.89 -16.30
CA VAL C 77 -0.46 -37.72 -17.55
C VAL C 77 0.48 -37.32 -18.67
N ASP C 78 0.46 -38.12 -19.74
CA ASP C 78 1.35 -37.94 -20.88
C ASP C 78 0.69 -37.14 -21.97
N ARG C 79 1.45 -36.15 -22.46
CA ARG C 79 1.11 -35.31 -23.61
C ARG C 79 -0.31 -34.78 -23.59
N ILE C 80 -0.50 -33.76 -22.79
CA ILE C 80 -1.72 -33.01 -22.82
C ILE C 80 -1.63 -32.12 -24.05
N SER C 81 -2.52 -32.37 -25.02
CA SER C 81 -2.56 -31.55 -26.22
C SER C 81 -3.87 -30.77 -26.36
N VAL C 82 -3.75 -29.46 -26.48
CA VAL C 82 -4.90 -28.58 -26.63
C VAL C 82 -5.30 -28.42 -28.11
N ASN C 83 -6.51 -28.85 -28.44
CA ASN C 83 -6.97 -28.71 -29.80
C ASN C 83 -7.75 -27.38 -29.81
N GLY C 84 -7.05 -26.29 -30.16
CA GLY C 84 -7.60 -24.92 -30.09
C GLY C 84 -8.93 -24.77 -30.83
N LYS C 85 -9.05 -25.43 -31.96
CA LYS C 85 -10.26 -25.36 -32.77
C LYS C 85 -11.45 -25.99 -32.04
N ALA C 86 -11.22 -27.15 -31.41
CA ALA C 86 -12.25 -27.86 -30.67
C ALA C 86 -12.56 -27.08 -29.39
N VAL C 87 -11.55 -26.47 -28.78
CA VAL C 87 -11.78 -25.62 -27.58
C VAL C 87 -12.76 -24.48 -27.97
N MSE C 88 -12.48 -23.81 -29.08
CA MSE C 88 -13.26 -22.63 -29.47
C MSE C 88 -14.64 -23.09 -29.90
O MSE C 88 -15.62 -22.39 -29.73
CB MSE C 88 -12.59 -21.85 -30.61
CG MSE C 88 -11.24 -21.19 -30.29
SE MSE C 88 -11.26 -20.21 -28.57
CE MSE C 88 -12.71 -18.95 -28.96
N LYS C 89 -14.71 -24.28 -30.48
CA LYS C 89 -15.95 -24.75 -31.08
C LYS C 89 -16.93 -25.06 -29.97
N ARG C 90 -16.46 -25.66 -28.89
CA ARG C 90 -17.36 -25.91 -27.75
C ARG C 90 -17.82 -24.64 -27.04
N ILE C 91 -16.91 -23.68 -26.87
CA ILE C 91 -17.30 -22.44 -26.23
C ILE C 91 -18.48 -21.86 -27.01
N GLN C 92 -18.30 -21.80 -28.34
CA GLN C 92 -19.19 -21.10 -29.26
C GLN C 92 -20.55 -21.74 -29.36
N THR C 93 -20.60 -23.07 -29.39
CA THR C 93 -21.88 -23.73 -29.51
C THR C 93 -22.61 -23.70 -28.15
N GLU C 94 -21.89 -23.88 -27.05
CA GLU C 94 -22.54 -23.69 -25.73
C GLU C 94 -23.07 -22.27 -25.57
N ARG C 95 -22.24 -21.29 -25.93
CA ARG C 95 -22.62 -19.88 -25.94
C ARG C 95 -23.90 -19.67 -26.79
N ASP C 96 -23.93 -20.21 -28.01
CA ASP C 96 -25.11 -20.11 -28.90
C ASP C 96 -26.36 -20.67 -28.28
N ARG C 97 -26.24 -21.83 -27.65
CA ARG C 97 -27.36 -22.39 -26.93
C ARG C 97 -27.88 -21.45 -25.80
N PHE C 98 -26.99 -20.84 -25.02
CA PHE C 98 -27.44 -19.90 -23.96
C PHE C 98 -28.13 -18.66 -24.53
N VAL C 99 -27.57 -18.09 -25.58
CA VAL C 99 -28.17 -16.97 -26.28
C VAL C 99 -29.55 -17.34 -26.82
N GLY C 100 -29.72 -18.58 -27.29
CA GLY C 100 -30.98 -19.02 -27.90
C GLY C 100 -32.12 -18.97 -26.91
N PHE C 101 -31.87 -19.41 -25.68
CA PHE C 101 -32.86 -19.22 -24.60
C PHE C 101 -33.31 -17.76 -24.37
N VAL C 102 -32.36 -16.82 -24.45
CA VAL C 102 -32.69 -15.40 -24.27
C VAL C 102 -33.48 -14.89 -25.46
N VAL C 103 -33.05 -15.29 -26.67
CA VAL C 103 -33.72 -14.87 -27.90
C VAL C 103 -35.17 -15.39 -27.95
N GLU C 104 -35.36 -16.63 -27.47
CA GLU C 104 -36.69 -17.19 -27.21
C GLU C 104 -37.58 -16.25 -26.38
N SER C 105 -37.03 -15.79 -25.25
CA SER C 105 -37.78 -14.87 -24.39
C SER C 105 -38.17 -13.58 -25.08
N VAL C 106 -37.22 -12.90 -25.72
CA VAL C 106 -37.58 -11.67 -26.44
C VAL C 106 -38.59 -11.90 -27.56
N GLU C 107 -38.47 -13.02 -28.26
CA GLU C 107 -39.48 -13.43 -29.25
C GLU C 107 -40.88 -13.64 -28.65
N SER C 108 -40.98 -14.06 -27.39
CA SER C 108 -42.28 -14.20 -26.74
C SER C 108 -42.94 -12.84 -26.38
N PHE C 109 -42.16 -11.75 -26.35
CA PHE C 109 -42.73 -10.44 -26.06
C PHE C 109 -43.63 -9.97 -27.21
N ASP C 110 -44.66 -9.19 -26.89
CA ASP C 110 -45.53 -8.61 -27.91
C ASP C 110 -44.68 -7.89 -28.93
N GLU C 111 -45.00 -8.08 -30.20
CA GLU C 111 -44.31 -7.39 -31.28
C GLU C 111 -44.32 -5.86 -31.15
N GLN C 112 -45.44 -5.31 -30.71
CA GLN C 112 -45.54 -3.85 -30.59
C GLN C 112 -44.71 -3.30 -29.40
N ASP C 113 -44.19 -4.18 -28.54
CA ASP C 113 -43.35 -3.73 -27.42
C ASP C 113 -41.85 -3.64 -27.76
N LYS C 114 -41.49 -3.97 -28.99
CA LYS C 114 -40.07 -4.00 -29.38
C LYS C 114 -39.80 -3.11 -30.57
N ILE C 115 -38.81 -2.23 -30.45
CA ILE C 115 -38.33 -1.46 -31.60
C ILE C 115 -36.85 -1.76 -31.84
N ARG C 116 -36.50 -1.97 -33.11
CA ARG C 116 -35.14 -2.22 -33.56
C ARG C 116 -34.44 -0.93 -33.93
N GLY C 117 -33.23 -0.73 -33.42
CA GLY C 117 -32.44 0.45 -33.79
C GLY C 117 -31.76 1.12 -32.60
N PHE C 118 -30.88 2.09 -32.89
CA PHE C 118 -30.16 2.82 -31.83
C PHE C 118 -30.93 4.08 -31.41
N ALA C 119 -31.23 4.16 -30.12
CA ALA C 119 -31.96 5.30 -29.57
C ALA C 119 -31.05 6.42 -29.08
N LYS C 120 -31.54 7.66 -29.21
CA LYS C 120 -30.89 8.84 -28.66
C LYS C 120 -31.93 9.86 -28.21
N PHE C 121 -31.59 10.64 -27.20
CA PHE C 121 -32.51 11.65 -26.67
C PHE C 121 -32.53 12.85 -27.60
N LEU C 122 -33.73 13.29 -27.98
CA LEU C 122 -33.92 14.61 -28.59
C LEU C 122 -34.21 15.64 -27.49
N ASP C 123 -34.97 15.23 -26.47
CA ASP C 123 -35.18 16.05 -25.27
C ASP C 123 -35.54 15.08 -24.16
N GLU C 124 -35.96 15.60 -23.02
CA GLU C 124 -36.16 14.76 -21.84
C GLU C 124 -37.32 13.79 -21.93
N HIS C 125 -38.18 13.96 -22.94
CA HIS C 125 -39.31 13.04 -23.11
C HIS C 125 -39.37 12.29 -24.43
N THR C 126 -38.45 12.58 -25.34
CA THR C 126 -38.57 11.98 -26.66
C THR C 126 -37.27 11.40 -27.20
N LEU C 127 -37.34 10.16 -27.66
CA LEU C 127 -36.19 9.48 -28.20
C LEU C 127 -36.34 9.31 -29.68
N GLN C 128 -35.22 9.36 -30.38
CA GLN C 128 -35.21 9.06 -31.82
C GLN C 128 -34.49 7.75 -32.08
N VAL C 129 -35.16 6.81 -32.74
CA VAL C 129 -34.57 5.49 -33.00
C VAL C 129 -34.14 5.46 -34.45
N ASP C 130 -32.83 5.42 -34.66
CA ASP C 130 -32.21 5.63 -35.99
C ASP C 130 -32.88 6.82 -36.69
N ASP C 131 -33.48 6.58 -37.86
CA ASP C 131 -34.15 7.63 -38.63
C ASP C 131 -35.60 7.26 -39.00
N HIS C 132 -36.17 6.28 -38.29
CA HIS C 132 -37.50 5.76 -38.66
C HIS C 132 -38.57 6.00 -37.58
N SER C 133 -38.13 6.19 -36.36
CA SER C 133 -39.08 6.28 -35.24
C SER C 133 -38.71 7.30 -34.21
N GLN C 134 -39.75 7.96 -33.71
CA GLN C 134 -39.65 8.79 -32.53
C GLN C 134 -40.64 8.27 -31.48
N VAL C 135 -40.13 8.14 -30.27
CA VAL C 135 -40.87 7.59 -29.14
C VAL C 135 -41.05 8.68 -28.08
N ILE C 136 -42.30 9.00 -27.78
CA ILE C 136 -42.63 9.94 -26.73
C ILE C 136 -42.93 9.14 -25.46
N ALA C 137 -42.04 9.27 -24.48
CA ALA C 137 -42.07 8.43 -23.29
C ALA C 137 -42.23 9.24 -22.03
N LYS C 138 -43.21 8.85 -21.21
CA LYS C 138 -43.44 9.54 -19.95
C LYS C 138 -42.29 9.25 -19.00
N ARG C 139 -41.83 8.02 -19.04
CA ARG C 139 -40.69 7.64 -18.22
C ARG C 139 -39.74 6.83 -19.09
N ILE C 140 -38.44 7.05 -18.87
CA ILE C 140 -37.40 6.41 -19.68
C ILE C 140 -36.36 5.70 -18.81
N VAL C 141 -36.00 4.48 -19.18
CA VAL C 141 -34.95 3.71 -18.50
C VAL C 141 -33.77 3.57 -19.44
N ILE C 142 -32.61 4.02 -18.97
CA ILE C 142 -31.37 3.85 -19.73
C ILE C 142 -30.75 2.57 -19.23
N ALA C 143 -30.67 1.56 -20.10
CA ALA C 143 -30.18 0.22 -19.72
C ALA C 143 -29.28 -0.28 -20.84
N THR C 144 -28.34 0.59 -21.26
CA THR C 144 -27.54 0.39 -22.45
C THR C 144 -26.21 -0.39 -22.22
N GLY C 145 -25.97 -0.87 -21.00
CA GLY C 145 -24.77 -1.64 -20.74
C GLY C 145 -23.45 -0.87 -20.79
N SER C 146 -22.34 -1.60 -20.87
CA SER C 146 -20.98 -1.07 -21.01
C SER C 146 -20.36 -1.66 -22.26
N ARG C 147 -19.31 -1.02 -22.76
CA ARG C 147 -18.58 -1.53 -23.90
C ARG C 147 -17.11 -1.57 -23.52
N PRO C 148 -16.29 -2.40 -24.22
CA PRO C 148 -14.86 -2.37 -23.93
C PRO C 148 -14.32 -0.96 -24.18
N ASN C 149 -13.25 -0.62 -23.49
CA ASN C 149 -12.55 0.63 -23.78
C ASN C 149 -11.09 0.46 -23.39
N TYR C 150 -10.23 1.32 -23.92
CA TYR C 150 -8.80 1.17 -23.68
C TYR C 150 -8.11 2.51 -23.89
N PRO C 151 -6.96 2.69 -23.25
CA PRO C 151 -6.20 3.92 -23.45
C PRO C 151 -5.70 4.00 -24.89
N GLU C 152 -5.36 5.20 -25.33
CA GLU C 152 -4.98 5.39 -26.73
C GLU C 152 -3.83 4.50 -27.21
N PHE C 153 -2.83 4.23 -26.36
CA PHE C 153 -1.68 3.45 -26.82
C PHE C 153 -2.08 2.08 -27.38
N LEU C 154 -3.10 1.47 -26.77
CA LEU C 154 -3.56 0.15 -27.17
C LEU C 154 -4.15 0.12 -28.57
N ALA C 155 -4.60 1.28 -29.03
CA ALA C 155 -5.22 1.40 -30.35
C ALA C 155 -4.22 1.09 -31.50
N ALA C 156 -2.94 1.33 -31.27
CA ALA C 156 -1.92 0.97 -32.29
C ALA C 156 -1.79 -0.55 -32.57
N ALA C 157 -2.38 -1.39 -31.73
CA ALA C 157 -2.42 -2.85 -32.01
C ALA C 157 -3.31 -3.18 -33.21
N GLY C 158 -4.15 -2.22 -33.59
CA GLY C 158 -4.91 -2.30 -34.84
C GLY C 158 -5.80 -3.52 -34.90
N SER C 159 -5.64 -4.31 -35.95
CA SER C 159 -6.53 -5.43 -36.23
C SER C 159 -6.25 -6.61 -35.31
N ARG C 160 -5.13 -6.57 -34.58
CA ARG C 160 -4.81 -7.64 -33.62
C ARG C 160 -5.15 -7.22 -32.17
N LEU C 161 -6.03 -6.24 -32.03
CA LEU C 161 -6.50 -5.81 -30.71
C LEU C 161 -7.76 -6.63 -30.41
N LEU C 162 -7.73 -7.40 -29.35
CA LEU C 162 -8.88 -8.20 -28.96
C LEU C 162 -9.61 -7.56 -27.78
N THR C 163 -10.92 -7.78 -27.73
CA THR C 163 -11.75 -7.43 -26.59
C THR C 163 -12.71 -8.61 -26.41
N ASN C 164 -13.50 -8.63 -25.35
CA ASN C 164 -14.50 -9.70 -25.20
C ASN C 164 -15.46 -9.76 -26.40
N ASP C 165 -15.61 -8.62 -27.08
CA ASP C 165 -16.47 -8.54 -28.27
C ASP C 165 -16.04 -9.49 -29.41
N ASN C 166 -14.74 -9.82 -29.48
CA ASN C 166 -14.26 -10.69 -30.58
C ASN C 166 -13.40 -11.89 -30.15
N LEU C 167 -13.01 -11.91 -28.87
CA LEU C 167 -12.09 -12.95 -28.39
C LEU C 167 -12.70 -14.32 -28.61
N PHE C 168 -13.98 -14.44 -28.24
CA PHE C 168 -14.64 -15.72 -28.28
C PHE C 168 -15.11 -16.12 -29.67
N GLU C 169 -14.95 -15.21 -30.65
CA GLU C 169 -15.25 -15.55 -32.05
C GLU C 169 -14.05 -16.15 -32.83
N LEU C 170 -12.88 -16.16 -32.22
CA LEU C 170 -11.71 -16.77 -32.85
C LEU C 170 -11.97 -18.22 -33.22
N ASN C 171 -11.41 -18.64 -34.34
CA ASN C 171 -11.59 -19.99 -34.83
C ASN C 171 -10.63 -20.98 -34.19
N ASP C 172 -9.57 -20.45 -33.61
CA ASP C 172 -8.53 -21.24 -32.99
C ASP C 172 -7.98 -20.40 -31.86
N LEU C 173 -7.28 -21.04 -30.93
CA LEU C 173 -6.62 -20.30 -29.87
C LEU C 173 -5.39 -19.59 -30.46
N PRO C 174 -5.11 -18.39 -29.96
CA PRO C 174 -3.89 -17.73 -30.41
C PRO C 174 -2.65 -18.39 -29.81
N LYS C 175 -1.49 -18.13 -30.40
CA LYS C 175 -0.23 -18.67 -29.90
C LYS C 175 0.22 -17.85 -28.69
N SER C 176 -0.10 -16.56 -28.69
CA SER C 176 0.38 -15.64 -27.66
C SER C 176 -0.50 -14.38 -27.57
N VAL C 177 -0.72 -13.91 -26.34
CA VAL C 177 -1.54 -12.75 -26.04
C VAL C 177 -0.95 -11.89 -24.89
N ALA C 178 -0.77 -10.59 -25.14
CA ALA C 178 -0.49 -9.63 -24.07
C ALA C 178 -1.81 -9.06 -23.54
N VAL C 179 -2.10 -9.33 -22.27
CA VAL C 179 -3.35 -8.90 -21.65
C VAL C 179 -3.10 -7.62 -20.87
N PHE C 180 -3.91 -6.61 -21.16
CA PHE C 180 -3.83 -5.36 -20.43
C PHE C 180 -5.07 -5.19 -19.59
N GLY C 181 -4.87 -4.97 -18.29
CA GLY C 181 -5.97 -4.77 -17.37
C GLY C 181 -6.02 -5.86 -16.32
N PRO C 182 -5.61 -5.53 -15.09
CA PRO C 182 -5.44 -6.49 -13.99
C PRO C 182 -6.75 -6.81 -13.22
N GLY C 183 -7.90 -6.53 -13.83
CA GLY C 183 -9.21 -6.66 -13.17
C GLY C 183 -9.84 -8.06 -13.26
N VAL C 184 -11.12 -8.16 -12.95
CA VAL C 184 -11.83 -9.43 -13.00
C VAL C 184 -11.57 -10.10 -14.36
N ILE C 185 -11.97 -9.42 -15.42
CA ILE C 185 -11.89 -9.94 -16.78
C ILE C 185 -10.47 -10.27 -17.25
N GLY C 186 -9.54 -9.33 -17.12
CA GLY C 186 -8.15 -9.55 -17.57
C GLY C 186 -7.48 -10.74 -16.89
N LEU C 187 -7.74 -10.92 -15.60
CA LEU C 187 -7.10 -12.01 -14.85
C LEU C 187 -7.77 -13.36 -15.15
N GLU C 188 -9.10 -13.37 -15.30
CA GLU C 188 -9.86 -14.61 -15.56
C GLU C 188 -9.46 -15.11 -16.94
N LEU C 189 -9.33 -14.16 -17.88
CA LEU C 189 -9.02 -14.51 -19.27
C LEU C 189 -7.53 -14.78 -19.50
N GLY C 190 -6.66 -13.98 -18.90
CA GLY C 190 -5.21 -14.19 -19.05
C GLY C 190 -4.83 -15.54 -18.47
N GLN C 191 -5.30 -15.83 -17.26
CA GLN C 191 -5.03 -17.13 -16.66
C GLN C 191 -5.64 -18.30 -17.48
N ALA C 192 -6.87 -18.15 -17.97
CA ALA C 192 -7.44 -19.26 -18.76
C ALA C 192 -6.63 -19.49 -20.04
N LEU C 193 -6.22 -18.40 -20.69
CA LEU C 193 -5.44 -18.52 -21.94
C LEU C 193 -4.11 -19.20 -21.63
N SER C 194 -3.46 -18.77 -20.55
CA SER C 194 -2.21 -19.41 -20.14
C SER C 194 -2.38 -20.90 -19.91
N ARG C 195 -3.45 -21.28 -19.22
CA ARG C 195 -3.66 -22.69 -18.91
C ARG C 195 -3.98 -23.52 -20.14
N LEU C 196 -4.38 -22.83 -21.22
CA LEU C 196 -4.67 -23.47 -22.47
C LEU C 196 -3.45 -23.45 -23.39
N GLY C 197 -2.29 -23.12 -22.83
CA GLY C 197 -1.03 -23.17 -23.61
C GLY C 197 -0.73 -21.95 -24.46
N VAL C 198 -1.50 -20.89 -24.30
CA VAL C 198 -1.19 -19.62 -24.93
C VAL C 198 -0.07 -18.95 -24.11
N ILE C 199 0.90 -18.38 -24.80
CA ILE C 199 1.93 -17.59 -24.11
C ILE C 199 1.31 -16.25 -23.71
N VAL C 200 1.22 -15.99 -22.41
CA VAL C 200 0.58 -14.77 -21.95
C VAL C 200 1.41 -13.98 -20.95
N LYS C 201 1.35 -12.66 -21.10
CA LYS C 201 1.75 -11.77 -20.01
C LYS C 201 0.57 -10.87 -19.75
N VAL C 202 0.33 -10.58 -18.48
CA VAL C 202 -0.72 -9.67 -18.05
C VAL C 202 -0.07 -8.45 -17.45
N PHE C 203 -0.49 -7.26 -17.89
CA PHE C 203 0.02 -5.99 -17.39
C PHE C 203 -1.09 -5.14 -16.78
N GLY C 204 -0.83 -4.62 -15.59
CA GLY C 204 -1.66 -3.57 -15.03
C GLY C 204 -0.77 -2.42 -14.62
N ARG C 205 -1.38 -1.34 -14.16
CA ARG C 205 -0.66 -0.13 -13.88
C ARG C 205 -0.66 0.21 -12.39
N SER C 206 -1.83 0.20 -11.78
CA SER C 206 -2.04 0.90 -10.52
C SER C 206 -1.58 0.13 -9.27
N GLY C 207 -1.14 -1.11 -9.45
CA GLY C 207 -0.99 -2.03 -8.32
C GLY C 207 -2.23 -2.89 -8.04
N SER C 208 -3.33 -2.58 -8.71
CA SER C 208 -4.62 -3.31 -8.64
C SER C 208 -4.48 -4.79 -8.95
N VAL C 209 -5.23 -5.61 -8.23
CA VAL C 209 -5.31 -7.06 -8.47
C VAL C 209 -6.76 -7.45 -8.31
N ALA C 210 -7.44 -7.69 -9.42
CA ALA C 210 -8.87 -7.87 -9.43
C ALA C 210 -9.50 -6.64 -8.77
N ASN C 211 -10.43 -6.83 -7.86
CA ASN C 211 -10.94 -5.70 -7.10
C ASN C 211 -10.59 -5.75 -5.62
N LEU C 212 -9.50 -6.45 -5.30
CA LEU C 212 -9.04 -6.56 -3.92
C LEU C 212 -8.61 -5.20 -3.39
N GLN C 213 -8.93 -4.92 -2.13
CA GLN C 213 -8.51 -3.66 -1.55
C GLN C 213 -7.33 -3.74 -0.59
N ASP C 214 -7.33 -4.72 0.28
CA ASP C 214 -6.24 -4.94 1.22
C ASP C 214 -4.92 -5.10 0.50
N GLU C 215 -3.94 -4.32 0.93
CA GLU C 215 -2.62 -4.32 0.32
C GLU C 215 -1.95 -5.70 0.34
N GLU C 216 -1.92 -6.34 1.51
CA GLU C 216 -1.33 -7.67 1.67
C GLU C 216 -2.02 -8.75 0.84
N MSE C 217 -3.35 -8.66 0.76
CA MSE C 217 -4.17 -9.53 -0.09
C MSE C 217 -3.70 -9.40 -1.54
O MSE C 217 -3.40 -10.39 -2.19
CB MSE C 217 -5.64 -9.10 -0.06
CG MSE C 217 -6.51 -9.79 0.92
SE MSE C 217 -7.11 -11.61 0.38
CE MSE C 217 -7.66 -11.89 2.20
N LYS C 218 -3.65 -8.15 -2.02
CA LYS C 218 -3.20 -7.89 -3.41
C LYS C 218 -1.83 -8.48 -3.73
N ARG C 219 -0.88 -8.27 -2.83
CA ARG C 219 0.49 -8.71 -3.07
C ARG C 219 0.56 -10.24 -3.05
N TYR C 220 -0.20 -10.87 -2.16
CA TYR C 220 -0.19 -12.31 -2.04
C TYR C 220 -0.79 -12.96 -3.29
N ALA C 221 -1.84 -12.35 -3.82
CA ALA C 221 -2.51 -12.84 -5.00
C ALA C 221 -1.62 -12.65 -6.22
N GLU C 222 -0.97 -11.49 -6.32
CA GLU C 222 -0.04 -11.23 -7.44
C GLU C 222 1.10 -12.24 -7.41
N LYS C 223 1.66 -12.43 -6.22
CA LYS C 223 2.76 -13.38 -6.06
C LYS C 223 2.29 -14.77 -6.46
N THR C 224 1.09 -15.15 -5.99
CA THR C 224 0.55 -16.47 -6.27
C THR C 224 0.36 -16.66 -7.75
N PHE C 225 -0.36 -15.76 -8.41
CA PHE C 225 -0.52 -15.83 -9.87
C PHE C 225 0.82 -15.92 -10.61
N ASN C 226 1.82 -15.17 -10.17
CA ASN C 226 3.11 -15.23 -10.83
C ASN C 226 3.85 -16.57 -10.73
N GLU C 227 3.42 -17.46 -9.85
CA GLU C 227 3.99 -18.82 -9.82
C GLU C 227 3.55 -19.60 -11.06
N GLU C 228 2.59 -19.07 -11.80
CA GLU C 228 1.96 -19.77 -12.91
C GLU C 228 2.10 -19.00 -14.24
N PHE C 229 1.89 -17.70 -14.22
CA PHE C 229 2.01 -16.90 -15.44
C PHE C 229 2.53 -15.49 -15.12
N TYR C 230 3.16 -14.85 -16.09
CA TYR C 230 3.71 -13.50 -15.90
C TYR C 230 2.60 -12.48 -15.63
N PHE C 231 2.67 -11.83 -14.46
CA PHE C 231 1.72 -10.78 -14.08
C PHE C 231 2.45 -9.68 -13.32
N ASP C 232 2.49 -8.52 -13.94
CA ASP C 232 3.00 -7.29 -13.33
C ASP C 232 1.87 -6.28 -13.11
N ALA C 233 1.48 -6.10 -11.84
CA ALA C 233 0.41 -5.16 -11.45
C ALA C 233 0.86 -3.69 -11.52
N LYS C 234 2.16 -3.46 -11.55
CA LYS C 234 2.69 -2.10 -11.65
C LYS C 234 3.58 -2.00 -12.88
N ALA C 235 3.10 -2.46 -14.02
CA ALA C 235 3.93 -2.51 -15.21
C ALA C 235 4.10 -1.14 -15.87
N ARG C 236 5.29 -0.84 -16.35
CA ARG C 236 5.50 0.33 -17.19
C ARG C 236 5.58 -0.11 -18.66
N VAL C 237 4.53 0.20 -19.41
CA VAL C 237 4.44 -0.25 -20.80
C VAL C 237 4.60 0.96 -21.74
N ILE C 238 5.39 0.78 -22.79
CA ILE C 238 5.74 1.92 -23.65
C ILE C 238 4.82 1.95 -24.89
N SER C 239 4.57 0.78 -25.49
CA SER C 239 3.80 0.76 -26.74
C SER C 239 3.39 -0.64 -27.19
N THR C 240 2.33 -0.68 -27.98
CA THR C 240 1.78 -1.91 -28.50
C THR C 240 1.43 -1.66 -29.97
N ILE C 241 2.37 -1.95 -30.85
CA ILE C 241 2.20 -1.59 -32.26
C ILE C 241 2.15 -2.83 -33.17
N GLU C 242 1.08 -2.90 -33.97
CA GLU C 242 0.88 -3.96 -34.92
C GLU C 242 1.99 -3.99 -35.99
N LYS C 243 2.51 -5.19 -36.26
CA LYS C 243 3.42 -5.45 -37.38
C LYS C 243 2.69 -6.36 -38.36
N GLU C 244 3.42 -7.00 -39.27
CA GLU C 244 2.76 -7.82 -40.29
C GLU C 244 2.09 -9.05 -39.66
N ASP C 245 2.74 -9.65 -38.67
CA ASP C 245 2.30 -10.93 -38.11
C ASP C 245 1.96 -10.95 -36.64
N ALA C 246 2.09 -9.81 -35.97
CA ALA C 246 2.14 -9.74 -34.52
C ALA C 246 1.95 -8.32 -34.02
N VAL C 247 1.93 -8.15 -32.70
CA VAL C 247 1.99 -6.84 -32.08
C VAL C 247 3.32 -6.75 -31.35
N GLU C 248 4.08 -5.71 -31.64
CA GLU C 248 5.31 -5.50 -30.91
C GLU C 248 4.98 -4.78 -29.61
N VAL C 249 5.39 -5.36 -28.49
CA VAL C 249 5.12 -4.75 -27.19
C VAL C 249 6.45 -4.30 -26.59
N ILE C 250 6.56 -3.01 -26.32
CA ILE C 250 7.75 -2.51 -25.64
C ILE C 250 7.35 -2.10 -24.23
N TYR C 251 8.07 -2.66 -23.26
CA TYR C 251 7.74 -2.48 -21.85
C TYR C 251 8.97 -2.72 -20.97
N PHE C 252 8.86 -2.37 -19.70
CA PHE C 252 9.92 -2.70 -18.78
C PHE C 252 9.50 -3.88 -17.94
N ASP C 253 10.42 -4.85 -17.80
CA ASP C 253 10.12 -6.00 -16.96
C ASP C 253 10.26 -5.65 -15.49
N LYS C 254 10.03 -6.63 -14.62
CA LYS C 254 10.08 -6.39 -13.17
C LYS C 254 11.43 -5.89 -12.66
N SER C 255 12.51 -6.28 -13.33
CA SER C 255 13.83 -5.84 -12.93
C SER C 255 14.19 -4.56 -13.68
N GLY C 256 13.18 -3.91 -14.25
CA GLY C 256 13.35 -2.62 -14.91
C GLY C 256 14.19 -2.67 -16.19
N GLN C 257 14.25 -3.83 -16.82
CA GLN C 257 14.92 -3.97 -18.10
C GLN C 257 13.91 -3.74 -19.23
N LYS C 258 14.27 -2.81 -20.13
CA LYS C 258 13.52 -2.54 -21.35
C LYS C 258 13.46 -3.80 -22.22
N THR C 259 12.28 -4.11 -22.74
CA THR C 259 12.04 -5.38 -23.40
C THR C 259 11.11 -5.23 -24.60
N THR C 260 11.53 -5.77 -25.72
CA THR C 260 10.72 -5.84 -26.91
C THR C 260 10.27 -7.27 -27.08
N GLU C 261 8.97 -7.49 -27.12
CA GLU C 261 8.45 -8.84 -27.26
C GLU C 261 7.24 -8.80 -28.20
N SER C 262 7.20 -9.74 -29.13
CA SER C 262 6.12 -9.83 -30.06
C SER C 262 5.05 -10.80 -29.53
N PHE C 263 3.78 -10.41 -29.65
CA PHE C 263 2.64 -11.27 -29.33
C PHE C 263 1.67 -11.32 -30.52
N GLN C 264 1.03 -12.46 -30.74
CA GLN C 264 0.09 -12.58 -31.86
C GLN C 264 -1.08 -11.62 -31.73
N TYR C 265 -1.57 -11.43 -30.50
CA TYR C 265 -2.62 -10.45 -30.21
C TYR C 265 -2.36 -9.71 -28.90
N VAL C 266 -3.07 -8.59 -28.71
CA VAL C 266 -3.25 -8.01 -27.37
C VAL C 266 -4.74 -8.06 -26.97
N LEU C 267 -5.01 -8.30 -25.69
CA LEU C 267 -6.38 -8.29 -25.19
C LEU C 267 -6.60 -7.06 -24.32
N ALA C 268 -7.54 -6.20 -24.72
CA ALA C 268 -7.81 -5.01 -23.94
C ALA C 268 -8.88 -5.33 -22.91
N ALA C 269 -8.44 -5.73 -21.72
CA ALA C 269 -9.33 -5.97 -20.59
C ALA C 269 -9.21 -4.77 -19.62
N THR C 270 -8.93 -3.62 -20.22
CA THR C 270 -8.83 -2.37 -19.49
C THR C 270 -10.24 -1.88 -19.10
N GLY C 271 -10.31 -0.76 -18.38
CA GLY C 271 -11.58 -0.24 -17.92
C GLY C 271 -12.65 -0.11 -19.00
N ARG C 272 -13.82 -0.69 -18.75
CA ARG C 272 -14.92 -0.58 -19.67
C ARG C 272 -15.57 0.79 -19.60
N LYS C 273 -16.43 1.08 -20.58
CA LYS C 273 -17.05 2.38 -20.70
C LYS C 273 -18.56 2.18 -20.67
N ALA C 274 -19.24 2.85 -19.73
CA ALA C 274 -20.71 2.87 -19.70
C ALA C 274 -21.27 3.49 -21.00
N ASN C 275 -22.30 2.86 -21.60
CA ASN C 275 -22.87 3.40 -22.86
C ASN C 275 -23.87 4.56 -22.66
N VAL C 276 -23.34 5.69 -22.22
CA VAL C 276 -24.16 6.85 -21.83
C VAL C 276 -23.63 8.11 -22.50
N ASP C 277 -22.62 7.94 -23.34
CA ASP C 277 -21.94 9.05 -24.01
C ASP C 277 -22.38 9.20 -25.47
N LYS C 278 -23.02 8.18 -26.04
CA LYS C 278 -23.54 8.31 -27.41
C LYS C 278 -25.07 8.39 -27.44
N LEU C 279 -25.66 8.93 -26.37
CA LEU C 279 -27.12 8.88 -26.20
C LEU C 279 -27.80 10.22 -26.44
N GLY C 280 -27.01 11.27 -26.67
CA GLY C 280 -27.54 12.62 -26.75
C GLY C 280 -27.99 13.18 -25.41
N LEU C 281 -27.34 12.76 -24.32
CA LEU C 281 -27.65 13.33 -23.00
C LEU C 281 -27.44 14.86 -22.89
N GLU C 282 -26.68 15.46 -23.81
CA GLU C 282 -26.54 16.94 -23.81
C GLU C 282 -27.87 17.66 -24.13
N ASN C 283 -28.87 16.92 -24.60
CA ASN C 283 -30.20 17.46 -24.90
C ASN C 283 -31.17 17.32 -23.71
N THR C 284 -30.62 16.90 -22.57
CA THR C 284 -31.35 16.86 -21.31
C THR C 284 -30.62 17.72 -20.26
N SER C 285 -31.26 17.98 -19.13
CA SER C 285 -30.59 18.61 -17.98
C SER C 285 -30.01 17.57 -16.99
N ILE C 286 -29.73 16.37 -17.50
CA ILE C 286 -29.15 15.28 -16.70
C ILE C 286 -27.76 15.65 -16.18
N GLU C 287 -27.65 15.70 -14.85
CA GLU C 287 -26.39 16.11 -14.22
C GLU C 287 -25.35 15.02 -14.30
N LEU C 288 -24.13 15.43 -14.59
CA LEU C 288 -23.01 14.52 -14.75
C LEU C 288 -21.94 14.84 -13.72
N ASP C 289 -21.20 13.81 -13.30
CA ASP C 289 -19.97 14.03 -12.57
C ASP C 289 -18.91 14.48 -13.57
N LYS C 290 -17.70 14.75 -13.07
CA LYS C 290 -16.62 15.31 -13.90
C LYS C 290 -16.16 14.36 -15.01
N LYS C 291 -16.53 13.09 -14.91
CA LYS C 291 -16.14 12.08 -15.89
C LYS C 291 -17.25 11.77 -16.90
N ASN C 292 -18.24 12.66 -16.97
CA ASN C 292 -19.41 12.50 -17.86
C ASN C 292 -20.33 11.31 -17.56
N SER C 293 -20.22 10.77 -16.35
CA SER C 293 -21.16 9.76 -15.89
C SER C 293 -22.34 10.48 -15.25
N PRO C 294 -23.56 10.09 -15.63
CA PRO C 294 -24.77 10.64 -15.02
C PRO C 294 -24.79 10.40 -13.52
N LEU C 295 -25.16 11.41 -12.74
CA LEU C 295 -25.39 11.21 -11.33
C LEU C 295 -26.75 10.51 -11.18
N PHE C 296 -26.89 9.67 -10.17
CA PHE C 296 -28.16 9.01 -9.92
C PHE C 296 -28.32 8.63 -8.45
N ASP C 297 -29.57 8.46 -8.07
CA ASP C 297 -29.93 7.97 -6.75
C ASP C 297 -29.72 6.47 -6.75
N GLU C 298 -28.84 6.00 -5.88
CA GLU C 298 -28.39 4.63 -5.97
C GLU C 298 -29.48 3.66 -5.48
N LEU C 299 -30.43 4.16 -4.72
CA LEU C 299 -31.58 3.36 -4.30
C LEU C 299 -32.74 3.31 -5.31
N THR C 300 -33.10 4.45 -5.89
CA THR C 300 -34.26 4.52 -6.80
C THR C 300 -33.85 4.43 -8.27
N LEU C 301 -32.54 4.60 -8.53
CA LEU C 301 -31.99 4.69 -9.89
C LEU C 301 -32.44 5.92 -10.74
N GLN C 302 -33.08 6.91 -10.09
CA GLN C 302 -33.42 8.16 -10.75
C GLN C 302 -32.20 9.04 -11.02
N THR C 303 -32.12 9.55 -12.24
CA THR C 303 -31.16 10.61 -12.58
C THR C 303 -31.62 11.94 -11.94
N SER C 304 -30.97 13.06 -12.27
CA SER C 304 -31.45 14.37 -11.78
C SER C 304 -32.80 14.78 -12.39
N VAL C 305 -33.14 14.19 -13.53
CA VAL C 305 -34.46 14.31 -14.09
C VAL C 305 -35.26 13.12 -13.57
N ASP C 306 -36.20 13.38 -12.65
CA ASP C 306 -36.77 12.30 -11.84
C ASP C 306 -37.55 11.21 -12.62
N HIS C 307 -37.86 11.46 -13.90
CA HIS C 307 -38.53 10.45 -14.75
C HIS C 307 -37.61 9.62 -15.64
N ILE C 308 -36.31 9.83 -15.51
CA ILE C 308 -35.34 9.09 -16.29
C ILE C 308 -34.43 8.29 -15.36
N PHE C 309 -34.27 7.00 -15.68
CA PHE C 309 -33.59 6.05 -14.81
C PHE C 309 -32.36 5.46 -15.50
N VAL C 310 -31.43 4.95 -14.72
CA VAL C 310 -30.25 4.32 -15.29
C VAL C 310 -29.96 3.03 -14.55
N ALA C 311 -30.03 1.92 -15.29
CA ALA C 311 -30.00 0.57 -14.72
C ALA C 311 -28.96 -0.30 -15.37
N GLY C 312 -28.31 -1.17 -14.57
CA GLY C 312 -27.34 -2.15 -15.08
C GLY C 312 -25.96 -1.53 -15.23
N ASP C 313 -25.13 -2.09 -16.11
CA ASP C 313 -23.79 -1.53 -16.36
C ASP C 313 -23.78 -0.06 -16.80
N ALA C 314 -24.91 0.40 -17.34
CA ALA C 314 -25.04 1.76 -17.80
C ALA C 314 -24.77 2.80 -16.70
N ASN C 315 -25.09 2.49 -15.45
CA ASN C 315 -24.82 3.43 -14.37
C ASN C 315 -23.44 3.22 -13.73
N ASN C 316 -22.65 2.34 -14.33
CA ASN C 316 -21.27 2.17 -13.93
C ASN C 316 -21.07 1.80 -12.44
N THR C 317 -22.09 1.20 -11.81
CA THR C 317 -21.99 0.77 -10.42
C THR C 317 -22.49 -0.68 -10.31
N LEU C 318 -21.91 -1.43 -9.38
CA LEU C 318 -22.29 -2.84 -9.17
C LEU C 318 -22.43 -3.53 -10.52
N THR C 319 -21.34 -3.51 -11.25
CA THR C 319 -21.30 -3.91 -12.64
C THR C 319 -21.18 -5.42 -12.66
N LEU C 320 -22.22 -6.08 -12.15
CA LEU C 320 -22.28 -7.53 -12.05
C LEU C 320 -23.64 -7.97 -12.56
N LEU C 321 -23.75 -9.22 -12.96
CA LEU C 321 -24.98 -9.66 -13.62
C LEU C 321 -26.18 -9.65 -12.67
N HIS C 322 -26.07 -10.33 -11.53
CA HIS C 322 -27.25 -10.42 -10.64
C HIS C 322 -27.69 -9.02 -10.17
N GLU C 323 -26.73 -8.09 -10.15
CA GLU C 323 -26.99 -6.70 -9.76
C GLU C 323 -27.71 -5.96 -10.87
N ALA C 324 -27.31 -6.22 -12.12
CA ALA C 324 -28.03 -5.70 -13.27
C ALA C 324 -29.49 -6.16 -13.25
N ALA C 325 -29.74 -7.43 -12.94
CA ALA C 325 -31.12 -7.94 -12.79
C ALA C 325 -31.91 -7.16 -11.71
N ASP C 326 -31.28 -6.93 -10.55
CA ASP C 326 -31.92 -6.13 -9.49
C ASP C 326 -32.17 -4.66 -9.93
N ASP C 327 -31.20 -4.11 -10.67
CA ASP C 327 -31.32 -2.76 -11.24
C ASP C 327 -32.53 -2.67 -12.14
N GLY C 328 -32.72 -3.69 -12.97
CA GLY C 328 -33.86 -3.73 -13.89
C GLY C 328 -35.15 -3.71 -13.11
N LYS C 329 -35.19 -4.53 -12.07
CA LYS C 329 -36.36 -4.61 -11.20
C LYS C 329 -36.63 -3.24 -10.57
N VAL C 330 -35.59 -2.60 -10.04
CA VAL C 330 -35.79 -1.30 -9.39
C VAL C 330 -36.25 -0.27 -10.41
N ALA C 331 -35.51 -0.15 -11.51
CA ALA C 331 -35.79 0.88 -12.47
C ALA C 331 -37.14 0.64 -13.14
N GLY C 332 -37.43 -0.63 -13.46
CA GLY C 332 -38.66 -1.02 -14.13
C GLY C 332 -39.87 -0.76 -13.27
N THR C 333 -39.76 -1.08 -11.97
CA THR C 333 -40.83 -0.84 -11.02
C THR C 333 -41.11 0.68 -10.84
N ASN C 334 -40.04 1.45 -10.65
CA ASN C 334 -40.16 2.87 -10.44
C ASN C 334 -40.71 3.62 -11.66
N ALA C 335 -40.22 3.27 -12.86
CA ALA C 335 -40.74 3.81 -14.12
C ALA C 335 -42.19 3.43 -14.34
N GLY C 336 -42.51 2.18 -14.02
CA GLY C 336 -43.89 1.70 -14.16
C GLY C 336 -44.85 2.42 -13.21
N ALA C 337 -44.43 2.58 -11.96
CA ALA C 337 -45.26 3.18 -10.92
C ALA C 337 -45.21 4.72 -10.76
N TYR C 338 -44.26 5.39 -11.40
CA TYR C 338 -44.12 6.86 -11.34
C TYR C 338 -45.50 7.55 -11.40
N PRO C 339 -45.75 8.56 -10.54
CA PRO C 339 -44.84 9.22 -9.58
C PRO C 339 -44.62 8.49 -8.25
N VAL C 340 -45.20 7.31 -8.08
CA VAL C 340 -44.86 6.49 -6.91
C VAL C 340 -43.44 5.90 -7.09
N ILE C 341 -42.51 6.38 -6.26
CA ILE C 341 -41.11 5.94 -6.30
C ILE C 341 -40.80 5.13 -5.03
N ALA C 342 -40.00 4.09 -5.19
CA ALA C 342 -39.63 3.24 -4.05
C ALA C 342 -38.14 3.02 -4.04
N GLN C 343 -37.61 2.63 -2.89
CA GLN C 343 -36.19 2.38 -2.73
C GLN C 343 -35.87 0.90 -2.73
N GLY C 344 -34.91 0.52 -3.57
CA GLY C 344 -34.44 -0.85 -3.58
C GLY C 344 -33.66 -1.14 -2.32
N GLN C 345 -33.95 -2.31 -1.75
CA GLN C 345 -33.19 -2.84 -0.63
C GLN C 345 -32.21 -3.87 -1.25
N ARG C 346 -30.98 -3.42 -1.49
CA ARG C 346 -30.01 -4.20 -2.26
C ARG C 346 -29.62 -5.41 -1.50
N ARG C 347 -29.26 -6.47 -2.21
CA ARG C 347 -28.74 -7.64 -1.52
C ARG C 347 -27.35 -7.30 -1.00
N ALA C 348 -26.90 -8.02 0.04
CA ALA C 348 -25.53 -7.86 0.53
C ALA C 348 -24.61 -8.01 -0.66
N PRO C 349 -23.66 -7.08 -0.81
CA PRO C 349 -22.72 -7.14 -1.95
C PRO C 349 -21.92 -8.47 -2.08
N LEU C 350 -21.76 -8.93 -3.32
CA LEU C 350 -21.06 -10.17 -3.61
C LEU C 350 -20.43 -10.00 -4.98
N SER C 351 -19.13 -10.24 -5.08
CA SER C 351 -18.44 -10.24 -6.37
C SER C 351 -17.42 -11.36 -6.38
N VAL C 352 -17.29 -12.01 -7.51
CA VAL C 352 -16.49 -13.23 -7.57
C VAL C 352 -15.57 -13.09 -8.77
N VAL C 353 -14.36 -13.63 -8.66
CA VAL C 353 -13.45 -13.67 -9.78
C VAL C 353 -13.07 -15.12 -9.97
N PHE C 354 -13.25 -15.61 -11.20
CA PHE C 354 -13.17 -17.06 -11.44
C PHE C 354 -11.77 -17.54 -11.88
N THR C 355 -10.77 -16.99 -11.25
CA THR C 355 -9.40 -17.44 -11.40
C THR C 355 -9.21 -18.64 -10.49
N GLU C 356 -8.03 -19.25 -10.52
CA GLU C 356 -7.64 -20.16 -9.43
C GLU C 356 -6.29 -19.70 -8.83
N PRO C 357 -6.25 -19.47 -7.50
CA PRO C 357 -7.38 -19.48 -6.56
C PRO C 357 -8.40 -18.40 -6.95
N GLN C 358 -9.63 -18.56 -6.45
CA GLN C 358 -10.71 -17.64 -6.76
C GLN C 358 -10.61 -16.43 -5.85
N VAL C 359 -11.30 -15.35 -6.19
CA VAL C 359 -11.45 -14.17 -5.34
C VAL C 359 -12.93 -14.02 -5.08
N ALA C 360 -13.29 -13.71 -3.83
CA ALA C 360 -14.64 -13.30 -3.54
C ALA C 360 -14.53 -12.10 -2.61
N SER C 361 -15.41 -11.14 -2.85
CA SER C 361 -15.53 -9.98 -1.98
C SER C 361 -17.00 -9.80 -1.56
N VAL C 362 -17.21 -9.58 -0.26
CA VAL C 362 -18.51 -9.69 0.38
C VAL C 362 -18.76 -8.48 1.29
N GLY C 363 -19.99 -7.99 1.28
CA GLY C 363 -20.42 -7.05 2.28
C GLY C 363 -19.81 -5.68 2.04
N LEU C 364 -19.55 -4.94 3.11
CA LEU C 364 -18.88 -3.66 2.95
C LEU C 364 -17.46 -3.85 2.43
N SER C 365 -17.00 -2.94 1.59
CA SER C 365 -15.62 -3.01 1.14
C SER C 365 -14.67 -2.48 2.23
N LEU C 366 -13.37 -2.75 2.09
CA LEU C 366 -12.38 -2.23 3.06
C LEU C 366 -12.39 -0.69 3.14
N ARG C 367 -12.47 0.00 2.00
CA ARG C 367 -12.57 1.46 2.07
C ARG C 367 -13.83 1.92 2.78
N GLN C 368 -14.93 1.22 2.55
CA GLN C 368 -16.22 1.55 3.20
C GLN C 368 -16.14 1.35 4.70
N ILE C 369 -15.49 0.25 5.13
CA ILE C 369 -15.35 -0.06 6.53
C ILE C 369 -14.48 0.99 7.22
N GLU C 370 -13.36 1.36 6.58
CA GLU C 370 -12.51 2.45 7.05
C GLU C 370 -13.33 3.74 7.21
N ASP C 371 -14.06 4.11 6.16
CA ASP C 371 -14.89 5.31 6.21
C ASP C 371 -15.91 5.32 7.37
N LEU C 372 -16.62 4.21 7.55
CA LEU C 372 -17.74 4.14 8.47
C LEU C 372 -17.35 3.75 9.90
N TYR C 373 -16.38 2.85 10.05
CA TYR C 373 -16.03 2.25 11.35
C TYR C 373 -14.72 2.69 11.96
N ALA C 374 -14.06 3.66 11.33
CA ALA C 374 -12.75 4.10 11.80
C ALA C 374 -12.46 5.52 11.39
N ASP C 375 -11.47 6.12 12.05
CA ASP C 375 -10.83 7.32 11.54
C ASP C 375 -9.32 7.12 11.67
N GLN C 376 -8.55 8.19 11.48
CA GLN C 376 -7.09 8.11 11.47
C GLN C 376 -6.51 7.58 12.80
N ASP C 377 -7.23 7.76 13.90
CA ASP C 377 -6.68 7.46 15.22
C ASP C 377 -7.31 6.29 15.99
N ALA C 378 -8.47 5.80 15.56
CA ALA C 378 -9.12 4.68 16.25
C ALA C 378 -9.98 3.92 15.25
N ALA C 379 -10.29 2.67 15.58
CA ALA C 379 -11.09 1.81 14.74
C ALA C 379 -12.11 1.05 15.60
N ASN C 380 -13.38 1.12 15.22
CA ASN C 380 -14.39 0.29 15.84
C ASN C 380 -14.63 -1.00 15.03
N TYR C 381 -13.59 -1.49 14.37
CA TYR C 381 -13.69 -2.77 13.67
C TYR C 381 -12.46 -3.64 13.91
N VAL C 382 -12.60 -4.94 13.71
CA VAL C 382 -11.47 -5.86 13.81
C VAL C 382 -11.40 -6.67 12.52
N VAL C 383 -10.27 -7.34 12.31
CA VAL C 383 -10.09 -8.27 11.18
C VAL C 383 -9.82 -9.66 11.77
N GLY C 384 -10.45 -10.68 11.19
CA GLY C 384 -10.08 -12.08 11.44
C GLY C 384 -9.49 -12.67 10.17
N GLN C 385 -8.39 -13.40 10.31
CA GLN C 385 -7.64 -13.90 9.14
C GLN C 385 -7.30 -15.39 9.25
N VAL C 386 -7.21 -16.01 8.09
CA VAL C 386 -6.75 -17.40 7.92
C VAL C 386 -5.92 -17.45 6.63
N SER C 387 -4.88 -18.27 6.68
CA SER C 387 -4.15 -18.70 5.49
C SER C 387 -4.69 -20.06 5.05
N PHE C 388 -4.87 -20.30 3.74
CA PHE C 388 -5.31 -21.63 3.31
C PHE C 388 -4.14 -22.57 3.07
N GLU C 389 -2.92 -22.09 3.31
CA GLU C 389 -1.73 -22.88 3.10
C GLU C 389 -1.65 -24.03 4.09
N GLY C 390 -2.09 -23.81 5.33
CA GLY C 390 -2.15 -24.89 6.33
C GLY C 390 -3.57 -25.42 6.58
N GLN C 391 -4.51 -25.09 5.71
CA GLN C 391 -5.89 -25.56 5.88
C GLN C 391 -5.99 -27.03 5.45
N GLY C 392 -6.49 -27.90 6.33
CA GLY C 392 -6.50 -29.36 6.10
C GLY C 392 -7.07 -29.86 4.76
N ARG C 393 -8.37 -29.67 4.56
CA ARG C 393 -8.97 -30.08 3.30
C ARG C 393 -8.32 -29.45 2.04
N SER C 394 -8.00 -28.16 2.11
CA SER C 394 -7.28 -27.51 1.00
C SER C 394 -6.00 -28.25 0.66
N ARG C 395 -5.24 -28.64 1.68
CA ARG C 395 -4.00 -29.38 1.48
C ARG C 395 -4.23 -30.78 0.89
N VAL C 396 -5.24 -31.49 1.40
CA VAL C 396 -5.69 -32.77 0.88
C VAL C 396 -5.88 -32.71 -0.67
N MSE C 397 -6.56 -31.67 -1.13
CA MSE C 397 -6.86 -31.49 -2.54
C MSE C 397 -5.74 -30.82 -3.36
O MSE C 397 -5.92 -30.60 -4.54
CB MSE C 397 -8.14 -30.65 -2.69
CG MSE C 397 -9.41 -31.32 -2.08
SE MSE C 397 -10.98 -30.11 -2.21
CE MSE C 397 -10.37 -28.71 -1.12
N GLY C 398 -4.60 -30.50 -2.73
CA GLY C 398 -3.54 -29.71 -3.41
C GLY C 398 -3.93 -28.27 -3.79
N LYS C 399 -4.90 -27.72 -3.08
CA LYS C 399 -5.41 -26.37 -3.36
C LYS C 399 -5.03 -25.41 -2.23
N ASN C 400 -4.04 -25.77 -1.42
CA ASN C 400 -3.73 -24.99 -0.23
C ASN C 400 -2.93 -23.72 -0.48
N LYS C 401 -3.55 -22.75 -1.14
CA LYS C 401 -3.01 -21.41 -1.32
C LYS C 401 -4.15 -20.42 -1.13
N GLY C 402 -3.84 -19.30 -0.48
CA GLY C 402 -4.82 -18.21 -0.34
C GLY C 402 -4.89 -17.59 1.03
N LEU C 403 -5.79 -16.62 1.18
CA LEU C 403 -5.96 -15.86 2.40
C LEU C 403 -7.39 -15.41 2.48
N LEU C 404 -7.96 -15.41 3.68
CA LEU C 404 -9.30 -14.89 3.86
C LEU C 404 -9.28 -13.91 5.04
N ASN C 405 -9.86 -12.73 4.82
CA ASN C 405 -10.02 -11.69 5.84
C ASN C 405 -11.50 -11.50 6.10
N VAL C 406 -11.88 -11.53 7.37
CA VAL C 406 -13.25 -11.19 7.74
C VAL C 406 -13.22 -9.96 8.64
N TYR C 407 -14.19 -9.07 8.48
CA TYR C 407 -14.25 -7.80 9.24
C TYR C 407 -15.49 -7.77 10.10
N ALA C 408 -15.35 -7.27 11.32
CA ALA C 408 -16.48 -7.24 12.25
C ALA C 408 -16.49 -5.94 13.05
N ASP C 409 -17.70 -5.48 13.39
CA ASP C 409 -17.88 -4.43 14.37
C ASP C 409 -17.23 -4.92 15.67
N ARG C 410 -16.25 -4.16 16.12
CA ARG C 410 -15.48 -4.50 17.31
C ARG C 410 -16.33 -4.50 18.59
N THR C 411 -17.40 -3.72 18.59
CA THR C 411 -18.23 -3.56 19.79
C THR C 411 -19.38 -4.59 19.86
N SER C 412 -20.02 -4.84 18.73
CA SER C 412 -21.20 -5.69 18.69
C SER C 412 -20.86 -7.08 18.13
N GLY C 413 -19.82 -7.15 17.30
CA GLY C 413 -19.47 -8.39 16.60
C GLY C 413 -20.09 -8.57 15.24
N GLU C 414 -20.93 -7.62 14.83
CA GLU C 414 -21.65 -7.71 13.57
C GLU C 414 -20.66 -7.95 12.42
N PHE C 415 -20.95 -8.96 11.61
CA PHE C 415 -20.10 -9.24 10.47
C PHE C 415 -20.33 -8.15 9.42
N LEU C 416 -19.23 -7.57 8.93
CA LEU C 416 -19.27 -6.37 8.08
C LEU C 416 -19.03 -6.66 6.61
N GLY C 417 -18.12 -7.60 6.35
CA GLY C 417 -17.63 -7.84 5.01
C GLY C 417 -16.42 -8.74 5.09
N ALA C 418 -15.91 -9.14 3.92
CA ALA C 418 -14.79 -10.06 3.82
C ALA C 418 -14.10 -9.90 2.47
N GLU C 419 -12.86 -10.32 2.39
CA GLU C 419 -12.16 -10.52 1.11
C GLU C 419 -11.52 -11.88 1.14
N MSE C 420 -11.69 -12.64 0.06
CA MSE C 420 -11.06 -13.96 0.04
C MSE C 420 -10.37 -14.20 -1.28
O MSE C 420 -10.89 -13.82 -2.33
CB MSE C 420 -12.08 -15.06 0.29
CG MSE C 420 -11.48 -16.46 0.19
SE MSE C 420 -12.75 -17.78 0.82
CE MSE C 420 -11.91 -19.38 0.09
N PHE C 421 -9.22 -14.84 -1.19
CA PHE C 421 -8.50 -15.38 -2.32
C PHE C 421 -8.19 -16.80 -1.91
N GLY C 422 -8.81 -17.77 -2.59
CA GLY C 422 -8.77 -19.14 -2.10
C GLY C 422 -9.65 -20.09 -2.87
N PRO C 423 -9.58 -21.39 -2.51
CA PRO C 423 -10.43 -22.40 -3.18
C PRO C 423 -11.86 -22.26 -2.72
N ALA C 424 -12.78 -22.44 -3.66
CA ALA C 424 -14.22 -22.42 -3.44
C ALA C 424 -14.70 -21.08 -2.85
N ALA C 425 -13.94 -20.02 -3.13
CA ALA C 425 -14.29 -18.68 -2.68
C ALA C 425 -15.69 -18.26 -3.18
N GLU C 426 -16.08 -18.70 -4.37
CA GLU C 426 -17.42 -18.39 -4.89
C GLU C 426 -18.51 -18.97 -3.96
N HIS C 427 -18.23 -20.14 -3.36
CA HIS C 427 -19.21 -20.78 -2.51
C HIS C 427 -19.18 -20.21 -1.12
N ILE C 428 -17.98 -20.05 -0.55
CA ILE C 428 -17.81 -19.31 0.68
C ILE C 428 -18.37 -17.88 0.55
N GLY C 429 -18.23 -17.26 -0.63
CA GLY C 429 -18.74 -15.90 -0.82
C GLY C 429 -20.25 -15.84 -0.61
N HIS C 430 -20.97 -16.82 -1.15
CA HIS C 430 -22.43 -16.89 -0.95
C HIS C 430 -22.77 -17.08 0.54
N LEU C 431 -22.03 -17.96 1.23
CA LEU C 431 -22.30 -18.26 2.64
C LEU C 431 -22.16 -17.00 3.49
N LEU C 432 -21.12 -16.24 3.20
CA LEU C 432 -20.84 -14.97 3.89
C LEU C 432 -21.84 -13.86 3.54
N ALA C 433 -22.22 -13.83 2.28
CA ALA C 433 -23.14 -12.80 1.80
C ALA C 433 -24.53 -13.02 2.42
N TRP C 434 -24.95 -14.27 2.55
CA TRP C 434 -26.22 -14.56 3.20
C TRP C 434 -26.11 -14.18 4.68
N ALA C 435 -24.95 -14.42 5.29
CA ALA C 435 -24.73 -14.05 6.70
C ALA C 435 -24.82 -12.55 6.90
N ARG C 436 -24.17 -11.79 6.01
CA ARG C 436 -24.20 -10.33 6.08
C ARG C 436 -25.59 -9.75 5.85
N GLN C 437 -26.31 -10.26 4.84
CA GLN C 437 -27.66 -9.76 4.58
C GLN C 437 -28.59 -10.01 5.78
N GLN C 438 -28.31 -11.06 6.54
CA GLN C 438 -29.12 -11.38 7.72
C GLN C 438 -28.58 -10.66 8.96
N GLN C 439 -27.54 -9.85 8.78
CA GLN C 439 -26.92 -9.08 9.83
C GLN C 439 -26.43 -9.97 10.98
N MSE C 440 -25.87 -11.13 10.66
CA MSE C 440 -25.31 -12.01 11.69
C MSE C 440 -24.06 -11.40 12.33
O MSE C 440 -23.33 -10.63 11.70
CB MSE C 440 -24.96 -13.39 11.11
CG MSE C 440 -26.10 -14.07 10.34
SE MSE C 440 -25.66 -15.89 9.90
CE MSE C 440 -25.75 -16.70 11.69
N THR C 441 -23.82 -11.74 13.59
CA THR C 441 -22.57 -11.38 14.25
C THR C 441 -21.60 -12.54 14.03
N VAL C 442 -20.31 -12.32 14.24
CA VAL C 442 -19.32 -13.43 14.12
C VAL C 442 -19.53 -14.53 15.18
N GLN C 443 -19.94 -14.13 16.38
CA GLN C 443 -20.27 -15.04 17.46
C GLN C 443 -21.36 -16.00 17.02
N ALA C 444 -22.43 -15.45 16.44
CA ALA C 444 -23.54 -16.26 16.00
C ALA C 444 -23.09 -17.19 14.85
N MSE C 445 -22.28 -16.67 13.93
CA MSE C 445 -21.77 -17.46 12.82
C MSE C 445 -20.94 -18.65 13.28
O MSE C 445 -20.97 -19.73 12.69
CB MSE C 445 -20.97 -16.58 11.85
CG MSE C 445 -21.87 -15.56 11.12
SE MSE C 445 -20.84 -14.10 10.31
CE MSE C 445 -20.11 -15.02 8.75
N LEU C 446 -20.19 -18.46 14.35
CA LEU C 446 -19.41 -19.58 14.87
C LEU C 446 -20.27 -20.70 15.48
N THR C 447 -21.56 -20.43 15.72
CA THR C 447 -22.45 -21.48 16.24
C THR C 447 -23.06 -22.32 15.12
N MSE C 448 -22.87 -21.87 13.87
CA MSE C 448 -23.41 -22.53 12.71
C MSE C 448 -22.65 -23.83 12.43
O MSE C 448 -21.55 -24.04 12.96
CB MSE C 448 -23.30 -21.65 11.47
CG MSE C 448 -24.04 -20.33 11.53
SE MSE C 448 -25.97 -20.62 11.42
CE MSE C 448 -26.50 -20.05 13.22
N PRO C 449 -23.22 -24.70 11.59
CA PRO C 449 -22.52 -25.95 11.24
C PRO C 449 -21.24 -25.74 10.41
N PHE C 450 -20.15 -26.38 10.85
CA PHE C 450 -18.95 -26.54 10.03
C PHE C 450 -18.62 -28.04 9.97
N TYR C 451 -18.80 -28.62 8.78
CA TYR C 451 -18.44 -30.03 8.56
C TYR C 451 -16.94 -30.21 8.64
N HIS C 452 -16.49 -31.46 8.56
CA HIS C 452 -15.06 -31.85 8.53
C HIS C 452 -14.93 -33.01 7.53
N PRO C 453 -13.92 -32.95 6.64
CA PRO C 453 -12.89 -31.94 6.47
C PRO C 453 -13.23 -31.09 5.25
N VAL C 454 -13.47 -29.79 5.45
CA VAL C 454 -13.93 -28.96 4.35
C VAL C 454 -13.27 -27.59 4.44
N ILE C 455 -13.32 -26.88 3.32
CA ILE C 455 -12.72 -25.56 3.20
C ILE C 455 -13.38 -24.54 4.15
N GLU C 456 -14.68 -24.67 4.39
CA GLU C 456 -15.41 -23.85 5.37
C GLU C 456 -14.77 -23.80 6.74
N GLU C 457 -14.02 -24.85 7.10
CA GLU C 457 -13.27 -24.84 8.36
C GLU C 457 -12.22 -23.73 8.42
N GLY C 458 -11.72 -23.28 7.27
CA GLY C 458 -10.83 -22.12 7.27
C GLY C 458 -11.58 -20.85 7.65
N LEU C 459 -12.87 -20.76 7.26
CA LEU C 459 -13.74 -19.63 7.65
C LEU C 459 -13.88 -19.62 9.16
N ARG C 460 -14.06 -20.81 9.73
CA ARG C 460 -14.21 -20.91 11.19
C ARG C 460 -12.96 -20.32 11.90
N THR C 461 -11.80 -20.59 11.32
CA THR C 461 -10.51 -20.08 11.84
C THR C 461 -10.49 -18.55 11.83
N ALA C 462 -10.77 -17.97 10.67
CA ALA C 462 -10.86 -16.52 10.54
C ALA C 462 -11.85 -15.87 11.54
N LEU C 463 -13.04 -16.47 11.63
CA LEU C 463 -14.09 -16.01 12.52
C LEU C 463 -13.61 -16.05 13.98
N ARG C 464 -12.94 -17.15 14.33
CA ARG C 464 -12.31 -17.27 15.63
C ARG C 464 -11.31 -16.15 15.88
N ASP C 465 -10.46 -15.89 14.90
CA ASP C 465 -9.47 -14.84 15.01
C ASP C 465 -10.22 -13.52 15.31
N ALA C 466 -11.24 -13.20 14.50
CA ALA C 466 -11.97 -11.93 14.73
C ALA C 466 -12.60 -11.91 16.13
N GLN C 467 -13.29 -12.99 16.49
CA GLN C 467 -14.06 -13.03 17.74
C GLN C 467 -13.20 -12.70 19.00
N GLN C 468 -11.97 -13.20 19.03
CA GLN C 468 -11.15 -13.02 20.22
C GLN C 468 -10.64 -11.59 20.30
N LYS C 469 -10.82 -10.84 19.21
CA LYS C 469 -10.46 -9.44 19.21
C LYS C 469 -11.62 -8.49 19.63
N LEU C 470 -12.83 -9.02 19.75
CA LEU C 470 -14.00 -8.19 20.10
C LEU C 470 -13.97 -7.63 21.53
N ALA C 471 -14.70 -6.54 21.75
CA ALA C 471 -14.84 -5.94 23.08
C ALA C 471 -15.93 -6.64 23.91
N ILE C 472 -16.32 -7.83 23.51
CA ILE C 472 -17.36 -8.58 24.22
C ILE C 472 -16.76 -9.36 25.39
N GLU C 473 -17.56 -9.49 26.46
CA GLU C 473 -17.16 -10.25 27.63
C GLU C 473 -16.94 -11.71 27.20
N LYS C 474 -15.83 -12.28 27.67
CA LYS C 474 -15.32 -13.56 27.17
C LYS C 474 -16.10 -14.79 27.68
N HIS C 475 -16.21 -14.90 29.00
CA HIS C 475 -16.81 -16.06 29.68
C HIS C 475 -18.24 -16.43 29.25
N ASP C 476 -18.88 -15.58 28.46
CA ASP C 476 -20.19 -15.90 27.89
C ASP C 476 -20.32 -15.62 26.38
N MSE C 477 -19.40 -16.20 25.61
CA MSE C 477 -19.63 -16.46 24.20
C MSE C 477 -19.02 -17.78 23.74
O MSE C 477 -17.85 -17.85 23.33
CB MSE C 477 -19.25 -15.29 23.29
CG MSE C 477 -19.90 -15.44 21.91
SE MSE C 477 -21.87 -15.24 21.92
CE MSE C 477 -22.44 -16.82 20.89
N ASN C 478 -19.83 -18.82 23.83
CA ASN C 478 -19.44 -20.17 23.44
C ASN C 478 -19.77 -20.40 21.97
N GLU C 479 -19.05 -21.32 21.34
CA GLU C 479 -19.35 -21.73 19.97
C GLU C 479 -20.50 -22.74 19.94
N PHE C 480 -20.74 -23.34 21.10
CA PHE C 480 -21.82 -24.29 21.20
C PHE C 480 -22.75 -23.91 22.37
N ILE C 481 -24.05 -23.79 22.08
CA ILE C 481 -25.05 -23.33 23.05
C ILE C 481 -25.70 -24.46 23.86
N MSE C 482 -25.72 -24.28 25.18
CA MSE C 482 -26.41 -25.19 26.09
C MSE C 482 -27.43 -24.44 26.92
O MSE C 482 -27.19 -23.31 27.33
CB MSE C 482 -25.42 -25.97 26.96
CG MSE C 482 -24.58 -26.89 26.11
SE MSE C 482 -23.29 -28.04 26.95
CE MSE C 482 -24.45 -29.20 27.96
N THR C 483 -28.58 -25.05 27.13
CA THR C 483 -29.66 -24.41 27.86
C THR C 483 -30.11 -25.23 29.07
N HIS C 484 -30.77 -24.56 30.01
CA HIS C 484 -31.01 -25.12 31.32
C HIS C 484 -32.42 -25.67 31.48
N MSE D 4 -3.03 -53.82 42.79
CA MSE D 4 -3.52 -53.01 41.64
C MSE D 4 -3.67 -51.54 42.03
O MSE D 4 -4.13 -51.24 43.13
CB MSE D 4 -4.86 -53.55 41.13
CG MSE D 4 -5.21 -53.06 39.74
SE MSE D 4 -6.62 -54.03 38.79
CE MSE D 4 -6.07 -55.89 39.09
N LYS D 5 -3.30 -50.62 41.14
CA LYS D 5 -3.41 -49.21 41.50
C LYS D 5 -4.84 -48.66 41.38
N VAL D 6 -5.20 -47.78 42.31
CA VAL D 6 -6.53 -47.23 42.40
C VAL D 6 -6.41 -45.71 42.30
N ILE D 7 -7.26 -45.09 41.49
CA ILE D 7 -7.32 -43.63 41.44
C ILE D 7 -8.76 -43.11 41.49
N ASN D 8 -8.94 -42.00 42.20
CA ASN D 8 -10.23 -41.30 42.22
C ASN D 8 -10.25 -40.15 41.26
N VAL D 9 -11.33 -40.03 40.48
CA VAL D 9 -11.52 -38.87 39.63
C VAL D 9 -12.97 -38.41 39.73
N ASP D 10 -13.23 -37.16 39.32
CA ASP D 10 -14.59 -36.68 39.15
C ASP D 10 -15.22 -37.20 37.84
N VAL D 11 -14.39 -37.27 36.80
CA VAL D 11 -14.83 -37.63 35.46
C VAL D 11 -13.82 -38.59 34.83
N ALA D 12 -14.30 -39.76 34.40
CA ALA D 12 -13.48 -40.67 33.62
C ALA D 12 -14.05 -40.74 32.24
N ILE D 13 -13.16 -40.69 31.25
CA ILE D 13 -13.56 -40.67 29.84
C ILE D 13 -12.97 -41.88 29.16
N ILE D 14 -13.84 -42.76 28.65
CA ILE D 14 -13.39 -43.99 28.02
C ILE D 14 -13.25 -43.75 26.52
N GLY D 15 -12.00 -43.68 26.07
CA GLY D 15 -11.69 -43.47 24.65
C GLY D 15 -11.18 -42.07 24.37
N THR D 16 -9.97 -42.00 23.81
CA THR D 16 -9.34 -40.70 23.55
C THR D 16 -9.44 -40.40 22.04
N GLY D 17 -10.67 -40.39 21.54
CA GLY D 17 -10.95 -39.99 20.18
C GLY D 17 -11.41 -38.53 20.15
N THR D 18 -12.24 -38.21 19.15
CA THR D 18 -12.74 -36.86 18.95
C THR D 18 -13.71 -36.49 20.06
N ALA D 19 -14.71 -37.33 20.30
CA ALA D 19 -15.64 -37.09 21.42
C ALA D 19 -14.90 -37.09 22.75
N GLY D 20 -13.98 -38.03 22.91
CA GLY D 20 -13.22 -38.16 24.16
C GLY D 20 -12.37 -36.95 24.49
N MSE D 21 -11.58 -36.51 23.52
CA MSE D 21 -10.72 -35.35 23.72
C MSE D 21 -11.55 -34.12 23.94
O MSE D 21 -11.26 -33.34 24.83
CB MSE D 21 -9.71 -35.17 22.58
CG MSE D 21 -8.64 -36.28 22.54
SE MSE D 21 -7.59 -36.34 20.87
CE MSE D 21 -6.49 -34.73 21.13
N GLY D 22 -12.60 -33.94 23.15
CA GLY D 22 -13.55 -32.83 23.36
C GLY D 22 -14.15 -32.85 24.75
N ALA D 23 -14.62 -34.01 25.21
CA ALA D 23 -15.19 -34.10 26.54
C ALA D 23 -14.15 -33.75 27.60
N TYR D 24 -12.90 -34.12 27.34
CA TYR D 24 -11.82 -33.86 28.29
C TYR D 24 -11.58 -32.37 28.46
N ARG D 25 -11.49 -31.65 27.34
CA ARG D 25 -11.35 -30.18 27.38
C ARG D 25 -12.51 -29.50 28.09
N ALA D 26 -13.74 -29.95 27.82
CA ALA D 26 -14.89 -29.32 28.44
C ALA D 26 -14.93 -29.62 29.95
N ALA D 27 -14.58 -30.85 30.34
CA ALA D 27 -14.64 -31.27 31.74
C ALA D 27 -13.59 -30.56 32.58
N LYS D 28 -12.42 -30.32 31.99
CA LYS D 28 -11.31 -29.68 32.70
C LYS D 28 -11.60 -28.23 33.09
N LYS D 29 -12.62 -27.64 32.46
CA LYS D 29 -13.06 -26.29 32.82
C LYS D 29 -13.83 -26.30 34.14
N HIS D 30 -14.37 -27.47 34.52
CA HIS D 30 -15.18 -27.60 35.73
C HIS D 30 -14.50 -28.32 36.89
N THR D 31 -13.55 -29.20 36.57
CA THR D 31 -12.80 -29.90 37.62
C THR D 31 -11.42 -30.31 37.15
N ASP D 32 -10.47 -30.32 38.07
CA ASP D 32 -9.11 -30.76 37.81
C ASP D 32 -9.01 -32.26 37.62
N LYS D 33 -9.85 -33.01 38.34
CA LYS D 33 -9.72 -34.46 38.39
C LYS D 33 -10.48 -35.22 37.27
N VAL D 34 -9.81 -35.36 36.13
CA VAL D 34 -10.35 -36.08 34.97
C VAL D 34 -9.27 -36.89 34.23
N VAL D 35 -9.58 -38.15 33.92
CA VAL D 35 -8.69 -39.00 33.12
C VAL D 35 -9.32 -39.41 31.80
N LEU D 36 -8.46 -39.44 30.78
CA LEU D 36 -8.77 -40.03 29.47
C LEU D 36 -8.15 -41.41 29.39
N ILE D 37 -8.96 -42.41 29.08
CA ILE D 37 -8.50 -43.78 28.97
C ILE D 37 -8.42 -44.18 27.48
N GLU D 38 -7.29 -44.75 27.05
CA GLU D 38 -7.11 -45.18 25.64
C GLU D 38 -6.44 -46.57 25.54
N GLY D 39 -7.11 -47.49 24.86
CA GLY D 39 -6.58 -48.86 24.67
C GLY D 39 -5.90 -49.09 23.32
N GLY D 40 -6.22 -48.30 22.30
CA GLY D 40 -5.59 -48.42 21.00
C GLY D 40 -4.64 -47.27 20.74
N ALA D 41 -4.41 -46.96 19.46
CA ALA D 41 -3.49 -45.89 19.07
C ALA D 41 -4.14 -44.52 19.23
N TYR D 42 -3.36 -43.56 19.70
CA TYR D 42 -3.79 -42.18 19.69
C TYR D 42 -3.86 -41.69 18.26
N GLY D 43 -4.66 -40.66 18.05
CA GLY D 43 -4.73 -40.01 16.75
C GLY D 43 -6.15 -39.72 16.32
N THR D 44 -7.14 -40.35 16.98
CA THR D 44 -8.58 -40.35 16.60
C THR D 44 -8.81 -41.18 15.35
N THR D 45 -9.99 -41.79 15.27
CA THR D 45 -10.38 -42.55 14.09
C THR D 45 -10.45 -41.71 12.81
N CYS D 46 -10.95 -40.49 12.93
CA CYS D 46 -11.05 -39.56 11.81
C CYS D 46 -9.69 -39.32 11.15
N ALA D 47 -8.69 -38.95 11.95
CA ALA D 47 -7.35 -38.76 11.37
C ALA D 47 -6.63 -40.03 10.87
N ARG D 48 -6.81 -41.17 11.56
CA ARG D 48 -5.99 -42.35 11.28
C ARG D 48 -6.50 -43.17 10.10
N VAL D 49 -7.81 -43.41 10.09
CA VAL D 49 -8.43 -44.44 9.26
C VAL D 49 -9.85 -44.01 8.82
N GLY D 50 -10.16 -42.73 8.97
CA GLY D 50 -11.51 -42.22 8.66
C GLY D 50 -11.55 -41.08 7.64
N CYS D 51 -12.08 -39.92 8.07
CA CYS D 51 -12.24 -38.72 7.24
C CYS D 51 -11.02 -38.40 6.38
N MSE D 52 -9.84 -38.33 6.99
CA MSE D 52 -8.68 -37.77 6.31
C MSE D 52 -8.17 -38.70 5.19
O MSE D 52 -8.01 -38.25 4.06
CB MSE D 52 -7.54 -37.46 7.28
CG MSE D 52 -7.81 -36.34 8.23
SE MSE D 52 -8.85 -34.93 7.32
CE MSE D 52 -7.54 -33.90 6.42
N PRO D 53 -7.88 -39.98 5.52
CA PRO D 53 -7.35 -40.84 4.46
C PRO D 53 -8.39 -41.11 3.40
N SER D 54 -9.66 -41.22 3.78
CA SER D 54 -10.68 -41.36 2.76
C SER D 54 -10.71 -40.17 1.84
N LYS D 55 -10.65 -38.96 2.39
CA LYS D 55 -10.68 -37.77 1.52
C LYS D 55 -9.40 -37.64 0.67
N LEU D 56 -8.27 -38.13 1.20
CA LEU D 56 -7.01 -38.22 0.44
C LEU D 56 -7.09 -39.17 -0.74
N LEU D 57 -7.67 -40.34 -0.52
CA LEU D 57 -7.92 -41.28 -1.61
C LEU D 57 -8.84 -40.64 -2.67
N ILE D 58 -9.92 -39.98 -2.20
CA ILE D 58 -10.86 -39.32 -3.13
C ILE D 58 -10.19 -38.21 -3.98
N ALA D 59 -9.32 -37.41 -3.37
CA ALA D 59 -8.67 -36.31 -4.11
C ALA D 59 -7.77 -36.86 -5.23
N ALA D 60 -7.02 -37.92 -4.93
CA ALA D 60 -6.21 -38.58 -5.94
C ALA D 60 -7.07 -39.19 -7.05
N ALA D 61 -8.16 -39.87 -6.66
CA ALA D 61 -9.10 -40.47 -7.62
C ALA D 61 -9.70 -39.41 -8.55
N ASP D 62 -10.13 -38.30 -7.95
CA ASP D 62 -10.68 -37.19 -8.73
C ASP D 62 -9.71 -36.62 -9.75
N ALA D 63 -8.47 -36.38 -9.32
CA ALA D 63 -7.43 -35.88 -10.23
C ALA D 63 -7.31 -36.85 -11.43
N SER D 64 -7.17 -38.15 -11.11
CA SER D 64 -7.01 -39.17 -12.13
C SER D 64 -8.15 -39.30 -13.09
N TYR D 65 -9.36 -39.33 -12.56
CA TYR D 65 -10.51 -39.49 -13.41
C TYR D 65 -10.75 -38.27 -14.26
N HIS D 66 -10.69 -37.07 -13.67
CA HIS D 66 -10.88 -35.85 -14.48
C HIS D 66 -9.88 -35.69 -15.63
N ALA D 67 -8.68 -36.22 -15.46
CA ALA D 67 -7.68 -36.13 -16.49
C ALA D 67 -8.06 -37.02 -17.70
N SER D 68 -8.96 -37.98 -17.46
CA SER D 68 -9.53 -38.82 -18.53
C SER D 68 -10.78 -38.21 -19.18
N GLN D 69 -11.24 -37.07 -18.67
CA GLN D 69 -12.46 -36.44 -19.20
C GLN D 69 -12.21 -35.09 -19.88
N THR D 70 -10.99 -34.82 -20.33
CA THR D 70 -10.66 -33.51 -20.88
C THR D 70 -11.26 -33.26 -22.29
N ASP D 71 -11.67 -34.32 -22.99
CA ASP D 71 -12.05 -34.16 -24.38
C ASP D 71 -13.32 -33.37 -24.59
N LEU D 72 -14.23 -33.45 -23.62
CA LEU D 72 -15.44 -32.67 -23.64
C LEU D 72 -15.07 -31.24 -23.96
N PHE D 73 -13.93 -30.78 -23.42
CA PHE D 73 -13.55 -29.35 -23.50
C PHE D 73 -12.67 -29.02 -24.70
N GLY D 74 -12.23 -30.04 -25.42
CA GLY D 74 -11.41 -29.86 -26.61
C GLY D 74 -9.96 -30.14 -26.35
N ILE D 75 -9.68 -30.85 -25.26
CA ILE D 75 -8.29 -31.18 -24.91
C ILE D 75 -8.11 -32.68 -24.87
N GLN D 76 -7.01 -33.15 -25.42
CA GLN D 76 -6.72 -34.56 -25.42
C GLN D 76 -5.46 -34.92 -24.63
N VAL D 77 -5.32 -36.22 -24.42
CA VAL D 77 -4.33 -36.80 -23.54
C VAL D 77 -3.86 -38.12 -24.23
N ASP D 78 -2.57 -38.43 -24.13
CA ASP D 78 -2.04 -39.69 -24.67
C ASP D 78 -2.24 -40.84 -23.69
N ARG D 79 -1.98 -40.57 -22.43
CA ARG D 79 -1.85 -41.65 -21.46
C ARG D 79 -1.97 -41.10 -20.05
N ILE D 80 -2.68 -41.87 -19.21
CA ILE D 80 -2.83 -41.62 -17.78
C ILE D 80 -2.29 -42.86 -17.07
N SER D 81 -1.19 -42.70 -16.35
CA SER D 81 -0.62 -43.84 -15.66
C SER D 81 -0.62 -43.58 -14.14
N VAL D 82 -1.27 -44.52 -13.44
CA VAL D 82 -1.46 -44.46 -12.00
C VAL D 82 -0.32 -45.23 -11.31
N ASN D 83 0.56 -44.51 -10.62
CA ASN D 83 1.67 -45.14 -9.87
C ASN D 83 1.13 -45.48 -8.46
N GLY D 84 0.56 -46.69 -8.32
CA GLY D 84 -0.21 -47.06 -7.13
C GLY D 84 0.57 -46.96 -5.83
N LYS D 85 1.83 -47.33 -5.89
CA LYS D 85 2.73 -47.20 -4.75
C LYS D 85 2.86 -45.73 -4.28
N ALA D 86 2.99 -44.79 -5.23
CA ALA D 86 3.05 -43.35 -4.88
C ALA D 86 1.70 -42.82 -4.42
N VAL D 87 0.62 -43.35 -5.00
CA VAL D 87 -0.72 -42.93 -4.61
C VAL D 87 -0.91 -43.29 -3.12
N MSE D 88 -0.67 -44.56 -2.76
CA MSE D 88 -0.80 -45.02 -1.38
C MSE D 88 0.12 -44.25 -0.43
O MSE D 88 -0.29 -43.85 0.66
CB MSE D 88 -0.53 -46.53 -1.25
CG MSE D 88 -1.49 -47.46 -1.98
SE MSE D 88 -3.40 -47.00 -1.75
CE MSE D 88 -3.54 -47.04 0.19
N LYS D 89 1.35 -44.01 -0.88
CA LYS D 89 2.37 -43.38 -0.04
C LYS D 89 1.96 -41.97 0.34
N ARG D 90 1.42 -41.22 -0.62
CA ARG D 90 0.95 -39.86 -0.34
C ARG D 90 -0.26 -39.85 0.59
N ILE D 91 -1.20 -40.76 0.38
CA ILE D 91 -2.30 -40.90 1.33
C ILE D 91 -1.77 -41.14 2.74
N GLN D 92 -0.78 -42.04 2.87
CA GLN D 92 -0.23 -42.42 4.17
C GLN D 92 0.61 -41.33 4.86
N THR D 93 1.48 -40.66 4.10
CA THR D 93 2.32 -39.62 4.69
C THR D 93 1.45 -38.41 5.12
N GLU D 94 0.48 -38.02 4.29
CA GLU D 94 -0.44 -36.97 4.66
C GLU D 94 -1.30 -37.32 5.90
N ARG D 95 -1.88 -38.51 5.92
CA ARG D 95 -2.59 -38.86 7.16
C ARG D 95 -1.71 -39.00 8.41
N ASP D 96 -0.45 -39.41 8.25
CA ASP D 96 0.52 -39.41 9.36
C ASP D 96 0.76 -38.00 9.85
N ARG D 97 0.89 -37.07 8.91
CA ARG D 97 0.95 -35.65 9.27
C ARG D 97 -0.29 -35.23 10.09
N PHE D 98 -1.49 -35.60 9.66
CA PHE D 98 -2.68 -35.23 10.45
C PHE D 98 -2.69 -35.91 11.82
N VAL D 99 -2.33 -37.18 11.86
CA VAL D 99 -2.28 -37.91 13.10
C VAL D 99 -1.30 -37.25 14.09
N GLY D 100 -0.16 -36.79 13.57
CA GLY D 100 0.90 -36.20 14.42
C GLY D 100 0.40 -35.01 15.23
N PHE D 101 -0.41 -34.17 14.59
CA PHE D 101 -1.08 -33.05 15.26
C PHE D 101 -1.91 -33.50 16.45
N VAL D 102 -2.73 -34.53 16.25
CA VAL D 102 -3.55 -35.03 17.33
C VAL D 102 -2.64 -35.62 18.44
N VAL D 103 -1.62 -36.39 18.04
CA VAL D 103 -0.72 -36.99 19.04
C VAL D 103 -0.03 -35.87 19.84
N GLU D 104 0.32 -34.78 19.17
CA GLU D 104 0.88 -33.60 19.86
C GLU D 104 -0.03 -33.06 20.96
N SER D 105 -1.33 -32.89 20.65
CA SER D 105 -2.28 -32.44 21.65
C SER D 105 -2.35 -33.36 22.85
N VAL D 106 -2.52 -34.66 22.60
CA VAL D 106 -2.52 -35.68 23.64
C VAL D 106 -1.24 -35.59 24.50
N GLU D 107 -0.13 -35.31 23.83
CA GLU D 107 1.19 -35.24 24.47
C GLU D 107 1.21 -34.09 25.46
N SER D 108 0.46 -33.03 25.13
CA SER D 108 0.42 -31.82 25.95
C SER D 108 -0.42 -31.98 27.23
N PHE D 109 -1.29 -33.00 27.26
CA PHE D 109 -2.12 -33.23 28.44
C PHE D 109 -1.26 -33.68 29.60
N ASP D 110 -1.66 -33.30 30.82
CA ASP D 110 -1.01 -33.83 32.03
C ASP D 110 -0.91 -35.36 32.02
N GLU D 111 0.29 -35.87 32.29
CA GLU D 111 0.56 -37.30 32.33
C GLU D 111 -0.39 -38.10 33.23
N GLN D 112 -0.73 -37.54 34.41
CA GLN D 112 -1.65 -38.22 35.33
C GLN D 112 -3.10 -38.24 34.83
N ASP D 113 -3.41 -37.43 33.81
CA ASP D 113 -4.75 -37.40 33.20
C ASP D 113 -4.95 -38.44 32.06
N LYS D 114 -3.96 -39.29 31.82
CA LYS D 114 -4.03 -40.29 30.74
C LYS D 114 -3.69 -41.69 31.26
N ILE D 115 -4.59 -42.64 31.01
CA ILE D 115 -4.29 -44.02 31.32
C ILE D 115 -4.43 -44.87 30.06
N ARG D 116 -3.44 -45.73 29.85
CA ARG D 116 -3.36 -46.63 28.74
C ARG D 116 -3.96 -48.00 29.07
N GLY D 117 -4.85 -48.46 28.20
CA GLY D 117 -5.44 -49.79 28.32
C GLY D 117 -6.91 -49.73 27.99
N PHE D 118 -7.52 -50.89 27.86
CA PHE D 118 -8.95 -50.98 27.63
C PHE D 118 -9.67 -51.01 28.97
N ALA D 119 -10.71 -50.19 29.06
CA ALA D 119 -11.50 -50.09 30.27
C ALA D 119 -12.83 -50.85 30.15
N LYS D 120 -13.30 -51.32 31.30
CA LYS D 120 -14.63 -51.93 31.45
C LYS D 120 -15.23 -51.55 32.82
N PHE D 121 -16.56 -51.45 32.90
CA PHE D 121 -17.26 -51.20 34.17
C PHE D 121 -17.23 -52.45 35.05
N LEU D 122 -16.89 -52.23 36.32
CA LEU D 122 -17.07 -53.24 37.34
C LEU D 122 -18.40 -52.96 38.04
N ASP D 123 -18.69 -51.68 38.24
CA ASP D 123 -20.02 -51.20 38.68
C ASP D 123 -20.23 -49.80 38.15
N GLU D 124 -21.29 -49.13 38.61
CA GLU D 124 -21.65 -47.84 38.02
C GLU D 124 -20.65 -46.70 38.29
N HIS D 125 -19.76 -46.90 39.27
CA HIS D 125 -18.74 -45.91 39.61
C HIS D 125 -17.31 -46.41 39.47
N THR D 126 -17.16 -47.66 39.04
CA THR D 126 -15.85 -48.29 39.04
C THR D 126 -15.49 -48.90 37.67
N LEU D 127 -14.38 -48.42 37.12
CA LEU D 127 -13.79 -48.96 35.91
C LEU D 127 -12.52 -49.75 36.24
N GLN D 128 -12.22 -50.76 35.45
CA GLN D 128 -10.91 -51.38 35.50
C GLN D 128 -10.23 -51.28 34.15
N VAL D 129 -8.97 -50.89 34.16
CA VAL D 129 -8.21 -50.74 32.93
C VAL D 129 -7.27 -51.93 32.83
N ASP D 130 -7.42 -52.71 31.78
CA ASP D 130 -6.73 -54.01 31.65
C ASP D 130 -6.68 -54.67 33.03
N ASP D 131 -5.49 -55.09 33.45
CA ASP D 131 -5.31 -55.73 34.77
C ASP D 131 -4.52 -54.85 35.74
N HIS D 132 -4.35 -53.57 35.41
CA HIS D 132 -3.41 -52.73 36.16
C HIS D 132 -4.03 -51.61 37.01
N SER D 133 -5.21 -51.15 36.63
CA SER D 133 -5.76 -49.96 37.25
C SER D 133 -7.26 -50.05 37.50
N GLN D 134 -7.68 -49.45 38.61
CA GLN D 134 -9.08 -49.19 38.86
C GLN D 134 -9.32 -47.70 39.05
N VAL D 135 -10.37 -47.19 38.41
CA VAL D 135 -10.73 -45.78 38.48
C VAL D 135 -12.08 -45.67 39.16
N ILE D 136 -12.12 -44.95 40.29
CA ILE D 136 -13.37 -44.65 40.95
C ILE D 136 -13.80 -43.23 40.51
N ALA D 137 -14.79 -43.22 39.60
CA ALA D 137 -15.30 -41.99 38.97
C ALA D 137 -16.71 -41.62 39.42
N LYS D 138 -16.87 -40.38 39.87
CA LYS D 138 -18.19 -39.82 40.16
C LYS D 138 -19.06 -39.73 38.90
N ARG D 139 -18.43 -39.43 37.77
CA ARG D 139 -19.12 -39.38 36.49
C ARG D 139 -18.24 -40.04 35.44
N ILE D 140 -18.87 -40.68 34.46
CA ILE D 140 -18.16 -41.41 33.42
C ILE D 140 -18.70 -41.05 32.02
N VAL D 141 -17.78 -40.79 31.08
CA VAL D 141 -18.19 -40.60 29.66
C VAL D 141 -17.71 -41.77 28.79
N ILE D 142 -18.68 -42.46 28.17
CA ILE D 142 -18.38 -43.50 27.18
C ILE D 142 -18.20 -42.84 25.82
N ALA D 143 -16.97 -42.87 25.33
CA ALA D 143 -16.63 -42.18 24.08
C ALA D 143 -15.80 -43.10 23.20
N THR D 144 -16.28 -44.33 23.03
CA THR D 144 -15.47 -45.42 22.49
C THR D 144 -15.57 -45.59 20.99
N GLY D 145 -16.29 -44.68 20.33
CA GLY D 145 -16.50 -44.77 18.88
C GLY D 145 -17.20 -46.03 18.37
N SER D 146 -16.92 -46.36 17.11
CA SER D 146 -17.49 -47.53 16.44
C SER D 146 -16.38 -48.26 15.70
N ARG D 147 -16.70 -49.49 15.29
CA ARG D 147 -15.78 -50.37 14.57
C ARG D 147 -16.46 -50.94 13.33
N PRO D 148 -15.68 -51.48 12.38
CA PRO D 148 -16.36 -52.10 11.24
C PRO D 148 -17.16 -53.32 11.65
N ASN D 149 -18.31 -53.49 11.02
CA ASN D 149 -19.15 -54.63 11.28
C ASN D 149 -19.66 -55.10 9.92
N TYR D 150 -19.92 -56.40 9.79
CA TYR D 150 -20.23 -57.03 8.51
C TYR D 150 -20.92 -58.37 8.72
N PRO D 151 -21.75 -58.80 7.77
CA PRO D 151 -22.38 -60.13 7.94
C PRO D 151 -21.35 -61.25 7.89
N GLU D 152 -21.74 -62.40 8.43
CA GLU D 152 -20.84 -63.54 8.58
C GLU D 152 -20.26 -64.05 7.26
N PHE D 153 -21.05 -63.99 6.19
CA PHE D 153 -20.61 -64.56 4.92
C PHE D 153 -19.34 -63.87 4.43
N LEU D 154 -19.15 -62.63 4.88
CA LEU D 154 -18.06 -61.79 4.41
C LEU D 154 -16.74 -62.17 5.09
N ALA D 155 -16.85 -62.77 6.27
CA ALA D 155 -15.68 -63.17 7.03
C ALA D 155 -14.90 -64.25 6.30
N ALA D 156 -15.58 -64.97 5.41
CA ALA D 156 -14.91 -65.99 4.60
C ALA D 156 -13.91 -65.43 3.56
N ALA D 157 -13.92 -64.12 3.34
CA ALA D 157 -12.86 -63.49 2.53
C ALA D 157 -11.49 -63.60 3.21
N GLY D 158 -11.49 -63.88 4.51
CA GLY D 158 -10.26 -64.15 5.27
C GLY D 158 -9.25 -63.03 5.25
N SER D 159 -8.00 -63.39 4.92
CA SER D 159 -6.91 -62.42 4.87
C SER D 159 -7.06 -61.35 3.77
N ARG D 160 -8.05 -61.51 2.89
CA ARG D 160 -8.29 -60.54 1.83
C ARG D 160 -9.57 -59.73 2.07
N LEU D 161 -10.12 -59.84 3.28
CA LEU D 161 -11.17 -58.92 3.73
C LEU D 161 -10.53 -57.59 4.09
N LEU D 162 -11.06 -56.51 3.54
CA LEU D 162 -10.56 -55.19 3.83
C LEU D 162 -11.63 -54.42 4.57
N THR D 163 -11.21 -53.51 5.47
CA THR D 163 -12.08 -52.46 6.00
C THR D 163 -11.30 -51.15 6.03
N ASN D 164 -11.88 -50.11 6.59
CA ASN D 164 -11.17 -48.84 6.73
C ASN D 164 -9.92 -48.95 7.62
N ASP D 165 -9.92 -49.94 8.50
CA ASP D 165 -8.78 -50.21 9.39
C ASP D 165 -7.55 -50.72 8.65
N ASN D 166 -7.71 -51.26 7.45
CA ASN D 166 -6.53 -51.76 6.78
C ASN D 166 -6.43 -51.35 5.32
N LEU D 167 -7.48 -50.76 4.75
CA LEU D 167 -7.46 -50.38 3.32
C LEU D 167 -6.34 -49.35 2.99
N PHE D 168 -6.14 -48.40 3.90
CA PHE D 168 -5.16 -47.35 3.67
C PHE D 168 -3.72 -47.79 3.97
N GLU D 169 -3.56 -49.02 4.44
CA GLU D 169 -2.24 -49.56 4.73
C GLU D 169 -1.66 -50.37 3.57
N LEU D 170 -2.43 -50.55 2.50
CA LEU D 170 -1.90 -51.25 1.31
C LEU D 170 -0.68 -50.52 0.75
N ASN D 171 0.38 -51.27 0.45
CA ASN D 171 1.60 -50.70 -0.15
C ASN D 171 1.39 -50.22 -1.62
N ASP D 172 0.31 -50.71 -2.24
CA ASP D 172 0.00 -50.47 -3.64
C ASP D 172 -1.52 -50.57 -3.81
N LEU D 173 -2.05 -50.01 -4.88
CA LEU D 173 -3.48 -50.16 -5.17
C LEU D 173 -3.78 -51.60 -5.66
N PRO D 174 -4.90 -52.17 -5.21
CA PRO D 174 -5.37 -53.49 -5.68
C PRO D 174 -5.74 -53.50 -7.16
N LYS D 175 -5.76 -54.68 -7.76
CA LYS D 175 -6.17 -54.83 -9.14
C LYS D 175 -7.68 -54.74 -9.24
N SER D 176 -8.37 -55.29 -8.24
CA SER D 176 -9.82 -55.37 -8.23
C SER D 176 -10.32 -55.51 -6.82
N VAL D 177 -11.49 -54.91 -6.55
CA VAL D 177 -12.14 -54.96 -5.24
C VAL D 177 -13.65 -55.07 -5.43
N ALA D 178 -14.24 -56.07 -4.78
CA ALA D 178 -15.68 -56.12 -4.60
C ALA D 178 -16.03 -55.42 -3.29
N VAL D 179 -16.91 -54.43 -3.38
CA VAL D 179 -17.30 -53.58 -2.27
C VAL D 179 -18.69 -54.01 -1.79
N PHE D 180 -18.84 -54.21 -0.48
CA PHE D 180 -20.17 -54.54 0.07
C PHE D 180 -20.63 -53.42 0.99
N GLY D 181 -21.86 -52.92 0.74
CA GLY D 181 -22.45 -51.82 1.49
C GLY D 181 -22.36 -50.48 0.76
N PRO D 182 -23.48 -49.99 0.23
CA PRO D 182 -23.48 -48.75 -0.56
C PRO D 182 -23.94 -47.57 0.30
N GLY D 183 -23.46 -47.53 1.55
CA GLY D 183 -23.65 -46.37 2.42
C GLY D 183 -22.65 -45.28 2.08
N VAL D 184 -22.47 -44.35 2.99
CA VAL D 184 -21.56 -43.25 2.76
C VAL D 184 -20.20 -43.83 2.37
N ILE D 185 -19.71 -44.74 3.21
CA ILE D 185 -18.37 -45.25 3.08
C ILE D 185 -18.14 -46.08 1.82
N GLY D 186 -18.99 -47.06 1.55
CA GLY D 186 -18.81 -47.95 0.38
C GLY D 186 -18.81 -47.30 -1.01
N LEU D 187 -19.63 -46.28 -1.19
CA LEU D 187 -19.72 -45.62 -2.48
C LEU D 187 -18.56 -44.65 -2.62
N GLU D 188 -18.25 -43.92 -1.56
CA GLU D 188 -17.11 -43.00 -1.55
C GLU D 188 -15.84 -43.74 -1.95
N LEU D 189 -15.55 -44.85 -1.26
CA LEU D 189 -14.29 -45.59 -1.51
C LEU D 189 -14.37 -46.42 -2.79
N GLY D 190 -15.52 -47.06 -3.01
CA GLY D 190 -15.72 -47.82 -4.26
C GLY D 190 -15.50 -47.00 -5.52
N GLN D 191 -16.07 -45.80 -5.56
CA GLN D 191 -15.90 -44.90 -6.70
C GLN D 191 -14.43 -44.44 -6.81
N ALA D 192 -13.81 -44.06 -5.70
CA ALA D 192 -12.43 -43.60 -5.72
C ALA D 192 -11.49 -44.72 -6.22
N LEU D 193 -11.68 -45.94 -5.72
CA LEU D 193 -10.86 -47.06 -6.20
C LEU D 193 -11.05 -47.27 -7.69
N SER D 194 -12.32 -47.27 -8.12
CA SER D 194 -12.65 -47.44 -9.52
C SER D 194 -12.05 -46.33 -10.37
N ARG D 195 -12.12 -45.09 -9.90
CA ARG D 195 -11.53 -43.96 -10.65
C ARG D 195 -10.00 -44.05 -10.74
N LEU D 196 -9.41 -44.88 -9.89
CA LEU D 196 -7.96 -45.04 -9.85
C LEU D 196 -7.51 -46.26 -10.68
N GLY D 197 -8.42 -46.88 -11.43
CA GLY D 197 -8.08 -48.02 -12.30
C GLY D 197 -8.32 -49.39 -11.68
N VAL D 198 -8.82 -49.43 -10.44
CA VAL D 198 -9.20 -50.67 -9.79
C VAL D 198 -10.51 -51.19 -10.41
N ILE D 199 -10.53 -52.48 -10.76
CA ILE D 199 -11.76 -53.09 -11.22
C ILE D 199 -12.66 -53.25 -9.99
N VAL D 200 -13.76 -52.49 -9.92
CA VAL D 200 -14.69 -52.64 -8.79
C VAL D 200 -16.13 -52.90 -9.18
N LYS D 201 -16.80 -53.71 -8.34
CA LYS D 201 -18.24 -53.85 -8.33
C LYS D 201 -18.75 -53.53 -6.93
N VAL D 202 -19.84 -52.76 -6.83
CA VAL D 202 -20.41 -52.44 -5.52
C VAL D 202 -21.77 -53.12 -5.37
N PHE D 203 -21.93 -53.86 -4.27
CA PHE D 203 -23.17 -54.60 -3.96
C PHE D 203 -23.83 -54.11 -2.68
N GLY D 204 -25.04 -53.57 -2.81
CA GLY D 204 -25.88 -53.25 -1.66
C GLY D 204 -27.02 -54.25 -1.57
N ARG D 205 -27.70 -54.30 -0.43
CA ARG D 205 -28.69 -55.35 -0.18
C ARG D 205 -30.15 -54.87 -0.28
N SER D 206 -30.45 -53.67 0.23
CA SER D 206 -31.83 -53.29 0.45
C SER D 206 -32.32 -52.04 -0.30
N GLY D 207 -31.62 -51.64 -1.36
CA GLY D 207 -32.05 -50.50 -2.17
C GLY D 207 -31.45 -49.16 -1.75
N SER D 208 -30.75 -49.15 -0.62
CA SER D 208 -30.02 -47.97 -0.09
C SER D 208 -29.00 -47.37 -1.07
N VAL D 209 -28.95 -46.04 -1.11
CA VAL D 209 -27.95 -45.34 -1.92
C VAL D 209 -27.44 -44.17 -1.10
N ALA D 210 -26.19 -44.31 -0.65
CA ALA D 210 -25.62 -43.35 0.28
C ALA D 210 -26.59 -43.28 1.44
N ASN D 211 -26.89 -42.07 1.85
CA ASN D 211 -27.85 -41.83 2.90
C ASN D 211 -29.19 -41.38 2.35
N LEU D 212 -29.36 -41.38 1.03
CA LEU D 212 -30.53 -40.73 0.43
C LEU D 212 -31.83 -41.40 0.86
N GLN D 213 -32.84 -40.61 1.17
CA GLN D 213 -34.12 -41.19 1.58
C GLN D 213 -35.21 -41.10 0.51
N ASP D 214 -35.16 -40.09 -0.36
CA ASP D 214 -36.19 -39.98 -1.40
C ASP D 214 -36.01 -41.05 -2.48
N GLU D 215 -37.08 -41.75 -2.84
CA GLU D 215 -37.02 -42.88 -3.76
C GLU D 215 -36.48 -42.55 -5.16
N GLU D 216 -36.99 -41.47 -5.78
CA GLU D 216 -36.50 -41.00 -7.09
C GLU D 216 -35.02 -40.60 -7.00
N MSE D 217 -34.64 -39.92 -5.93
CA MSE D 217 -33.24 -39.54 -5.67
C MSE D 217 -32.35 -40.78 -5.63
O MSE D 217 -31.32 -40.82 -6.30
CB MSE D 217 -33.12 -38.82 -4.31
CG MSE D 217 -33.61 -37.42 -4.33
SE MSE D 217 -32.16 -36.11 -4.30
CE MSE D 217 -33.32 -34.66 -4.79
N LYS D 218 -32.74 -41.78 -4.84
CA LYS D 218 -31.98 -43.03 -4.75
C LYS D 218 -31.79 -43.68 -6.12
N ARG D 219 -32.88 -43.79 -6.89
CA ARG D 219 -32.84 -44.41 -8.23
C ARG D 219 -31.99 -43.63 -9.24
N TYR D 220 -32.06 -42.30 -9.20
CA TYR D 220 -31.30 -41.47 -10.11
C TYR D 220 -29.82 -41.63 -9.79
N ALA D 221 -29.49 -41.56 -8.51
CA ALA D 221 -28.09 -41.69 -8.07
C ALA D 221 -27.51 -43.07 -8.42
N GLU D 222 -28.30 -44.12 -8.22
CA GLU D 222 -27.87 -45.47 -8.59
C GLU D 222 -27.64 -45.55 -10.11
N LYS D 223 -28.57 -44.99 -10.88
CA LYS D 223 -28.41 -44.86 -12.34
C LYS D 223 -27.14 -44.09 -12.70
N THR D 224 -26.92 -42.95 -12.04
CA THR D 224 -25.74 -42.11 -12.29
C THR D 224 -24.42 -42.85 -12.03
N PHE D 225 -24.26 -43.44 -10.85
CA PHE D 225 -23.05 -44.19 -10.57
C PHE D 225 -22.75 -45.28 -11.58
N ASN D 226 -23.78 -46.02 -12.01
CA ASN D 226 -23.67 -47.08 -13.01
C ASN D 226 -23.12 -46.70 -14.40
N GLU D 227 -23.14 -45.41 -14.72
CA GLU D 227 -22.51 -44.89 -15.94
C GLU D 227 -21.00 -44.96 -15.81
N GLU D 228 -20.54 -45.10 -14.58
CA GLU D 228 -19.14 -45.07 -14.28
C GLU D 228 -18.64 -46.43 -13.79
N PHE D 229 -19.31 -47.01 -12.79
CA PHE D 229 -18.94 -48.36 -12.28
C PHE D 229 -20.17 -49.22 -12.00
N TYR D 230 -19.96 -50.53 -11.90
CA TYR D 230 -21.03 -51.50 -11.58
C TYR D 230 -21.55 -51.32 -10.14
N PHE D 231 -22.83 -50.99 -10.02
CA PHE D 231 -23.42 -50.78 -8.70
C PHE D 231 -24.82 -51.32 -8.68
N ASP D 232 -25.03 -52.33 -7.84
CA ASP D 232 -26.34 -52.94 -7.65
C ASP D 232 -26.80 -52.78 -6.19
N ALA D 233 -27.73 -51.84 -5.97
CA ALA D 233 -28.23 -51.51 -4.65
C ALA D 233 -29.16 -52.56 -4.10
N LYS D 234 -29.62 -53.47 -4.97
CA LYS D 234 -30.49 -54.57 -4.54
C LYS D 234 -29.93 -55.96 -4.90
N ALA D 235 -28.62 -56.13 -4.75
CA ALA D 235 -27.92 -57.37 -5.14
C ALA D 235 -28.24 -58.58 -4.29
N ARG D 236 -28.28 -59.75 -4.93
CA ARG D 236 -28.34 -61.04 -4.24
CA ARG D 236 -28.33 -61.02 -4.23
C ARG D 236 -26.95 -61.65 -4.30
N VAL D 237 -26.28 -61.73 -3.16
CA VAL D 237 -24.92 -62.27 -3.14
C VAL D 237 -24.94 -63.62 -2.46
N ILE D 238 -24.35 -64.61 -3.10
CA ILE D 238 -24.29 -65.93 -2.48
C ILE D 238 -23.12 -65.99 -1.49
N SER D 239 -21.90 -65.71 -1.96
CA SER D 239 -20.71 -65.99 -1.16
C SER D 239 -19.46 -65.23 -1.59
N THR D 240 -18.53 -65.13 -0.64
CA THR D 240 -17.25 -64.45 -0.80
C THR D 240 -16.18 -65.28 -0.09
N ILE D 241 -15.58 -66.23 -0.81
CA ILE D 241 -14.69 -67.21 -0.22
C ILE D 241 -13.28 -67.00 -0.76
N GLU D 242 -12.32 -66.90 0.16
CA GLU D 242 -10.92 -66.73 -0.19
C GLU D 242 -10.40 -67.93 -0.98
N LYS D 243 -9.65 -67.66 -2.04
CA LYS D 243 -8.85 -68.67 -2.76
C LYS D 243 -7.34 -68.35 -2.63
N GLU D 244 -6.50 -69.10 -3.33
CA GLU D 244 -5.05 -69.03 -3.07
C GLU D 244 -4.41 -67.67 -3.33
N ASP D 245 -5.11 -66.79 -4.05
CA ASP D 245 -4.58 -65.47 -4.39
C ASP D 245 -5.68 -64.44 -4.69
N ALA D 246 -6.93 -64.82 -4.44
CA ALA D 246 -8.08 -63.95 -4.67
C ALA D 246 -9.23 -64.31 -3.76
N VAL D 247 -10.37 -63.66 -3.99
CA VAL D 247 -11.64 -64.02 -3.38
C VAL D 247 -12.67 -64.28 -4.48
N GLU D 248 -13.19 -65.49 -4.50
CA GLU D 248 -14.26 -65.85 -5.40
C GLU D 248 -15.58 -65.29 -4.87
N VAL D 249 -16.17 -64.42 -5.67
CA VAL D 249 -17.48 -63.85 -5.38
C VAL D 249 -18.55 -64.49 -6.29
N ILE D 250 -19.56 -65.05 -5.65
CA ILE D 250 -20.71 -65.63 -6.34
C ILE D 250 -21.98 -64.84 -6.01
N TYR D 251 -22.60 -64.31 -7.07
CA TYR D 251 -23.76 -63.44 -6.93
C TYR D 251 -24.67 -63.56 -8.16
N PHE D 252 -25.81 -62.88 -8.10
CA PHE D 252 -26.73 -62.76 -9.21
C PHE D 252 -26.63 -61.35 -9.76
N ASP D 253 -26.44 -61.22 -11.08
CA ASP D 253 -26.40 -59.88 -11.68
C ASP D 253 -27.80 -59.27 -11.78
N LYS D 254 -27.91 -58.17 -12.50
CA LYS D 254 -29.17 -57.43 -12.60
C LYS D 254 -30.18 -58.13 -13.49
N SER D 255 -29.83 -59.33 -13.98
CA SER D 255 -30.74 -60.10 -14.82
C SER D 255 -31.07 -61.44 -14.18
N GLY D 256 -30.71 -61.57 -12.90
CA GLY D 256 -30.93 -62.80 -12.16
C GLY D 256 -29.95 -63.92 -12.49
N GLN D 257 -28.94 -63.62 -13.30
CA GLN D 257 -28.00 -64.62 -13.76
C GLN D 257 -26.91 -64.92 -12.73
N LYS D 258 -26.84 -66.17 -12.26
CA LYS D 258 -25.80 -66.59 -11.30
C LYS D 258 -24.43 -66.44 -11.93
N THR D 259 -23.51 -65.89 -11.16
CA THR D 259 -22.26 -65.41 -11.72
C THR D 259 -21.11 -65.61 -10.75
N THR D 260 -20.00 -66.09 -11.30
CA THR D 260 -18.78 -66.27 -10.51
C THR D 260 -17.69 -65.32 -11.01
N GLU D 261 -17.18 -64.52 -10.07
CA GLU D 261 -16.13 -63.58 -10.39
C GLU D 261 -15.06 -63.58 -9.30
N SER D 262 -13.81 -63.41 -9.73
CA SER D 262 -12.69 -63.38 -8.81
C SER D 262 -12.25 -61.94 -8.52
N PHE D 263 -12.20 -61.56 -7.24
CA PHE D 263 -11.63 -60.28 -6.88
C PHE D 263 -10.39 -60.44 -6.02
N GLN D 264 -9.45 -59.50 -6.12
CA GLN D 264 -8.22 -59.54 -5.32
C GLN D 264 -8.52 -59.27 -3.84
N TYR D 265 -9.42 -58.34 -3.59
CA TYR D 265 -9.93 -58.12 -2.25
C TYR D 265 -11.42 -57.91 -2.26
N VAL D 266 -11.97 -57.88 -1.06
CA VAL D 266 -13.34 -57.56 -0.79
C VAL D 266 -13.27 -56.43 0.26
N LEU D 267 -14.11 -55.40 0.10
CA LEU D 267 -14.20 -54.34 1.07
C LEU D 267 -15.54 -54.40 1.82
N ALA D 268 -15.49 -54.63 3.12
CA ALA D 268 -16.71 -54.58 3.93
C ALA D 268 -17.01 -53.14 4.30
N ALA D 269 -18.03 -52.56 3.68
CA ALA D 269 -18.49 -51.25 4.12
C ALA D 269 -19.96 -51.29 4.52
N THR D 270 -20.39 -52.45 5.01
CA THR D 270 -21.68 -52.58 5.70
C THR D 270 -21.71 -51.74 7.01
N GLY D 271 -22.86 -51.70 7.67
CA GLY D 271 -23.02 -50.91 8.89
C GLY D 271 -21.96 -51.12 9.97
N ARG D 272 -21.58 -50.02 10.62
CA ARG D 272 -20.65 -50.04 11.74
C ARG D 272 -21.30 -50.44 13.07
N LYS D 273 -20.49 -50.90 14.01
CA LYS D 273 -20.99 -51.29 15.31
C LYS D 273 -20.41 -50.40 16.40
N ALA D 274 -21.28 -49.79 17.20
CA ALA D 274 -20.89 -48.89 18.29
C ALA D 274 -20.18 -49.71 19.36
N ASN D 275 -19.08 -49.17 19.90
CA ASN D 275 -18.22 -49.94 20.82
C ASN D 275 -18.78 -49.88 22.25
N VAL D 276 -19.96 -50.47 22.40
CA VAL D 276 -20.69 -50.49 23.67
C VAL D 276 -20.90 -51.90 24.19
N ASP D 277 -20.46 -52.91 23.42
CA ASP D 277 -20.75 -54.33 23.70
C ASP D 277 -19.66 -55.05 24.49
N LYS D 278 -18.47 -54.48 24.52
CA LYS D 278 -17.37 -55.08 25.26
C LYS D 278 -16.94 -54.29 26.49
N LEU D 279 -17.90 -53.60 27.10
CA LEU D 279 -17.64 -52.59 28.13
C LEU D 279 -18.01 -53.03 29.54
N GLY D 280 -18.56 -54.23 29.67
CA GLY D 280 -19.10 -54.69 30.94
C GLY D 280 -20.34 -53.93 31.36
N LEU D 281 -21.11 -53.43 30.38
CA LEU D 281 -22.32 -52.67 30.71
C LEU D 281 -23.34 -53.49 31.53
N GLU D 282 -23.21 -54.81 31.49
CA GLU D 282 -24.08 -55.72 32.23
C GLU D 282 -23.85 -55.66 33.74
N ASN D 283 -22.78 -54.98 34.16
CA ASN D 283 -22.47 -54.70 35.55
C ASN D 283 -22.97 -53.32 35.98
N THR D 284 -23.90 -52.73 35.21
CA THR D 284 -24.54 -51.46 35.55
C THR D 284 -26.03 -51.65 35.31
N SER D 285 -26.85 -50.67 35.68
CA SER D 285 -28.30 -50.75 35.44
C SER D 285 -28.69 -50.03 34.16
N ILE D 286 -27.68 -49.63 33.38
CA ILE D 286 -27.92 -48.89 32.16
C ILE D 286 -28.91 -49.62 31.27
N GLU D 287 -30.04 -48.95 31.00
CA GLU D 287 -31.12 -49.49 30.19
C GLU D 287 -30.74 -49.46 28.70
N LEU D 288 -30.91 -50.61 28.05
CA LEU D 288 -30.57 -50.82 26.65
C LEU D 288 -31.83 -50.92 25.81
N ASP D 289 -31.69 -50.67 24.51
CA ASP D 289 -32.75 -50.96 23.53
C ASP D 289 -32.61 -52.39 23.00
N LYS D 290 -33.42 -52.73 21.99
CA LYS D 290 -33.45 -54.06 21.37
C LYS D 290 -32.11 -54.49 20.76
N LYS D 291 -31.30 -53.50 20.40
CA LYS D 291 -30.04 -53.71 19.69
C LYS D 291 -28.85 -53.67 20.67
N ASN D 292 -29.15 -53.74 21.97
CA ASN D 292 -28.15 -53.70 23.04
C ASN D 292 -27.31 -52.44 23.05
N SER D 293 -27.89 -51.36 22.53
CA SER D 293 -27.30 -50.04 22.65
C SER D 293 -28.00 -49.29 23.79
N PRO D 294 -27.23 -48.59 24.62
CA PRO D 294 -27.78 -47.79 25.73
C PRO D 294 -28.78 -46.73 25.25
N LEU D 295 -29.94 -46.67 25.90
CA LEU D 295 -30.84 -45.54 25.73
C LEU D 295 -30.18 -44.32 26.34
N PHE D 296 -30.51 -43.15 25.81
CA PHE D 296 -29.86 -41.94 26.25
C PHE D 296 -30.68 -40.72 25.86
N ASP D 297 -30.47 -39.65 26.60
CA ASP D 297 -31.16 -38.40 26.37
C ASP D 297 -30.41 -37.70 25.23
N GLU D 298 -31.09 -37.47 24.11
CA GLU D 298 -30.42 -36.86 22.97
C GLU D 298 -29.79 -35.50 23.23
N LEU D 299 -30.31 -34.78 24.23
CA LEU D 299 -29.83 -33.41 24.49
C LEU D 299 -28.74 -33.33 25.57
N THR D 300 -28.82 -34.15 26.62
CA THR D 300 -27.83 -34.10 27.70
C THR D 300 -26.80 -35.24 27.57
N LEU D 301 -27.11 -36.21 26.73
CA LEU D 301 -26.29 -37.41 26.50
C LEU D 301 -26.23 -38.37 27.69
N GLN D 302 -27.10 -38.15 28.67
CA GLN D 302 -27.20 -39.04 29.81
C GLN D 302 -27.87 -40.34 29.43
N THR D 303 -27.31 -41.37 30.02
CA THR D 303 -27.83 -42.71 29.99
C THR D 303 -28.92 -42.80 31.11
N SER D 304 -29.63 -43.92 31.24
CA SER D 304 -30.55 -44.13 32.37
C SER D 304 -29.89 -43.93 33.76
N VAL D 305 -28.59 -44.16 33.84
CA VAL D 305 -27.82 -43.85 35.02
C VAL D 305 -27.32 -42.41 34.81
N ASP D 306 -27.81 -41.46 35.63
CA ASP D 306 -27.67 -40.06 35.24
C ASP D 306 -26.27 -39.46 35.34
N HIS D 307 -25.33 -40.23 35.89
CA HIS D 307 -23.92 -39.84 35.92
C HIS D 307 -23.06 -40.52 34.86
N ILE D 308 -23.65 -41.35 34.00
CA ILE D 308 -22.90 -41.98 32.89
C ILE D 308 -23.46 -41.51 31.56
N PHE D 309 -22.56 -41.03 30.71
CA PHE D 309 -22.92 -40.38 29.44
C PHE D 309 -22.42 -41.20 28.29
N VAL D 310 -22.98 -40.98 27.10
CA VAL D 310 -22.45 -41.61 25.90
C VAL D 310 -22.31 -40.59 24.75
N ALA D 311 -21.08 -40.41 24.29
CA ALA D 311 -20.74 -39.35 23.32
C ALA D 311 -20.05 -39.90 22.08
N GLY D 312 -20.33 -39.29 20.93
CA GLY D 312 -19.67 -39.64 19.68
C GLY D 312 -20.38 -40.81 19.03
N ASP D 313 -19.64 -41.58 18.22
CA ASP D 313 -20.19 -42.71 17.50
C ASP D 313 -20.66 -43.79 18.46
N ALA D 314 -20.15 -43.74 19.69
CA ALA D 314 -20.54 -44.75 20.68
C ALA D 314 -22.04 -44.72 20.91
N ASN D 315 -22.68 -43.56 20.74
CA ASN D 315 -24.14 -43.54 20.89
C ASN D 315 -24.96 -43.85 19.63
N ASN D 316 -24.26 -44.17 18.54
CA ASN D 316 -24.90 -44.60 17.29
C ASN D 316 -25.86 -43.58 16.66
N THR D 317 -25.72 -42.32 17.09
CA THR D 317 -26.57 -41.21 16.60
C THR D 317 -25.66 -40.09 16.07
N LEU D 318 -26.11 -39.38 15.04
CA LEU D 318 -25.34 -38.27 14.43
C LEU D 318 -23.86 -38.67 14.26
N THR D 319 -23.61 -39.71 13.48
CA THR D 319 -22.27 -40.33 13.51
C THR D 319 -21.39 -39.70 12.46
N LEU D 320 -21.07 -38.43 12.71
CA LEU D 320 -20.27 -37.59 11.82
C LEU D 320 -19.26 -36.94 12.74
N LEU D 321 -18.15 -36.47 12.17
CA LEU D 321 -17.06 -35.94 13.00
C LEU D 321 -17.46 -34.67 13.76
N HIS D 322 -18.04 -33.69 13.07
CA HIS D 322 -18.35 -32.43 13.75
C HIS D 322 -19.41 -32.65 14.83
N GLU D 323 -20.25 -33.67 14.64
CA GLU D 323 -21.25 -34.06 15.63
C GLU D 323 -20.62 -34.76 16.82
N ALA D 324 -19.63 -35.62 16.58
CA ALA D 324 -18.81 -36.17 17.68
C ALA D 324 -18.16 -35.06 18.50
N ALA D 325 -17.64 -34.01 17.86
CA ALA D 325 -17.03 -32.92 18.60
C ALA D 325 -18.04 -32.22 19.50
N ASP D 326 -19.26 -31.96 18.98
CA ASP D 326 -20.35 -31.40 19.80
C ASP D 326 -20.79 -32.33 20.93
N ASP D 327 -20.90 -33.62 20.66
CA ASP D 327 -21.17 -34.61 21.72
C ASP D 327 -20.13 -34.47 22.85
N GLY D 328 -18.86 -34.29 22.46
CA GLY D 328 -17.75 -34.17 23.43
C GLY D 328 -17.95 -32.98 24.35
N LYS D 329 -18.30 -31.84 23.75
CA LYS D 329 -18.66 -30.65 24.52
C LYS D 329 -19.84 -30.89 25.48
N VAL D 330 -20.94 -31.48 25.00
CA VAL D 330 -22.11 -31.77 25.84
C VAL D 330 -21.73 -32.70 27.02
N ALA D 331 -21.14 -33.84 26.70
CA ALA D 331 -20.91 -34.85 27.70
C ALA D 331 -19.88 -34.34 28.70
N GLY D 332 -18.87 -33.69 28.17
CA GLY D 332 -17.79 -33.15 28.99
C GLY D 332 -18.24 -32.07 29.93
N THR D 333 -19.03 -31.11 29.40
CA THR D 333 -19.64 -30.06 30.22
C THR D 333 -20.53 -30.68 31.32
N ASN D 334 -21.44 -31.57 30.92
CA ASN D 334 -22.40 -32.15 31.84
C ASN D 334 -21.73 -33.04 32.88
N ALA D 335 -20.83 -33.91 32.43
CA ALA D 335 -20.01 -34.68 33.39
C ALA D 335 -19.18 -33.76 34.32
N GLY D 336 -18.61 -32.69 33.78
CA GLY D 336 -17.79 -31.79 34.61
C GLY D 336 -18.59 -31.11 35.70
N ALA D 337 -19.74 -30.55 35.31
CA ALA D 337 -20.59 -29.75 36.18
C ALA D 337 -21.63 -30.56 36.99
N TYR D 338 -21.78 -31.85 36.68
CA TYR D 338 -22.75 -32.72 37.38
C TYR D 338 -22.78 -32.41 38.88
N PRO D 339 -23.97 -32.25 39.50
CA PRO D 339 -25.33 -32.57 39.00
C PRO D 339 -26.04 -31.45 38.22
N VAL D 340 -25.32 -30.38 37.94
CA VAL D 340 -25.83 -29.28 37.12
C VAL D 340 -25.72 -29.75 35.66
N ILE D 341 -26.89 -29.97 35.04
CA ILE D 341 -26.96 -30.59 33.71
C ILE D 341 -27.64 -29.64 32.78
N ALA D 342 -27.11 -29.53 31.55
CA ALA D 342 -27.69 -28.68 30.55
C ALA D 342 -28.07 -29.47 29.29
N GLN D 343 -28.96 -28.90 28.48
CA GLN D 343 -29.34 -29.49 27.22
C GLN D 343 -28.56 -28.89 26.06
N GLY D 344 -27.94 -29.74 25.25
CA GLY D 344 -27.26 -29.30 24.03
C GLY D 344 -28.25 -28.74 23.02
N GLN D 345 -27.93 -27.59 22.43
CA GLN D 345 -28.75 -27.02 21.37
C GLN D 345 -27.99 -27.36 20.10
N ARG D 346 -28.38 -28.48 19.48
CA ARG D 346 -27.64 -29.03 18.35
C ARG D 346 -27.66 -28.10 17.15
N ARG D 347 -26.59 -28.18 16.35
CA ARG D 347 -26.55 -27.44 15.10
C ARG D 347 -27.48 -28.11 14.11
N ALA D 348 -27.99 -27.33 13.15
CA ALA D 348 -28.77 -27.93 12.06
C ALA D 348 -28.01 -29.10 11.40
N PRO D 349 -28.70 -30.25 11.24
CA PRO D 349 -28.09 -31.47 10.68
C PRO D 349 -27.50 -31.21 9.31
N LEU D 350 -26.30 -31.74 9.11
CA LEU D 350 -25.63 -31.64 7.83
C LEU D 350 -24.82 -32.92 7.69
N SER D 351 -24.93 -33.54 6.54
CA SER D 351 -24.34 -34.84 6.30
C SER D 351 -23.93 -34.82 4.82
N VAL D 352 -22.74 -35.32 4.50
CA VAL D 352 -22.16 -35.15 3.16
C VAL D 352 -21.50 -36.46 2.76
N VAL D 353 -21.68 -36.86 1.50
CA VAL D 353 -21.01 -38.05 0.95
C VAL D 353 -20.22 -37.50 -0.23
N PHE D 354 -18.92 -37.78 -0.21
CA PHE D 354 -17.99 -37.13 -1.08
C PHE D 354 -17.75 -37.95 -2.34
N THR D 355 -18.82 -38.47 -2.91
CA THR D 355 -18.79 -39.11 -4.22
C THR D 355 -18.84 -37.97 -5.27
N GLU D 356 -18.93 -38.35 -6.55
CA GLU D 356 -19.24 -37.41 -7.60
C GLU D 356 -20.35 -37.97 -8.51
N PRO D 357 -21.47 -37.24 -8.63
CA PRO D 357 -21.84 -36.02 -7.88
C PRO D 357 -21.89 -36.29 -6.37
N GLN D 358 -21.88 -35.23 -5.58
CA GLN D 358 -21.88 -35.36 -4.13
C GLN D 358 -23.31 -35.50 -3.61
N VAL D 359 -23.42 -35.91 -2.35
CA VAL D 359 -24.68 -36.03 -1.67
C VAL D 359 -24.63 -35.12 -0.44
N ALA D 360 -25.70 -34.37 -0.20
CA ALA D 360 -25.79 -33.65 1.06
C ALA D 360 -27.20 -33.77 1.58
N SER D 361 -27.29 -33.91 2.90
CA SER D 361 -28.55 -33.99 3.56
C SER D 361 -28.57 -32.95 4.66
N VAL D 362 -29.63 -32.15 4.68
CA VAL D 362 -29.68 -30.94 5.46
C VAL D 362 -30.97 -30.85 6.28
N GLY D 363 -30.84 -30.47 7.56
CA GLY D 363 -32.01 -30.23 8.39
C GLY D 363 -32.80 -31.51 8.60
N LEU D 364 -34.12 -31.37 8.65
CA LEU D 364 -34.92 -32.53 8.94
C LEU D 364 -34.87 -33.49 7.76
N SER D 365 -34.71 -34.79 8.05
CA SER D 365 -34.70 -35.80 6.98
C SER D 365 -36.11 -35.97 6.46
N LEU D 366 -36.26 -36.59 5.28
CA LEU D 366 -37.58 -36.94 4.75
C LEU D 366 -38.41 -37.73 5.77
N ARG D 367 -37.85 -38.78 6.36
CA ARG D 367 -38.57 -39.55 7.37
C ARG D 367 -38.99 -38.70 8.56
N GLN D 368 -38.14 -37.74 8.94
CA GLN D 368 -38.46 -36.88 10.09
C GLN D 368 -39.57 -35.90 9.79
N ILE D 369 -39.65 -35.49 8.54
CA ILE D 369 -40.68 -34.58 8.09
C ILE D 369 -42.03 -35.30 8.07
N GLU D 370 -42.06 -36.50 7.52
CA GLU D 370 -43.30 -37.31 7.49
C GLU D 370 -43.79 -37.59 8.92
N ASP D 371 -42.86 -37.91 9.81
CA ASP D 371 -43.16 -38.04 11.24
C ASP D 371 -43.84 -36.79 11.75
N LEU D 372 -43.29 -35.64 11.44
CA LEU D 372 -43.78 -34.38 11.99
C LEU D 372 -45.22 -34.09 11.58
N TYR D 373 -45.64 -34.60 10.43
CA TYR D 373 -47.01 -34.36 9.96
C TYR D 373 -47.96 -35.55 10.14
N ALA D 374 -47.42 -36.68 10.63
CA ALA D 374 -48.20 -37.92 10.80
C ALA D 374 -49.38 -37.78 11.78
N ASP D 375 -49.20 -36.94 12.79
CA ASP D 375 -50.19 -36.67 13.84
C ASP D 375 -51.20 -35.60 13.44
N GLN D 376 -50.92 -34.89 12.35
CA GLN D 376 -51.70 -33.76 11.87
C GLN D 376 -52.72 -34.23 10.84
N ASP D 377 -53.65 -33.36 10.46
CA ASP D 377 -54.72 -33.75 9.53
C ASP D 377 -54.27 -33.98 8.08
N ALA D 378 -53.10 -33.47 7.72
CA ALA D 378 -52.52 -33.62 6.37
C ALA D 378 -51.01 -33.57 6.45
N ALA D 379 -50.34 -34.09 5.42
CA ALA D 379 -48.89 -34.00 5.32
C ALA D 379 -48.57 -32.65 4.66
N ASN D 380 -48.75 -31.58 5.46
CA ASN D 380 -48.79 -30.19 4.98
C ASN D 380 -47.40 -29.59 4.72
N TYR D 381 -46.55 -30.33 4.02
CA TYR D 381 -45.28 -29.82 3.48
C TYR D 381 -45.25 -29.85 1.97
N VAL D 382 -44.39 -29.03 1.37
CA VAL D 382 -44.22 -29.03 -0.07
C VAL D 382 -42.76 -29.37 -0.42
N VAL D 383 -42.54 -29.77 -1.67
CA VAL D 383 -41.21 -30.10 -2.16
C VAL D 383 -40.92 -29.18 -3.36
N GLY D 384 -39.77 -28.51 -3.34
CA GLY D 384 -39.31 -27.74 -4.50
C GLY D 384 -38.16 -28.52 -5.08
N GLN D 385 -38.09 -28.60 -6.40
CA GLN D 385 -37.08 -29.47 -7.05
C GLN D 385 -36.35 -28.76 -8.18
N VAL D 386 -35.12 -29.17 -8.42
CA VAL D 386 -34.37 -28.79 -9.62
C VAL D 386 -33.55 -30.00 -10.06
N SER D 387 -33.38 -30.15 -11.37
CA SER D 387 -32.43 -31.10 -11.95
C SER D 387 -31.19 -30.31 -12.33
N PHE D 388 -30.01 -30.82 -11.98
CA PHE D 388 -28.78 -30.19 -12.41
C PHE D 388 -28.40 -30.47 -13.89
N GLU D 389 -29.17 -31.32 -14.56
CA GLU D 389 -28.90 -31.62 -15.97
C GLU D 389 -28.98 -30.41 -16.91
N GLY D 390 -29.90 -29.49 -16.59
CA GLY D 390 -30.14 -28.31 -17.39
C GLY D 390 -29.59 -27.07 -16.69
N GLN D 391 -28.89 -27.24 -15.57
CA GLN D 391 -28.44 -26.09 -14.82
C GLN D 391 -27.20 -25.49 -15.50
N GLY D 392 -27.24 -24.19 -15.74
CA GLY D 392 -26.27 -23.48 -16.61
C GLY D 392 -24.78 -23.73 -16.29
N ARG D 393 -24.35 -23.27 -15.12
CA ARG D 393 -22.95 -23.39 -14.78
C ARG D 393 -22.51 -24.86 -14.69
N SER D 394 -23.38 -25.72 -14.15
CA SER D 394 -23.09 -27.16 -14.06
C SER D 394 -22.71 -27.74 -15.43
N ARG D 395 -23.49 -27.35 -16.45
CA ARG D 395 -23.29 -27.77 -17.84
C ARG D 395 -21.98 -27.20 -18.38
N VAL D 396 -21.74 -25.91 -18.15
CA VAL D 396 -20.48 -25.30 -18.59
C VAL D 396 -19.25 -26.16 -18.12
N MSE D 397 -19.35 -26.65 -16.90
CA MSE D 397 -18.27 -27.41 -16.26
C MSE D 397 -18.30 -28.88 -16.65
O MSE D 397 -17.38 -29.61 -16.31
CB MSE D 397 -18.39 -27.29 -14.73
CG MSE D 397 -18.19 -25.85 -14.22
SE MSE D 397 -18.32 -25.77 -12.24
CE MSE D 397 -20.19 -25.83 -12.03
N GLY D 398 -19.35 -29.30 -17.35
CA GLY D 398 -19.56 -30.72 -17.66
C GLY D 398 -19.91 -31.54 -16.43
N LYS D 399 -20.49 -30.88 -15.44
CA LYS D 399 -20.87 -31.49 -14.18
C LYS D 399 -22.41 -31.53 -14.01
N ASN D 400 -23.13 -31.38 -15.13
CA ASN D 400 -24.59 -31.28 -15.14
C ASN D 400 -25.28 -32.65 -14.98
N LYS D 401 -25.14 -33.22 -13.79
CA LYS D 401 -25.92 -34.39 -13.39
C LYS D 401 -26.37 -34.18 -11.96
N GLY D 402 -27.60 -34.59 -11.68
CA GLY D 402 -28.09 -34.56 -10.30
C GLY D 402 -29.45 -33.92 -10.08
N LEU D 403 -29.86 -33.87 -8.81
CA LEU D 403 -31.19 -33.41 -8.37
C LEU D 403 -31.04 -32.74 -7.01
N LEU D 404 -31.89 -31.75 -6.75
CA LEU D 404 -32.01 -31.18 -5.42
C LEU D 404 -33.48 -31.06 -5.01
N ASN D 405 -33.82 -31.59 -3.84
CA ASN D 405 -35.15 -31.43 -3.25
C ASN D 405 -35.04 -30.55 -2.03
N VAL D 406 -35.90 -29.55 -1.96
CA VAL D 406 -35.98 -28.64 -0.83
C VAL D 406 -37.39 -28.85 -0.24
N TYR D 407 -37.48 -28.95 1.08
CA TYR D 407 -38.76 -29.22 1.76
C TYR D 407 -39.17 -28.03 2.63
N ALA D 408 -40.46 -27.68 2.59
CA ALA D 408 -40.94 -26.50 3.31
C ALA D 408 -42.35 -26.70 3.85
N ASP D 409 -42.66 -26.07 4.98
CA ASP D 409 -44.04 -26.10 5.46
C ASP D 409 -44.90 -25.25 4.50
N ARG D 410 -46.06 -25.80 4.16
CA ARG D 410 -46.92 -25.19 3.15
C ARG D 410 -47.54 -23.88 3.61
N THR D 411 -47.84 -23.79 4.90
CA THR D 411 -48.51 -22.60 5.44
C THR D 411 -47.54 -21.44 5.70
N SER D 412 -46.37 -21.75 6.28
CA SER D 412 -45.39 -20.74 6.67
C SER D 412 -44.29 -20.48 5.64
N GLY D 413 -43.97 -21.50 4.84
CA GLY D 413 -42.75 -21.46 4.02
C GLY D 413 -41.45 -21.80 4.76
N GLU D 414 -41.56 -22.17 6.04
CA GLU D 414 -40.39 -22.58 6.81
C GLU D 414 -39.63 -23.66 6.08
N PHE D 415 -38.36 -23.40 5.82
CA PHE D 415 -37.49 -24.39 5.23
C PHE D 415 -37.22 -25.48 6.27
N LEU D 416 -37.61 -26.70 5.94
CA LEU D 416 -37.53 -27.86 6.84
C LEU D 416 -36.24 -28.66 6.71
N GLY D 417 -35.77 -28.81 5.47
CA GLY D 417 -34.57 -29.61 5.19
C GLY D 417 -34.46 -29.82 3.70
N ALA D 418 -33.44 -30.55 3.28
CA ALA D 418 -33.17 -30.75 1.85
C ALA D 418 -32.37 -31.99 1.64
N GLU D 419 -32.44 -32.52 0.43
CA GLU D 419 -31.62 -33.62 0.00
C GLU D 419 -31.06 -33.26 -1.39
N MSE D 420 -29.75 -33.42 -1.59
CA MSE D 420 -29.14 -33.08 -2.85
C MSE D 420 -28.19 -34.17 -3.34
O MSE D 420 -27.42 -34.74 -2.56
CB MSE D 420 -28.36 -31.76 -2.72
CG MSE D 420 -27.69 -31.33 -4.04
SE MSE D 420 -26.96 -29.56 -3.92
CE MSE D 420 -25.84 -29.52 -5.53
N PHE D 421 -28.27 -34.44 -4.63
CA PHE D 421 -27.25 -35.25 -5.33
C PHE D 421 -26.81 -34.35 -6.47
N GLY D 422 -25.60 -33.81 -6.40
CA GLY D 422 -25.17 -32.84 -7.41
C GLY D 422 -23.81 -32.24 -7.17
N PRO D 423 -23.33 -31.42 -8.12
CA PRO D 423 -21.99 -30.85 -7.98
C PRO D 423 -21.94 -29.83 -6.83
N ALA D 424 -20.80 -29.76 -6.13
CA ALA D 424 -20.62 -28.84 -4.98
C ALA D 424 -21.71 -28.95 -3.87
N ALA D 425 -22.30 -30.14 -3.71
CA ALA D 425 -23.30 -30.35 -2.66
C ALA D 425 -22.80 -30.10 -1.22
N GLU D 426 -21.51 -30.33 -0.98
CA GLU D 426 -20.93 -30.00 0.33
C GLU D 426 -21.07 -28.51 0.66
N HIS D 427 -20.91 -27.66 -0.35
CA HIS D 427 -20.95 -26.23 -0.13
C HIS D 427 -22.38 -25.72 -0.04
N ILE D 428 -23.22 -26.15 -0.97
CA ILE D 428 -24.66 -25.85 -0.94
C ILE D 428 -25.26 -26.37 0.37
N GLY D 429 -24.78 -27.53 0.82
CA GLY D 429 -25.19 -28.11 2.09
C GLY D 429 -24.96 -27.18 3.28
N HIS D 430 -23.79 -26.51 3.31
CA HIS D 430 -23.52 -25.53 4.36
C HIS D 430 -24.48 -24.35 4.23
N LEU D 431 -24.71 -23.93 3.00
CA LEU D 431 -25.53 -22.73 2.78
C LEU D 431 -26.88 -23.02 3.36
N LEU D 432 -27.37 -24.22 3.07
CA LEU D 432 -28.72 -24.63 3.47
C LEU D 432 -28.86 -24.88 4.96
N ALA D 433 -27.83 -25.50 5.56
CA ALA D 433 -27.77 -25.79 7.02
C ALA D 433 -27.76 -24.53 7.85
N TRP D 434 -26.98 -23.54 7.41
CA TRP D 434 -27.00 -22.23 8.03
C TRP D 434 -28.39 -21.61 7.91
N ALA D 435 -29.00 -21.76 6.74
CA ALA D 435 -30.38 -21.25 6.52
C ALA D 435 -31.41 -21.90 7.49
N ARG D 436 -31.28 -23.22 7.68
CA ARG D 436 -32.18 -23.95 8.56
C ARG D 436 -31.95 -23.58 10.02
N GLN D 437 -30.68 -23.50 10.42
CA GLN D 437 -30.38 -23.10 11.79
C GLN D 437 -30.89 -21.68 12.08
N GLN D 438 -30.85 -20.79 11.08
CA GLN D 438 -31.38 -19.44 11.23
C GLN D 438 -32.91 -19.44 11.13
N GLN D 439 -33.51 -20.61 10.92
CA GLN D 439 -34.96 -20.74 10.81
C GLN D 439 -35.56 -19.89 9.67
N MSE D 440 -34.90 -19.86 8.52
CA MSE D 440 -35.40 -19.09 7.40
C MSE D 440 -36.56 -19.79 6.72
O MSE D 440 -36.69 -21.01 6.78
CB MSE D 440 -34.28 -18.85 6.40
CG MSE D 440 -33.06 -18.14 6.99
SE MSE D 440 -31.77 -17.81 5.57
CE MSE D 440 -32.71 -16.33 4.73
N THR D 441 -37.43 -18.99 6.08
CA THR D 441 -38.44 -19.47 5.18
C THR D 441 -37.83 -19.49 3.75
N VAL D 442 -38.45 -20.24 2.85
CA VAL D 442 -38.04 -20.19 1.45
C VAL D 442 -38.19 -18.78 0.81
N GLN D 443 -39.27 -18.07 1.15
CA GLN D 443 -39.49 -16.67 0.70
C GLN D 443 -38.28 -15.82 1.06
N ALA D 444 -37.86 -15.87 2.32
CA ALA D 444 -36.70 -15.09 2.77
C ALA D 444 -35.43 -15.52 2.05
N MSE D 445 -35.29 -16.81 1.78
CA MSE D 445 -34.08 -17.34 1.13
C MSE D 445 -33.96 -16.83 -0.30
O MSE D 445 -32.86 -16.58 -0.77
CB MSE D 445 -34.01 -18.86 1.20
CG MSE D 445 -33.86 -19.37 2.62
SE MSE D 445 -34.26 -21.26 2.91
CE MSE D 445 -32.82 -21.98 1.83
N LEU D 446 -35.09 -16.65 -0.98
CA LEU D 446 -35.07 -16.14 -2.33
C LEU D 446 -34.67 -14.67 -2.40
N THR D 447 -34.74 -13.94 -1.28
CA THR D 447 -34.27 -12.54 -1.25
C THR D 447 -32.74 -12.44 -1.11
N MSE D 448 -32.10 -13.57 -0.81
CA MSE D 448 -30.64 -13.65 -0.63
C MSE D 448 -29.87 -13.47 -1.96
O MSE D 448 -30.45 -13.70 -3.03
CB MSE D 448 -30.27 -15.00 0.01
CG MSE D 448 -30.80 -15.23 1.42
SE MSE D 448 -30.02 -14.00 2.74
CE MSE D 448 -31.60 -12.89 3.20
N PRO D 449 -28.58 -13.10 -1.91
CA PRO D 449 -27.81 -12.98 -3.17
C PRO D 449 -27.59 -14.33 -3.87
N PHE D 450 -27.84 -14.36 -5.17
CA PHE D 450 -27.52 -15.49 -6.01
C PHE D 450 -26.66 -14.97 -7.17
N TYR D 451 -25.40 -15.40 -7.21
CA TYR D 451 -24.47 -14.86 -8.21
C TYR D 451 -24.77 -15.49 -9.55
N HIS D 452 -24.06 -15.07 -10.58
CA HIS D 452 -24.26 -15.70 -11.89
C HIS D 452 -22.89 -15.79 -12.58
N PRO D 453 -22.58 -16.93 -13.27
CA PRO D 453 -23.30 -18.21 -13.37
C PRO D 453 -22.72 -19.22 -12.36
N VAL D 454 -23.54 -19.65 -11.40
CA VAL D 454 -23.05 -20.52 -10.31
C VAL D 454 -24.05 -21.63 -10.04
N ILE D 455 -23.56 -22.68 -9.40
CA ILE D 455 -24.39 -23.80 -9.00
C ILE D 455 -25.56 -23.42 -8.07
N GLU D 456 -25.35 -22.43 -7.20
CA GLU D 456 -26.40 -21.92 -6.30
C GLU D 456 -27.67 -21.44 -7.05
N GLU D 457 -27.54 -21.11 -8.32
CA GLU D 457 -28.73 -20.72 -9.09
C GLU D 457 -29.65 -21.90 -9.24
N GLY D 458 -29.09 -23.12 -9.17
CA GLY D 458 -29.97 -24.29 -9.14
C GLY D 458 -30.84 -24.31 -7.88
N LEU D 459 -30.25 -23.95 -6.74
CA LEU D 459 -31.02 -23.80 -5.48
C LEU D 459 -32.15 -22.78 -5.60
N ARG D 460 -31.89 -21.64 -6.26
CA ARG D 460 -32.94 -20.64 -6.51
C ARG D 460 -34.12 -21.28 -7.25
N THR D 461 -33.84 -22.06 -8.29
CA THR D 461 -34.88 -22.77 -8.99
C THR D 461 -35.71 -23.65 -8.07
N ALA D 462 -35.07 -24.50 -7.28
CA ALA D 462 -35.81 -25.36 -6.32
C ALA D 462 -36.63 -24.57 -5.30
N LEU D 463 -36.07 -23.49 -4.75
CA LEU D 463 -36.80 -22.62 -3.79
C LEU D 463 -38.03 -21.99 -4.47
N ARG D 464 -37.87 -21.52 -5.71
CA ARG D 464 -39.01 -20.97 -6.49
C ARG D 464 -40.08 -22.00 -6.68
N ASP D 465 -39.66 -23.23 -6.96
CA ASP D 465 -40.59 -24.34 -7.20
C ASP D 465 -41.39 -24.59 -5.91
N ALA D 466 -40.73 -24.57 -4.75
CA ALA D 466 -41.43 -24.71 -3.45
C ALA D 466 -42.38 -23.54 -3.15
N GLN D 467 -41.84 -22.33 -3.34
CA GLN D 467 -42.56 -21.07 -3.10
C GLN D 467 -43.92 -21.02 -3.79
N GLN D 468 -43.98 -21.44 -5.05
CA GLN D 468 -45.27 -21.34 -5.74
C GLN D 468 -46.28 -22.44 -5.35
N LYS D 469 -45.79 -23.46 -4.63
CA LYS D 469 -46.67 -24.45 -4.01
C LYS D 469 -47.20 -24.02 -2.64
N LEU D 470 -46.73 -22.89 -2.11
CA LEU D 470 -47.17 -22.42 -0.77
C LEU D 470 -48.57 -21.79 -0.75
N ALA D 471 -49.20 -21.85 0.42
CA ALA D 471 -50.52 -21.25 0.67
C ALA D 471 -50.49 -19.72 0.88
N ILE D 472 -49.31 -19.11 0.79
CA ILE D 472 -49.20 -17.65 0.85
C ILE D 472 -49.73 -17.02 -0.46
N GLU D 473 -50.13 -15.75 -0.40
CA GLU D 473 -50.65 -14.99 -1.56
C GLU D 473 -49.51 -14.60 -2.48
N LYS D 474 -49.71 -14.71 -3.79
CA LYS D 474 -48.62 -14.50 -4.73
C LYS D 474 -48.06 -13.07 -4.67
N HIS D 475 -48.96 -12.09 -4.56
CA HIS D 475 -48.59 -10.69 -4.32
C HIS D 475 -47.83 -10.52 -2.99
N ASP D 476 -48.06 -11.44 -2.07
CA ASP D 476 -47.57 -11.34 -0.71
C ASP D 476 -46.16 -11.87 -0.58
N MSE D 477 -45.50 -12.12 -1.72
CA MSE D 477 -44.11 -12.60 -1.77
C MSE D 477 -43.29 -12.16 -3.00
O MSE D 477 -43.50 -12.67 -4.11
CB MSE D 477 -44.07 -14.12 -1.69
CG MSE D 477 -44.46 -14.71 -0.36
SE MSE D 477 -44.72 -16.66 -0.54
CE MSE D 477 -46.21 -16.66 -1.82
N ASN D 478 -42.33 -11.24 -2.80
CA ASN D 478 -41.37 -10.80 -3.83
C ASN D 478 -39.92 -11.23 -3.52
N GLU D 479 -39.14 -11.56 -4.56
CA GLU D 479 -37.72 -11.94 -4.39
C GLU D 479 -36.84 -10.72 -4.13
N PHE D 480 -37.33 -9.53 -4.43
CA PHE D 480 -36.59 -8.31 -4.20
C PHE D 480 -37.47 -7.32 -3.46
N ILE D 481 -36.93 -6.72 -2.40
CA ILE D 481 -37.72 -5.85 -1.53
C ILE D 481 -37.50 -4.42 -1.92
N MSE D 482 -38.61 -3.69 -2.02
CA MSE D 482 -38.61 -2.25 -2.19
C MSE D 482 -39.45 -1.54 -1.11
O MSE D 482 -40.50 -2.03 -0.72
CB MSE D 482 -39.08 -1.88 -3.59
CG MSE D 482 -38.10 -2.36 -4.62
SE MSE D 482 -38.54 -1.93 -6.44
CE MSE D 482 -38.23 -0.01 -6.45
N THR D 483 -38.97 -0.39 -0.63
CA THR D 483 -39.65 0.35 0.46
C THR D 483 -40.02 1.79 0.07
N HIS D 484 -41.17 2.24 0.54
CA HIS D 484 -41.68 3.61 0.32
C HIS D 484 -41.50 4.41 1.60
PA FAD E . 42.20 18.53 -12.30
O1A FAD E . 43.36 18.82 -11.37
O2A FAD E . 41.11 17.68 -11.69
O5B FAD E . 42.71 17.82 -13.66
C5B FAD E . 43.91 18.22 -14.27
C4B FAD E . 44.65 16.95 -14.65
O4B FAD E . 45.69 17.25 -15.57
C3B FAD E . 45.31 16.28 -13.45
O3B FAD E . 44.89 14.92 -13.39
C2B FAD E . 46.81 16.44 -13.70
O2B FAD E . 47.56 15.35 -13.26
C1B FAD E . 46.87 16.50 -15.21
N9A FAD E . 48.02 17.20 -15.85
C8A FAD E . 48.57 18.42 -15.52
N7A FAD E . 49.57 18.70 -16.39
C5A FAD E . 49.65 17.70 -17.30
C6A FAD E . 50.46 17.50 -18.43
N6A FAD E . 51.23 18.48 -18.91
N1A FAD E . 50.30 16.34 -19.18
C2A FAD E . 49.33 15.41 -18.84
N3A FAD E . 48.54 15.62 -17.74
C4A FAD E . 48.68 16.76 -16.98
N1 FAD E . 35.56 23.20 -5.87
C2 FAD E . 34.22 23.17 -5.61
O2 FAD E . 33.40 23.47 -6.50
N3 FAD E . 33.78 22.81 -4.33
C4 FAD E . 34.69 22.48 -3.35
O4 FAD E . 34.26 22.15 -2.26
C4X FAD E . 36.07 22.52 -3.62
N5 FAD E . 37.00 22.19 -2.66
C5X FAD E . 38.35 22.21 -2.94
C6 FAD E . 39.24 21.88 -1.92
C7 FAD E . 40.60 21.89 -2.15
C7M FAD E . 41.54 21.51 -1.01
C8 FAD E . 41.07 22.23 -3.42
C8M FAD E . 42.54 22.25 -3.70
C9 FAD E . 40.19 22.58 -4.46
C9A FAD E . 38.80 22.57 -4.22
N10 FAD E . 37.86 22.89 -5.20
C10 FAD E . 36.51 22.87 -4.91
C1' FAD E . 38.28 23.22 -6.63
C2' FAD E . 38.23 22.02 -7.57
O2' FAD E . 39.01 20.93 -7.11
C3' FAD E . 38.79 22.45 -8.92
O3' FAD E . 37.98 23.48 -9.40
C4' FAD E . 38.82 21.28 -9.89
O4' FAD E . 39.53 20.19 -9.34
C5' FAD E . 39.49 21.60 -11.22
O5' FAD E . 39.35 20.43 -12.00
P FAD E . 40.22 20.30 -13.32
O1P FAD E . 39.74 19.21 -14.22
O2P FAD E . 40.27 21.68 -13.94
O3P FAD E . 41.71 19.98 -12.82
NA NA F . 37.66 27.51 -15.79
PA FAD G . -4.23 30.08 16.00
O1A FAD G . -4.46 29.00 17.01
O2A FAD G . -2.86 30.70 15.98
O5B FAD G . -5.39 31.16 16.14
C5B FAD G . -6.65 30.81 16.64
C4B FAD G . -6.96 31.83 17.72
O4B FAD G . -8.36 31.93 17.89
C3B FAD G . -6.37 31.43 19.07
O3B FAD G . -5.73 32.60 19.57
C2B FAD G . -7.56 31.04 19.91
O2B FAD G . -7.38 31.51 21.23
C1B FAD G . -8.68 31.84 19.27
N9A FAD G . -10.06 31.35 19.38
C8A FAD G . -10.57 30.07 19.25
N7A FAD G . -11.92 30.11 19.43
C5A FAD G . -12.29 31.39 19.67
C6A FAD G . -13.51 31.97 19.90
N6A FAD G . -14.62 31.34 19.56
N1A FAD G . -13.55 33.33 20.13
C2A FAD G . -12.41 34.11 20.12
N3A FAD G . -11.20 33.51 19.88
C4A FAD G . -11.13 32.18 19.65
N1 FAD G . 3.22 24.77 11.04
C2 FAD G . 4.28 25.01 10.21
O2 FAD G . 4.09 25.58 9.14
N3 FAD G . 5.56 24.62 10.60
C4 FAD G . 5.77 23.99 11.81
O4 FAD G . 6.91 23.65 12.11
C4X FAD G . 4.68 23.73 12.66
N5 FAD G . 4.85 23.10 13.87
C5X FAD G . 3.77 22.88 14.70
C6 FAD G . 3.95 22.25 15.93
C7 FAD G . 2.85 22.03 16.77
C7M FAD G . 3.08 21.34 18.10
C8 FAD G . 1.57 22.46 16.39
C8M FAD G . 0.36 22.24 17.26
C9 FAD G . 1.39 23.09 15.16
C9A FAD G . 2.48 23.30 14.31
N10 FAD G . 2.31 23.92 13.07
C10 FAD G . 3.41 24.14 12.25
C1' FAD G . 0.94 24.31 12.58
C2' FAD G . 0.66 25.80 12.90
O2' FAD G . 0.89 26.02 14.28
C3' FAD G . -0.77 26.19 12.50
O3' FAD G . -0.90 25.99 11.11
C4' FAD G . -1.04 27.67 12.80
O4' FAD G . -0.63 28.04 14.11
C5' FAD G . -2.53 27.95 12.67
O5' FAD G . -2.72 29.35 12.74
P FAD G . -4.17 29.95 13.10
O1P FAD G . -5.19 29.31 12.18
O2P FAD G . -4.17 31.46 13.06
O3P FAD G . -4.50 29.37 14.57
NA NA H . -6.45 26.62 6.05
PA FAD I . -26.20 -5.53 -21.56
O1A FAD I . -24.97 -5.26 -22.37
O2A FAD I . -26.59 -6.98 -21.28
O5B FAD I . -27.45 -4.76 -22.27
C5B FAD I . -27.29 -3.51 -22.93
C4B FAD I . -28.10 -3.58 -24.23
O4B FAD I . -28.29 -2.28 -24.75
C3B FAD I . -27.33 -4.35 -25.31
O3B FAD I . -28.23 -5.29 -25.89
C2B FAD I . -26.86 -3.26 -26.28
O2B FAD I . -26.85 -3.69 -27.61
C1B FAD I . -27.96 -2.26 -26.13
N9A FAD I . -27.65 -0.85 -26.47
C8A FAD I . -26.55 -0.10 -26.17
N7A FAD I . -26.78 1.17 -26.65
C5A FAD I . -28.01 1.20 -27.21
C6A FAD I . -28.74 2.20 -27.83
N6A FAD I . -28.45 3.48 -27.63
N1A FAD I . -29.99 1.90 -28.31
C2A FAD I . -30.53 0.65 -28.18
N3A FAD I . -29.78 -0.32 -27.57
C4A FAD I . -28.55 -0.05 -27.10
N1 FAD I . -20.85 -10.54 -14.34
C2 FAD I . -21.10 -11.47 -13.37
O2 FAD I . -21.92 -11.21 -12.49
N3 FAD I . -20.44 -12.67 -13.38
C4 FAD I . -19.51 -12.94 -14.38
O4 FAD I . -18.95 -14.03 -14.36
C4X FAD I . -19.26 -12.01 -15.38
N5 FAD I . -18.35 -12.25 -16.39
C5X FAD I . -18.11 -11.32 -17.38
C6 FAD I . -17.20 -11.57 -18.41
C7 FAD I . -16.97 -10.61 -19.41
C7M FAD I . -15.99 -10.91 -20.51
C8 FAD I . -17.69 -9.40 -19.40
C8M FAD I . -17.47 -8.34 -20.48
C9 FAD I . -18.60 -9.15 -18.38
C9A FAD I . -18.82 -10.11 -17.37
N10 FAD I . -19.70 -9.83 -16.35
C10 FAD I . -19.94 -10.78 -15.37
C1' FAD I . -20.34 -8.45 -16.29
C2' FAD I . -21.82 -8.57 -16.69
O2' FAD I . -21.88 -9.24 -17.94
C3' FAD I . -22.58 -7.23 -16.73
O3' FAD I . -22.71 -6.74 -15.40
C4' FAD I . -23.99 -7.37 -17.34
O4' FAD I . -23.99 -8.16 -18.51
C5' FAD I . -24.59 -6.02 -17.73
O5' FAD I . -25.93 -6.21 -18.16
P FAD I . -26.72 -4.99 -18.82
O1P FAD I . -28.16 -5.34 -19.11
O2P FAD I . -26.50 -3.73 -17.99
O3P FAD I . -25.98 -4.69 -20.21
NA NA J . -25.63 -0.74 -11.80
PA FAD K . -13.14 -42.41 17.84
O1A FAD K . -13.01 -43.72 17.17
O2A FAD K . -12.32 -41.32 17.16
O5B FAD K . -12.69 -42.56 19.40
C5B FAD K . -12.94 -43.74 20.14
C4B FAD K . -11.68 -44.15 20.86
O4B FAD K . -11.96 -45.03 21.94
C3B FAD K . -10.70 -44.91 19.96
O3B FAD K . -9.46 -44.30 20.21
C2B FAD K . -10.65 -46.32 20.52
O2B FAD K . -9.39 -46.91 20.40
C1B FAD K . -10.98 -46.08 21.98
N9A FAD K . -11.62 -47.20 22.71
C8A FAD K . -12.62 -48.05 22.30
N7A FAD K . -12.95 -48.88 23.34
C5A FAD K . -12.17 -48.55 24.40
C6A FAD K . -12.08 -49.05 25.70
N6A FAD K . -13.05 -49.87 26.16
N1A FAD K . -11.16 -48.49 26.56
C2A FAD K . -10.34 -47.45 26.17
N3A FAD K . -10.44 -46.96 24.90
C4A FAD K . -11.34 -47.49 24.03
N1 FAD K . -17.42 -38.14 9.41
C2 FAD K . -17.50 -36.87 8.91
O2 FAD K . -18.12 -36.02 9.56
N3 FAD K . -16.93 -36.57 7.67
C4 FAD K . -16.23 -37.55 6.98
O4 FAD K . -15.71 -37.29 5.90
C4X FAD K . -16.14 -38.84 7.49
N5 FAD K . -15.46 -39.82 6.80
C5X FAD K . -15.36 -41.10 7.32
C6 FAD K . -14.68 -42.09 6.61
C7 FAD K . -14.54 -43.38 7.12
C7M FAD K . -13.79 -44.39 6.31
C8 FAD K . -15.12 -43.68 8.36
C8M FAD K . -15.02 -45.06 8.94
C9 FAD K . -15.82 -42.70 9.08
C9A FAD K . -15.94 -41.39 8.58
N10 FAD K . -16.64 -40.40 9.27
C10 FAD K . -16.73 -39.13 8.73
C1' FAD K . -17.21 -40.65 10.66
C2' FAD K . -16.27 -40.11 11.76
O2' FAD K . -14.94 -40.58 11.59
C3' FAD K . -16.76 -40.50 13.17
O3' FAD K . -18.05 -39.95 13.36
C4' FAD K . -15.85 -39.96 14.29
O4' FAD K . -14.52 -40.35 14.09
C5' FAD K . -16.27 -40.49 15.67
O5' FAD K . -15.36 -39.99 16.61
P FAD K . -15.38 -40.62 18.08
O1P FAD K . -14.55 -39.73 19.00
O2P FAD K . -16.80 -40.92 18.50
O3P FAD K . -14.71 -42.08 17.88
NA NA L . -23.34 -39.32 18.50
#